data_6QJE
#
_entry.id   6QJE
#
_cell.length_a   73.703
_cell.length_b   114.873
_cell.length_c   121.044
_cell.angle_alpha   90.000
_cell.angle_beta   100.560
_cell.angle_gamma   90.000
#
_symmetry.space_group_name_H-M   'P 1 21 1'
#
loop_
_entity.id
_entity.type
_entity.pdbx_description
1 polymer Galactokinase
2 non-polymer beta-D-galactopyranose
3 non-polymer "2-(1,3-benzoxazol-2-ylamino)spiro[1,6,7,8-tetrahydroquinazoline-4,1'-cyclohexane]-5-one"
4 non-polymer 4-[(2-methylsulfonylimidazol-1-yl)methyl]-1,3-thiazole
5 non-polymer 'SULFATE ION'
6 water water
#
_entity_poly.entity_id   1
_entity_poly.type   'polypeptide(L)'
_entity_poly.pdbx_seq_one_letter_code
;HAALRQPQVAELLAEARRAFREEFGAEPELAVSAPGRVNLIGEHTDYNQGLVLPMALELMTVLVGSPRKDGLVSLLTTSE
GADEPQRLQFPLPTAQRSLEPGTPRWANYVKGVIQYYPAAPLPGFSAVVVSSVPLGGGLSSSASLEVATYTFLQQLCPDS
GTIAARAQVCQQAEHSFAGMPCGIMDQFISLMGQKGHALLIDCRSLETSLVPLSDPKLAVLITNSNVRHSLASSEYPVRR
RQCEEVARALGAASLREVQLEELEAARDLVSKEGFRRARHVVGEIRRTAQAAAALRRGDYRAFGRLMVESHRSLRDDYEV
SCPELDQLVEAALAVPGVYGSRMTGGGFGGCTVTLLEASAAPHAMRHIQEHYGGTATFYLSQAADGAKVLCL
;
_entity_poly.pdbx_strand_id   A,B,C,D
#
loop_
_chem_comp.id
_chem_comp.type
_chem_comp.name
_chem_comp.formula
GAL D-saccharide, beta linking beta-D-galactopyranose 'C6 H12 O6'
HFK non-polymer 2-(1,3-benzoxazol-2-ylamino)spiro[1,6,7,8-tetrahydroquinazoline-4,1'-cyclohexane]-5-one 'C20 H22 N4 O2'
J4Q non-polymer 4-[(2-methylsulfonylimidazol-1-yl)methyl]-1,3-thiazole 'C8 H9 N3 O2 S2'
SO4 non-polymer 'SULFATE ION' 'O4 S -2'
#
# COMPACT_ATOMS: atom_id res chain seq x y z
N ALA A 3 24.64 3.67 -35.70
CA ALA A 3 23.89 2.46 -35.36
C ALA A 3 24.22 1.99 -33.95
N LEU A 4 23.18 1.69 -33.17
CA LEU A 4 23.32 1.24 -31.78
C LEU A 4 24.20 -0.02 -31.70
N ARG A 5 25.13 -0.01 -30.75
CA ARG A 5 26.21 -1.00 -30.64
C ARG A 5 25.78 -2.46 -30.77
N GLN A 6 24.63 -2.81 -30.21
CA GLN A 6 24.13 -4.19 -30.17
C GLN A 6 25.08 -5.14 -29.44
N PRO A 7 24.73 -5.49 -28.19
CA PRO A 7 25.56 -6.37 -27.34
C PRO A 7 25.51 -7.84 -27.79
N GLN A 8 26.63 -8.53 -27.68
CA GLN A 8 26.68 -9.95 -27.98
C GLN A 8 26.09 -10.76 -26.84
N VAL A 9 25.83 -12.04 -27.10
CA VAL A 9 25.27 -12.93 -26.09
C VAL A 9 26.14 -12.99 -24.84
N ALA A 10 27.45 -13.12 -25.03
CA ALA A 10 28.39 -13.26 -23.92
C ALA A 10 28.37 -12.08 -22.96
N GLU A 11 28.01 -10.90 -23.48
CA GLU A 11 27.95 -9.69 -22.65
C GLU A 11 26.63 -9.61 -21.87
N LEU A 12 25.54 -9.97 -22.52
CA LEU A 12 24.24 -10.01 -21.87
C LEU A 12 24.23 -11.13 -20.83
N LEU A 13 24.78 -12.27 -21.22
CA LEU A 13 24.94 -13.40 -20.30
C LEU A 13 25.67 -12.98 -19.03
N ALA A 14 26.74 -12.22 -19.18
CA ALA A 14 27.57 -11.80 -18.05
C ALA A 14 26.84 -10.78 -17.18
N GLU A 15 26.02 -9.94 -17.79
CA GLU A 15 25.20 -8.98 -17.05
C GLU A 15 24.14 -9.73 -16.23
N ALA A 16 23.46 -10.66 -16.90
CA ALA A 16 22.44 -11.50 -16.28
C ALA A 16 23.03 -12.34 -15.14
N ARG A 17 24.23 -12.85 -15.35
CA ARG A 17 24.88 -13.71 -14.37
C ARG A 17 25.19 -12.95 -13.10
N ARG A 18 25.76 -11.76 -13.26
CA ARG A 18 26.18 -10.94 -12.13
C ARG A 18 24.98 -10.45 -11.33
N ALA A 19 23.93 -10.02 -12.04
CA ALA A 19 22.71 -9.56 -11.38
C ALA A 19 22.08 -10.70 -10.58
N PHE A 20 22.05 -11.88 -11.19
CA PHE A 20 21.51 -13.06 -10.51
C PHE A 20 22.27 -13.37 -9.23
N ARG A 21 23.60 -13.38 -9.33
CA ARG A 21 24.47 -13.72 -8.21
C ARG A 21 24.25 -12.76 -7.03
N GLU A 22 24.09 -11.48 -7.35
CA GLU A 22 23.88 -10.45 -6.34
C GLU A 22 22.49 -10.57 -5.74
N GLU A 23 21.53 -11.00 -6.55
CA GLU A 23 20.13 -11.06 -6.15
C GLU A 23 19.79 -12.27 -5.30
N PHE A 24 20.30 -13.44 -5.69
CA PHE A 24 19.89 -14.69 -5.06
C PHE A 24 20.98 -15.38 -4.25
N GLY A 25 22.18 -14.81 -4.23
CA GLY A 25 23.25 -15.32 -3.38
C GLY A 25 24.02 -16.51 -3.93
N ALA A 26 23.70 -16.89 -5.16
CA ALA A 26 24.38 -18.01 -5.80
C ALA A 26 24.47 -17.78 -7.29
N GLU A 27 25.44 -18.42 -7.93
CA GLU A 27 25.52 -18.42 -9.39
C GLU A 27 24.32 -19.15 -9.96
N PRO A 28 23.82 -18.70 -11.12
CA PRO A 28 22.70 -19.39 -11.77
C PRO A 28 23.15 -20.72 -12.38
N GLU A 29 22.19 -21.62 -12.60
CA GLU A 29 22.53 -22.93 -13.12
C GLU A 29 22.33 -23.03 -14.63
N LEU A 30 21.35 -22.30 -15.14
CA LEU A 30 20.99 -22.37 -16.56
C LEU A 30 20.98 -20.99 -17.21
N ALA A 31 21.15 -20.98 -18.53
CA ALA A 31 21.04 -19.76 -19.32
C ALA A 31 20.40 -20.05 -20.68
N VAL A 32 19.48 -19.19 -21.09
CA VAL A 32 18.84 -19.31 -22.38
C VAL A 32 18.78 -17.95 -23.07
N SER A 33 18.57 -17.97 -24.37
CA SER A 33 18.38 -16.73 -25.11
C SER A 33 17.37 -16.92 -26.23
N ALA A 34 16.70 -15.84 -26.59
CA ALA A 34 15.75 -15.83 -27.68
C ALA A 34 15.76 -14.45 -28.30
N PRO A 35 15.80 -14.40 -29.64
CA PRO A 35 15.92 -13.11 -30.33
C PRO A 35 14.60 -12.44 -30.63
N GLY A 36 14.66 -11.14 -30.91
CA GLY A 36 13.56 -10.44 -31.53
C GLY A 36 13.64 -10.70 -33.03
N ARG A 37 12.84 -9.97 -33.80
CA ARG A 37 12.71 -10.27 -35.22
C ARG A 37 12.54 -9.01 -36.05
N VAL A 38 12.86 -9.11 -37.34
CA VAL A 38 12.38 -8.16 -38.32
C VAL A 38 11.73 -8.97 -39.43
N ASN A 39 10.56 -8.52 -39.89
CA ASN A 39 9.93 -9.16 -41.03
C ASN A 39 10.35 -8.49 -42.34
N LEU A 40 11.08 -9.23 -43.18
CA LEU A 40 11.52 -8.69 -44.47
C LEU A 40 10.35 -8.36 -45.39
N ILE A 41 9.37 -9.26 -45.46
CA ILE A 41 8.16 -9.03 -46.25
C ILE A 41 7.09 -10.06 -45.87
N GLY A 42 5.82 -9.71 -46.09
CA GLY A 42 4.72 -10.58 -45.74
C GLY A 42 3.99 -10.09 -44.49
N GLU A 43 3.49 -8.86 -44.56
CA GLU A 43 2.87 -8.23 -43.39
C GLU A 43 1.37 -8.45 -43.34
N HIS A 44 0.88 -8.74 -42.13
CA HIS A 44 -0.52 -8.99 -41.86
C HIS A 44 -1.06 -10.14 -42.72
N THR A 45 -0.19 -11.12 -42.93
CA THR A 45 -0.56 -12.35 -43.61
C THR A 45 -0.60 -13.56 -42.65
N ASP A 46 0.20 -13.53 -41.59
CA ASP A 46 0.35 -14.74 -40.77
C ASP A 46 -0.97 -15.21 -40.13
N TYR A 47 -1.81 -14.28 -39.68
CA TYR A 47 -3.12 -14.69 -39.13
C TYR A 47 -4.15 -14.90 -40.23
N ASN A 48 -3.71 -14.72 -41.48
CA ASN A 48 -4.55 -15.01 -42.64
C ASN A 48 -4.09 -16.29 -43.32
N GLN A 49 -3.26 -17.06 -42.60
CA GLN A 49 -2.68 -18.29 -43.09
C GLN A 49 -1.90 -18.07 -44.37
N GLY A 50 -1.17 -16.97 -44.40
CA GLY A 50 -0.39 -16.58 -45.58
C GLY A 50 1.06 -16.98 -45.48
N LEU A 51 1.92 -16.20 -46.12
CA LEU A 51 3.35 -16.47 -46.12
C LEU A 51 4.08 -15.30 -45.47
N VAL A 52 5.10 -15.60 -44.68
CA VAL A 52 5.91 -14.52 -44.12
C VAL A 52 7.39 -14.84 -44.32
N LEU A 53 8.21 -13.81 -44.32
CA LEU A 53 9.66 -14.01 -44.48
C LEU A 53 10.43 -13.15 -43.47
N PRO A 54 10.40 -13.55 -42.19
CA PRO A 54 11.18 -12.81 -41.20
C PRO A 54 12.58 -13.37 -41.04
N MET A 55 13.46 -12.62 -40.40
CA MET A 55 14.74 -13.16 -39.94
C MET A 55 14.92 -12.80 -38.47
N ALA A 56 15.66 -13.62 -37.73
CA ALA A 56 15.94 -13.33 -36.33
C ALA A 56 17.06 -12.31 -36.23
N LEU A 57 16.98 -11.43 -35.24
CA LEU A 57 17.98 -10.37 -35.04
C LEU A 57 19.04 -10.76 -34.02
N GLU A 58 20.15 -10.03 -34.05
CA GLU A 58 21.17 -10.14 -33.01
C GLU A 58 20.66 -9.55 -31.70
N LEU A 59 19.62 -8.72 -31.78
CA LEU A 59 18.94 -8.24 -30.58
C LEU A 59 18.19 -9.42 -29.94
N MET A 60 18.38 -9.61 -28.64
CA MET A 60 17.84 -10.79 -27.97
C MET A 60 17.49 -10.57 -26.50
N THR A 61 16.66 -11.48 -25.99
CA THR A 61 16.36 -11.52 -24.58
C THR A 61 17.09 -12.69 -23.93
N VAL A 62 17.87 -12.40 -22.89
CA VAL A 62 18.64 -13.43 -22.20
C VAL A 62 18.08 -13.65 -20.79
N LEU A 63 17.96 -14.92 -20.42
CA LEU A 63 17.35 -15.30 -19.16
C LEU A 63 18.24 -16.34 -18.47
N VAL A 64 18.73 -16.02 -17.27
CA VAL A 64 19.52 -16.98 -16.50
C VAL A 64 18.76 -17.36 -15.23
N GLY A 65 18.91 -18.60 -14.78
CA GLY A 65 18.16 -19.05 -13.64
C GLY A 65 18.53 -20.39 -13.03
N SER A 66 17.69 -20.86 -12.12
CA SER A 66 17.89 -22.12 -11.42
C SER A 66 16.54 -22.65 -10.92
N PRO A 67 16.39 -23.97 -10.84
CA PRO A 67 15.19 -24.55 -10.23
C PRO A 67 15.10 -24.26 -8.73
N ARG A 68 13.89 -24.06 -8.22
CA ARG A 68 13.67 -24.00 -6.77
C ARG A 68 12.92 -25.24 -6.31
N LYS A 69 12.92 -25.49 -5.01
CA LYS A 69 12.25 -26.66 -4.45
C LYS A 69 10.92 -26.33 -3.77
N ASP A 70 10.54 -25.06 -3.76
CA ASP A 70 9.36 -24.61 -3.00
C ASP A 70 8.13 -24.26 -3.84
N GLY A 71 8.18 -24.52 -5.15
CA GLY A 71 7.03 -24.24 -6.01
C GLY A 71 6.78 -22.76 -6.20
N LEU A 72 7.82 -21.96 -5.99
CA LEU A 72 7.73 -20.52 -6.06
C LEU A 72 8.47 -19.99 -7.29
N VAL A 73 7.96 -18.92 -7.90
CA VAL A 73 8.68 -18.31 -8.99
C VAL A 73 9.09 -16.90 -8.60
N SER A 74 10.39 -16.61 -8.74
CA SER A 74 10.93 -15.31 -8.33
C SER A 74 11.74 -14.68 -9.45
N LEU A 75 11.32 -13.50 -9.90
CA LEU A 75 11.86 -12.90 -11.11
C LEU A 75 12.48 -11.53 -10.87
N LEU A 76 13.50 -11.21 -11.67
CA LEU A 76 14.11 -9.89 -11.67
C LEU A 76 14.45 -9.48 -13.10
N THR A 77 14.17 -8.24 -13.46
CA THR A 77 14.57 -7.73 -14.76
C THR A 77 15.35 -6.45 -14.61
N THR A 78 16.28 -6.23 -15.54
CA THR A 78 17.11 -5.03 -15.52
C THR A 78 16.81 -4.19 -16.76
N SER A 79 15.88 -4.66 -17.57
CA SER A 79 15.55 -4.02 -18.85
C SER A 79 15.11 -2.57 -18.69
N GLU A 80 15.72 -1.69 -19.47
CA GLU A 80 15.28 -0.31 -19.56
C GLU A 80 13.93 -0.26 -20.25
N GLY A 81 12.95 0.34 -19.57
CA GLY A 81 11.60 0.42 -20.11
C GLY A 81 10.63 -0.47 -19.37
N ALA A 82 11.14 -1.47 -18.67
CA ALA A 82 10.29 -2.36 -17.89
C ALA A 82 9.55 -1.57 -16.80
N ASP A 83 8.27 -1.85 -16.62
CA ASP A 83 7.49 -1.13 -15.63
C ASP A 83 7.75 -1.64 -14.21
N GLU A 84 7.49 -0.79 -13.23
CA GLU A 84 7.73 -1.12 -11.83
C GLU A 84 6.66 -2.04 -11.26
N PRO A 85 7.04 -2.93 -10.33
CA PRO A 85 8.41 -3.12 -9.84
C PRO A 85 9.24 -4.00 -10.77
N GLN A 86 10.57 -3.97 -10.60
CA GLN A 86 11.45 -4.75 -11.45
C GLN A 86 11.56 -6.19 -10.96
N ARG A 87 10.96 -6.47 -9.82
CA ARG A 87 10.93 -7.81 -9.26
C ARG A 87 9.50 -8.26 -9.09
N LEU A 88 9.30 -9.57 -9.12
CA LEU A 88 7.99 -10.14 -8.83
C LEU A 88 8.14 -11.59 -8.40
N GLN A 89 7.40 -11.97 -7.37
CA GLN A 89 7.32 -13.37 -6.97
C GLN A 89 5.87 -13.83 -6.96
N PHE A 90 5.66 -15.10 -7.28
CA PHE A 90 4.34 -15.69 -7.27
C PHE A 90 4.51 -17.20 -7.21
N PRO A 91 3.52 -17.91 -6.63
CA PRO A 91 3.64 -19.36 -6.66
C PRO A 91 3.22 -19.92 -8.02
N LEU A 92 3.63 -21.14 -8.31
CA LEU A 92 3.20 -21.82 -9.52
C LEU A 92 1.69 -21.95 -9.54
N PRO A 93 1.09 -21.91 -10.74
CA PRO A 93 -0.33 -22.20 -10.88
C PRO A 93 -0.65 -23.63 -10.45
N THR A 94 -1.90 -23.88 -10.09
CA THR A 94 -2.34 -25.23 -9.74
C THR A 94 -3.68 -25.50 -10.42
N ALA A 95 -4.19 -26.72 -10.26
CA ALA A 95 -5.47 -27.09 -10.87
C ALA A 95 -6.61 -26.22 -10.35
N GLN A 96 -6.46 -25.74 -9.12
CA GLN A 96 -7.51 -24.97 -8.46
C GLN A 96 -7.28 -23.45 -8.53
N ARG A 97 -6.07 -23.05 -8.91
CA ARG A 97 -5.75 -21.62 -9.00
C ARG A 97 -4.75 -21.33 -10.11
N SER A 98 -5.17 -20.55 -11.10
CA SER A 98 -4.31 -20.24 -12.23
C SER A 98 -3.73 -18.85 -12.08
N LEU A 99 -2.60 -18.62 -12.75
CA LEU A 99 -2.00 -17.29 -12.78
C LEU A 99 -2.93 -16.30 -13.46
N GLU A 100 -2.65 -15.02 -13.28
CA GLU A 100 -3.51 -13.99 -13.85
C GLU A 100 -2.70 -12.77 -14.24
N PRO A 101 -3.03 -12.17 -15.38
CA PRO A 101 -2.33 -10.95 -15.81
C PRO A 101 -2.57 -9.80 -14.84
N GLY A 102 -1.56 -8.97 -14.64
CA GLY A 102 -1.66 -7.82 -13.77
C GLY A 102 -0.40 -6.97 -13.87
N THR A 103 -0.05 -6.32 -12.76
CA THR A 103 1.16 -5.51 -12.70
C THR A 103 2.25 -6.28 -11.95
N PRO A 104 3.52 -6.09 -12.33
CA PRO A 104 4.01 -5.33 -13.49
C PRO A 104 3.65 -6.02 -14.79
N ARG A 105 3.55 -5.25 -15.87
CA ARG A 105 3.11 -5.78 -17.15
C ARG A 105 4.11 -6.75 -17.76
N TRP A 106 5.40 -6.52 -17.54
CA TRP A 106 6.43 -7.35 -18.18
C TRP A 106 6.36 -8.79 -17.68
N ALA A 107 5.79 -8.99 -16.51
CA ALA A 107 5.72 -10.32 -15.91
C ALA A 107 4.57 -11.15 -16.47
N ASN A 108 3.62 -10.49 -17.13
CA ASN A 108 2.51 -11.21 -17.77
C ASN A 108 2.99 -12.15 -18.86
N TYR A 109 4.06 -11.77 -19.58
CA TYR A 109 4.59 -12.63 -20.63
C TYR A 109 5.15 -13.92 -20.05
N VAL A 110 5.92 -13.80 -18.98
CA VAL A 110 6.46 -14.95 -18.28
C VAL A 110 5.35 -15.80 -17.66
N LYS A 111 4.43 -15.14 -16.95
CA LYS A 111 3.28 -15.82 -16.35
C LYS A 111 2.50 -16.63 -17.36
N GLY A 112 2.26 -16.02 -18.53
CA GLY A 112 1.51 -16.65 -19.60
C GLY A 112 2.11 -17.97 -20.06
N VAL A 113 3.41 -17.96 -20.35
CA VAL A 113 4.10 -19.16 -20.81
C VAL A 113 4.03 -20.27 -19.77
N ILE A 114 4.23 -19.89 -18.51
CA ILE A 114 4.14 -20.84 -17.39
C ILE A 114 2.73 -21.43 -17.33
N GLN A 115 1.73 -20.57 -17.41
CA GLN A 115 0.33 -21.01 -17.36
C GLN A 115 0.00 -22.04 -18.43
N TYR A 116 0.49 -21.85 -19.66
CA TYR A 116 0.14 -22.78 -20.74
C TYR A 116 1.24 -23.76 -21.10
N TYR A 117 2.26 -23.88 -20.26
CA TYR A 117 3.30 -24.87 -20.49
C TYR A 117 2.73 -26.27 -20.39
N PRO A 118 2.90 -27.08 -21.44
CA PRO A 118 2.20 -28.36 -21.58
C PRO A 118 2.74 -29.52 -20.77
N ALA A 119 3.94 -29.40 -20.18
CA ALA A 119 4.53 -30.54 -19.49
C ALA A 119 4.56 -30.37 -17.96
N ALA A 120 4.66 -31.51 -17.27
CA ALA A 120 4.63 -31.57 -15.82
C ALA A 120 5.57 -32.66 -15.32
N PRO A 121 6.09 -32.55 -14.08
CA PRO A 121 5.86 -31.46 -13.14
C PRO A 121 6.85 -30.31 -13.33
N LEU A 122 6.33 -29.11 -13.42
CA LEU A 122 7.15 -27.91 -13.48
C LEU A 122 7.48 -27.47 -12.04
N PRO A 123 8.77 -27.32 -11.74
CA PRO A 123 9.16 -26.79 -10.43
C PRO A 123 9.19 -25.27 -10.43
N GLY A 124 9.26 -24.67 -9.25
CA GLY A 124 9.48 -23.24 -9.15
C GLY A 124 10.91 -22.93 -9.58
N PHE A 125 11.20 -21.64 -9.78
CA PHE A 125 12.55 -21.25 -10.19
C PHE A 125 12.83 -19.78 -9.90
N SER A 126 14.10 -19.44 -9.88
CA SER A 126 14.54 -18.05 -9.79
C SER A 126 15.18 -17.64 -11.11
N ALA A 127 14.93 -16.41 -11.56
CA ALA A 127 15.48 -16.00 -12.86
C ALA A 127 15.68 -14.49 -12.99
N VAL A 128 16.74 -14.12 -13.71
CA VAL A 128 17.01 -12.74 -14.09
C VAL A 128 16.82 -12.56 -15.61
N VAL A 129 16.08 -11.53 -15.99
CA VAL A 129 15.81 -11.26 -17.40
C VAL A 129 16.53 -10.01 -17.87
N VAL A 130 17.25 -10.13 -18.99
CA VAL A 130 17.85 -8.97 -19.63
C VAL A 130 17.53 -9.00 -21.12
N SER A 131 17.54 -7.83 -21.76
CA SER A 131 17.17 -7.75 -23.16
C SER A 131 17.84 -6.58 -23.88
N SER A 132 18.22 -6.81 -25.12
CA SER A 132 18.73 -5.76 -25.99
C SER A 132 17.67 -5.38 -27.02
N VAL A 133 16.58 -6.12 -27.04
CA VAL A 133 15.44 -5.80 -27.91
C VAL A 133 14.67 -4.63 -27.30
N PRO A 134 14.54 -3.53 -28.06
CA PRO A 134 13.83 -2.36 -27.54
C PRO A 134 12.38 -2.67 -27.19
N LEU A 135 11.99 -2.41 -25.95
CA LEU A 135 10.67 -2.80 -25.48
C LEU A 135 9.55 -2.09 -26.21
N GLY A 136 8.70 -2.87 -26.88
CA GLY A 136 7.57 -2.31 -27.59
C GLY A 136 7.94 -1.47 -28.79
N GLY A 137 9.17 -1.61 -29.27
CA GLY A 137 9.66 -0.82 -30.38
C GLY A 137 9.35 -1.41 -31.75
N GLY A 138 8.73 -2.58 -31.79
CA GLY A 138 8.28 -3.18 -33.03
C GLY A 138 9.13 -4.33 -33.54
N LEU A 139 10.06 -4.78 -32.70
CA LEU A 139 10.95 -5.88 -33.06
C LEU A 139 10.71 -7.12 -32.21
N SER A 140 9.49 -7.21 -31.66
CA SER A 140 9.02 -8.40 -30.93
C SER A 140 9.78 -8.74 -29.66
N SER A 141 10.00 -7.72 -28.82
CA SER A 141 10.61 -7.95 -27.53
C SER A 141 9.82 -9.00 -26.73
N SER A 142 8.49 -8.88 -26.75
CA SER A 142 7.65 -9.81 -25.99
C SER A 142 7.80 -11.25 -26.48
N ALA A 143 7.81 -11.44 -27.80
CA ALA A 143 7.96 -12.78 -28.36
C ALA A 143 9.28 -13.40 -27.91
N SER A 144 10.32 -12.58 -27.83
CA SER A 144 11.63 -13.04 -27.38
C SER A 144 11.58 -13.40 -25.89
N LEU A 145 10.81 -12.64 -25.13
CA LEU A 145 10.66 -12.93 -23.70
C LEU A 145 9.91 -14.24 -23.52
N GLU A 146 8.81 -14.40 -24.26
CA GLU A 146 8.01 -15.61 -24.19
C GLU A 146 8.81 -16.85 -24.60
N VAL A 147 9.56 -16.74 -25.69
CA VAL A 147 10.30 -17.88 -26.20
C VAL A 147 11.49 -18.23 -25.31
N ALA A 148 12.18 -17.21 -24.80
CA ALA A 148 13.21 -17.42 -23.79
C ALA A 148 12.63 -18.12 -22.57
N THR A 149 11.44 -17.69 -22.16
CA THR A 149 10.80 -18.31 -21.00
C THR A 149 10.46 -19.77 -21.31
N TYR A 150 9.90 -20.02 -22.50
CA TYR A 150 9.57 -21.38 -22.90
C TYR A 150 10.83 -22.24 -22.93
N THR A 151 11.90 -21.68 -23.50
CA THR A 151 13.16 -22.40 -23.62
C THR A 151 13.69 -22.75 -22.23
N PHE A 152 13.55 -21.83 -21.30
CA PHE A 152 13.97 -22.05 -19.92
C PHE A 152 13.17 -23.18 -19.28
N LEU A 153 11.85 -23.17 -19.46
CA LEU A 153 11.00 -24.19 -18.84
C LEU A 153 11.29 -25.59 -19.37
N GLN A 154 11.80 -25.65 -20.61
CA GLN A 154 12.16 -26.92 -21.23
C GLN A 154 13.28 -27.62 -20.48
N GLN A 155 14.20 -26.84 -19.93
CA GLN A 155 15.29 -27.38 -19.12
C GLN A 155 14.78 -27.87 -17.76
N LEU A 156 13.78 -27.18 -17.22
CA LEU A 156 13.21 -27.58 -15.94
C LEU A 156 12.30 -28.79 -16.09
N CYS A 157 11.71 -28.93 -17.27
CA CYS A 157 10.72 -29.98 -17.52
C CYS A 157 10.49 -30.13 -19.03
N PRO A 158 11.35 -30.92 -19.70
CA PRO A 158 11.29 -31.16 -21.14
C PRO A 158 9.89 -31.48 -21.65
N ASP A 159 9.41 -30.73 -22.64
CA ASP A 159 8.16 -31.12 -23.29
C ASP A 159 8.47 -32.24 -24.26
N SER A 160 7.51 -32.60 -25.10
CA SER A 160 7.74 -33.66 -26.08
C SER A 160 6.97 -33.43 -27.38
N GLY A 161 6.87 -32.17 -27.79
CA GLY A 161 6.10 -31.82 -28.97
C GLY A 161 6.91 -31.12 -30.05
N THR A 162 6.21 -30.60 -31.06
CA THR A 162 6.86 -29.88 -32.17
C THR A 162 7.26 -28.47 -31.77
N ILE A 163 7.92 -27.76 -32.67
CA ILE A 163 8.31 -26.39 -32.43
C ILE A 163 7.11 -25.47 -32.63
N ALA A 164 6.17 -25.92 -33.45
CA ALA A 164 4.96 -25.17 -33.71
C ALA A 164 4.07 -25.16 -32.46
N ALA A 165 3.97 -26.31 -31.81
CA ALA A 165 3.27 -26.38 -30.53
C ALA A 165 3.85 -25.38 -29.52
N ARG A 166 5.17 -25.18 -29.54
CA ARG A 166 5.82 -24.24 -28.64
C ARG A 166 5.49 -22.80 -28.96
N ALA A 167 5.57 -22.47 -30.25
CA ALA A 167 5.23 -21.14 -30.72
C ALA A 167 3.79 -20.82 -30.34
N GLN A 168 2.92 -21.81 -30.45
CA GLN A 168 1.51 -21.61 -30.19
C GLN A 168 1.23 -21.41 -28.69
N VAL A 169 2.03 -22.03 -27.85
CA VAL A 169 1.96 -21.79 -26.40
C VAL A 169 2.33 -20.35 -26.11
N CYS A 170 3.46 -19.93 -26.66
CA CYS A 170 3.92 -18.55 -26.50
C CYS A 170 2.90 -17.57 -27.08
N GLN A 171 2.32 -17.94 -28.21
CA GLN A 171 1.26 -17.14 -28.83
C GLN A 171 0.03 -17.02 -27.92
N GLN A 172 -0.34 -18.12 -27.27
CA GLN A 172 -1.46 -18.11 -26.34
C GLN A 172 -1.22 -17.18 -25.16
N ALA A 173 0.03 -17.12 -24.70
CA ALA A 173 0.39 -16.21 -23.60
C ALA A 173 0.19 -14.76 -24.02
N GLU A 174 0.64 -14.42 -25.23
CA GLU A 174 0.47 -13.10 -25.81
C GLU A 174 -1.02 -12.73 -25.89
N HIS A 175 -1.83 -13.68 -26.31
CA HIS A 175 -3.28 -13.49 -26.38
C HIS A 175 -3.90 -13.27 -25.01
N SER A 176 -3.74 -14.26 -24.13
CA SER A 176 -4.50 -14.32 -22.89
C SER A 176 -3.94 -13.45 -21.78
N PHE A 177 -2.63 -13.25 -21.77
CA PHE A 177 -1.99 -12.52 -20.68
C PHE A 177 -1.50 -11.14 -21.08
N ALA A 178 -1.38 -10.88 -22.38
CA ALA A 178 -0.94 -9.55 -22.81
C ALA A 178 -2.04 -8.85 -23.60
N GLY A 179 -3.11 -9.58 -23.91
CA GLY A 179 -4.23 -9.01 -24.63
C GLY A 179 -3.92 -8.60 -26.07
N MET A 180 -2.91 -9.23 -26.66
CA MET A 180 -2.57 -9.00 -28.07
C MET A 180 -2.74 -10.28 -28.89
N PRO A 181 -3.81 -10.33 -29.70
CA PRO A 181 -4.17 -11.55 -30.43
C PRO A 181 -3.33 -11.76 -31.68
N CYS A 182 -2.02 -11.88 -31.48
CA CYS A 182 -1.05 -11.98 -32.55
C CYS A 182 -1.15 -13.26 -33.37
N GLY A 183 -0.52 -13.24 -34.54
CA GLY A 183 -0.37 -14.44 -35.33
C GLY A 183 0.80 -15.24 -34.79
N ILE A 184 1.32 -16.16 -35.59
CA ILE A 184 2.31 -17.09 -35.10
C ILE A 184 3.74 -16.65 -35.42
N MET A 185 3.90 -15.63 -36.26
CA MET A 185 5.19 -15.33 -36.87
C MET A 185 6.28 -15.03 -35.86
N ASP A 186 6.01 -14.07 -34.97
CA ASP A 186 7.02 -13.55 -34.05
C ASP A 186 7.65 -14.66 -33.25
N GLN A 187 6.80 -15.51 -32.67
CA GLN A 187 7.26 -16.58 -31.81
C GLN A 187 7.97 -17.65 -32.61
N PHE A 188 7.47 -17.89 -33.82
CA PHE A 188 8.02 -18.95 -34.64
C PHE A 188 9.44 -18.61 -35.11
N ILE A 189 9.66 -17.36 -35.56
CA ILE A 189 11.00 -17.02 -36.01
C ILE A 189 11.96 -16.98 -34.82
N SER A 190 11.48 -16.48 -33.67
CA SER A 190 12.28 -16.48 -32.44
C SER A 190 12.76 -17.87 -32.09
N LEU A 191 11.90 -18.86 -32.27
CA LEU A 191 12.27 -20.26 -32.04
C LEU A 191 13.17 -20.84 -33.12
N MET A 192 12.93 -20.48 -34.38
CA MET A 192 13.50 -21.25 -35.48
C MET A 192 14.49 -20.53 -36.41
N GLY A 193 14.83 -19.29 -36.09
CA GLY A 193 15.81 -18.56 -36.87
C GLY A 193 17.13 -19.30 -36.98
N GLN A 194 17.88 -19.02 -38.04
CA GLN A 194 19.22 -19.56 -38.19
C GLN A 194 20.13 -18.44 -38.67
N LYS A 195 21.34 -18.39 -38.13
CA LYS A 195 22.33 -17.41 -38.60
C LYS A 195 22.53 -17.53 -40.11
N GLY A 196 22.50 -16.39 -40.80
CA GLY A 196 22.72 -16.36 -42.23
C GLY A 196 21.51 -16.73 -43.07
N HIS A 197 20.35 -16.84 -42.43
CA HIS A 197 19.14 -17.23 -43.15
C HIS A 197 17.92 -16.39 -42.78
N ALA A 198 17.04 -16.20 -43.75
CA ALA A 198 15.69 -15.73 -43.46
C ALA A 198 14.84 -16.97 -43.39
N LEU A 199 13.63 -16.84 -42.89
CA LEU A 199 12.80 -18.02 -42.69
C LEU A 199 11.46 -17.84 -43.38
N LEU A 200 11.27 -18.56 -44.47
CA LEU A 200 9.97 -18.55 -45.13
C LEU A 200 9.02 -19.43 -44.33
N ILE A 201 7.93 -18.84 -43.84
CA ILE A 201 6.97 -19.59 -43.06
C ILE A 201 5.64 -19.65 -43.78
N ASP A 202 5.17 -20.86 -44.05
CA ASP A 202 3.83 -21.06 -44.57
C ASP A 202 2.92 -21.17 -43.36
N CYS A 203 2.09 -20.16 -43.14
CA CYS A 203 1.29 -20.11 -41.91
C CYS A 203 -0.01 -20.89 -42.06
N ARG A 204 -0.16 -21.59 -43.17
CA ARG A 204 -1.27 -22.51 -43.32
C ARG A 204 -0.83 -23.93 -43.04
N SER A 205 0.24 -24.35 -43.69
CA SER A 205 0.73 -25.71 -43.54
C SER A 205 1.74 -25.83 -42.42
N LEU A 206 2.26 -24.68 -41.97
CA LEU A 206 3.30 -24.58 -40.94
C LEU A 206 4.64 -25.13 -41.44
N GLU A 207 4.74 -25.37 -42.74
CA GLU A 207 6.02 -25.69 -43.37
C GLU A 207 6.95 -24.49 -43.30
N THR A 208 8.23 -24.73 -43.08
CA THR A 208 9.19 -23.64 -42.99
C THR A 208 10.38 -23.93 -43.87
N SER A 209 11.01 -22.87 -44.36
CA SER A 209 12.13 -23.04 -45.25
C SER A 209 13.21 -22.02 -44.97
N LEU A 210 14.42 -22.52 -44.77
CA LEU A 210 15.58 -21.67 -44.55
C LEU A 210 16.10 -21.13 -45.86
N VAL A 211 16.03 -19.80 -46.01
CA VAL A 211 16.48 -19.12 -47.22
C VAL A 211 17.74 -18.30 -46.94
N PRO A 212 18.87 -18.69 -47.56
CA PRO A 212 20.15 -17.99 -47.42
C PRO A 212 20.04 -16.47 -47.61
N LEU A 213 20.72 -15.72 -46.75
CA LEU A 213 20.70 -14.27 -46.77
C LEU A 213 21.97 -13.81 -46.07
N SER A 214 23.11 -13.98 -46.74
CA SER A 214 24.40 -13.70 -46.16
C SER A 214 25.37 -13.22 -47.23
N ASP A 215 25.36 -11.91 -47.46
CA ASP A 215 26.14 -11.28 -48.52
C ASP A 215 26.84 -10.06 -47.96
N PRO A 216 28.17 -10.05 -47.98
CA PRO A 216 28.95 -8.93 -47.46
C PRO A 216 28.62 -7.60 -48.13
N LYS A 217 28.12 -7.65 -49.36
CA LYS A 217 27.77 -6.44 -50.10
C LYS A 217 26.33 -6.03 -49.79
N LEU A 218 25.66 -6.86 -49.00
CA LEU A 218 24.26 -6.63 -48.69
C LEU A 218 24.05 -6.44 -47.18
N ALA A 219 23.19 -5.51 -46.81
CA ALA A 219 22.85 -5.35 -45.40
C ALA A 219 21.38 -5.00 -45.18
N VAL A 220 20.92 -5.21 -43.96
CA VAL A 220 19.56 -4.90 -43.59
C VAL A 220 19.54 -3.81 -42.53
N LEU A 221 19.04 -2.63 -42.91
CA LEU A 221 19.00 -1.49 -42.02
C LEU A 221 17.62 -1.38 -41.36
N ILE A 222 17.59 -1.48 -40.05
CA ILE A 222 16.36 -1.31 -39.29
C ILE A 222 16.31 0.09 -38.68
N THR A 223 15.24 0.81 -38.97
CA THR A 223 15.10 2.17 -38.45
C THR A 223 13.89 2.27 -37.51
N ASN A 224 14.14 2.64 -36.27
CA ASN A 224 13.06 2.81 -35.30
C ASN A 224 12.51 4.23 -35.36
N SER A 225 11.20 4.35 -35.59
CA SER A 225 10.54 5.64 -35.60
C SER A 225 10.45 6.23 -34.19
N ASN A 226 10.57 5.36 -33.19
CA ASN A 226 10.41 5.73 -31.78
C ASN A 226 9.08 6.42 -31.52
N VAL A 227 8.05 5.96 -32.21
CA VAL A 227 6.67 6.34 -31.93
C VAL A 227 5.83 5.08 -31.90
N ARG A 228 4.69 5.14 -31.24
CA ARG A 228 3.77 4.02 -31.17
C ARG A 228 2.38 4.50 -30.85
N HIS A 229 1.59 4.80 -31.88
CA HIS A 229 0.22 5.26 -31.68
C HIS A 229 -0.59 4.16 -31.02
N SER A 230 -1.62 4.56 -30.27
CA SER A 230 -2.45 3.61 -29.55
C SER A 230 -3.17 2.66 -30.50
N LEU A 231 -3.34 3.10 -31.74
CA LEU A 231 -3.95 2.26 -32.78
C LEU A 231 -3.16 0.98 -33.00
N ALA A 232 -1.85 1.00 -32.71
CA ALA A 232 -1.03 -0.19 -32.86
C ALA A 232 -1.62 -1.35 -32.07
N SER A 233 -2.20 -1.02 -30.93
CA SER A 233 -2.84 -2.02 -30.07
C SER A 233 -4.30 -2.24 -30.41
N SER A 234 -5.06 -1.15 -30.59
CA SER A 234 -6.51 -1.27 -30.71
C SER A 234 -7.00 -1.63 -32.12
N GLU A 235 -6.26 -1.24 -33.14
CA GLU A 235 -6.69 -1.47 -34.51
C GLU A 235 -6.21 -2.83 -35.04
N TYR A 236 -5.21 -3.41 -34.37
CA TYR A 236 -4.74 -4.74 -34.76
C TYR A 236 -5.87 -5.78 -34.72
N PRO A 237 -6.59 -5.92 -33.58
CA PRO A 237 -7.64 -6.94 -33.60
C PRO A 237 -8.75 -6.63 -34.59
N VAL A 238 -8.97 -5.35 -34.89
CA VAL A 238 -9.98 -4.93 -35.86
C VAL A 238 -9.68 -5.50 -37.25
N ARG A 239 -8.41 -5.45 -37.65
CA ARG A 239 -7.98 -5.98 -38.94
C ARG A 239 -8.24 -7.47 -39.05
N ARG A 240 -8.08 -8.19 -37.94
CA ARG A 240 -8.32 -9.63 -37.93
C ARG A 240 -9.80 -9.93 -38.14
N ARG A 241 -10.66 -9.11 -37.56
CA ARG A 241 -12.11 -9.30 -37.72
C ARG A 241 -12.53 -8.96 -39.15
N GLN A 242 -11.97 -7.88 -39.68
CA GLN A 242 -12.29 -7.45 -41.04
C GLN A 242 -11.87 -8.52 -42.05
N CYS A 243 -10.71 -9.13 -41.84
CA CYS A 243 -10.25 -10.21 -42.70
C CYS A 243 -11.15 -11.44 -42.60
N GLU A 244 -11.51 -11.79 -41.37
CA GLU A 244 -12.41 -12.92 -41.12
C GLU A 244 -13.77 -12.70 -41.78
N GLU A 245 -14.26 -11.47 -41.71
CA GLU A 245 -15.57 -11.14 -42.25
C GLU A 245 -15.58 -11.22 -43.77
N VAL A 246 -14.44 -10.93 -44.40
CA VAL A 246 -14.32 -11.04 -45.85
C VAL A 246 -14.23 -12.49 -46.29
N ALA A 247 -13.44 -13.28 -45.58
CA ALA A 247 -13.33 -14.71 -45.84
C ALA A 247 -14.69 -15.41 -45.65
N ARG A 248 -15.44 -14.97 -44.66
CA ARG A 248 -16.76 -15.53 -44.38
C ARG A 248 -17.73 -15.28 -45.53
N ALA A 249 -17.70 -14.07 -46.08
CA ALA A 249 -18.61 -13.69 -47.15
C ALA A 249 -18.30 -14.42 -48.46
N LEU A 250 -17.04 -14.81 -48.64
CA LEU A 250 -16.62 -15.47 -49.88
C LEU A 250 -16.66 -16.99 -49.78
N GLY A 251 -17.10 -17.49 -48.62
CA GLY A 251 -17.19 -18.93 -48.40
C GLY A 251 -15.83 -19.57 -48.25
N ALA A 252 -14.82 -18.77 -47.96
CA ALA A 252 -13.44 -19.25 -47.87
C ALA A 252 -13.00 -19.47 -46.42
N ALA A 253 -12.21 -20.52 -46.20
CA ALA A 253 -11.68 -20.82 -44.88
C ALA A 253 -10.76 -19.72 -44.39
N SER A 254 -10.01 -19.13 -45.31
CA SER A 254 -9.14 -17.99 -45.01
C SER A 254 -8.83 -17.24 -46.30
N LEU A 255 -8.23 -16.06 -46.17
CA LEU A 255 -7.88 -15.27 -47.34
C LEU A 255 -6.76 -15.93 -48.16
N ARG A 256 -6.16 -16.98 -47.62
CA ARG A 256 -5.15 -17.73 -48.36
C ARG A 256 -5.77 -18.44 -49.57
N GLU A 257 -7.06 -18.78 -49.48
CA GLU A 257 -7.76 -19.51 -50.52
C GLU A 257 -8.34 -18.60 -51.59
N VAL A 258 -8.15 -17.29 -51.41
CA VAL A 258 -8.74 -16.30 -52.30
C VAL A 258 -7.67 -15.60 -53.13
N GLN A 259 -7.93 -15.48 -54.43
CA GLN A 259 -7.06 -14.73 -55.32
C GLN A 259 -7.73 -13.43 -55.74
N LEU A 260 -6.92 -12.49 -56.21
CA LEU A 260 -7.40 -11.17 -56.59
C LEU A 260 -8.63 -11.21 -57.51
N GLU A 261 -8.58 -12.07 -58.53
CA GLU A 261 -9.66 -12.17 -59.50
C GLU A 261 -10.96 -12.66 -58.85
N GLU A 262 -10.84 -13.68 -58.00
CA GLU A 262 -12.00 -14.18 -57.26
C GLU A 262 -12.53 -13.07 -56.35
N LEU A 263 -11.61 -12.28 -55.82
CA LEU A 263 -11.96 -11.14 -54.98
C LEU A 263 -12.65 -10.05 -55.80
N GLU A 264 -12.14 -9.81 -57.00
CA GLU A 264 -12.75 -8.86 -57.93
C GLU A 264 -14.21 -9.20 -58.18
N ALA A 265 -14.47 -10.48 -58.49
CA ALA A 265 -15.80 -10.93 -58.86
C ALA A 265 -16.80 -10.81 -57.69
N ALA A 266 -16.29 -10.83 -56.47
CA ALA A 266 -17.15 -10.75 -55.29
C ALA A 266 -17.06 -9.39 -54.62
N ARG A 267 -16.82 -8.35 -55.42
CA ARG A 267 -16.68 -7.00 -54.89
C ARG A 267 -17.97 -6.47 -54.29
N ASP A 268 -19.09 -6.87 -54.88
CA ASP A 268 -20.40 -6.43 -54.39
C ASP A 268 -20.87 -7.27 -53.21
N LEU A 269 -20.00 -8.14 -52.72
CA LEU A 269 -20.34 -9.05 -51.63
C LEU A 269 -19.70 -8.63 -50.30
N VAL A 270 -18.77 -7.68 -50.36
CA VAL A 270 -18.14 -7.14 -49.16
C VAL A 270 -18.12 -5.62 -49.21
N SER A 271 -17.71 -4.99 -48.11
CA SER A 271 -17.65 -3.54 -48.04
C SER A 271 -16.46 -2.99 -48.82
N LYS A 272 -16.48 -1.69 -49.07
CA LYS A 272 -15.38 -1.01 -49.74
C LYS A 272 -14.11 -1.17 -48.94
N GLU A 273 -14.23 -0.98 -47.63
CA GLU A 273 -13.11 -1.05 -46.71
C GLU A 273 -12.63 -2.50 -46.58
N GLY A 274 -13.56 -3.43 -46.49
CA GLY A 274 -13.23 -4.85 -46.45
C GLY A 274 -12.49 -5.30 -47.69
N PHE A 275 -12.93 -4.79 -48.85
CA PHE A 275 -12.30 -5.13 -50.11
C PHE A 275 -10.85 -4.65 -50.13
N ARG A 276 -10.60 -3.47 -49.60
CA ARG A 276 -9.24 -2.94 -49.54
C ARG A 276 -8.37 -3.79 -48.61
N ARG A 277 -8.95 -4.27 -47.52
CA ARG A 277 -8.22 -5.12 -46.58
C ARG A 277 -7.82 -6.42 -47.27
N ALA A 278 -8.79 -7.06 -47.93
CA ALA A 278 -8.54 -8.34 -48.57
C ALA A 278 -7.57 -8.23 -49.75
N ARG A 279 -7.55 -7.08 -50.41
CA ARG A 279 -6.66 -6.91 -51.56
C ARG A 279 -5.21 -6.86 -51.13
N HIS A 280 -4.92 -6.20 -50.00
CA HIS A 280 -3.57 -6.18 -49.48
C HIS A 280 -3.08 -7.59 -49.18
N VAL A 281 -3.91 -8.35 -48.48
CA VAL A 281 -3.52 -9.69 -48.04
C VAL A 281 -3.19 -10.57 -49.21
N VAL A 282 -4.15 -10.68 -50.13
CA VAL A 282 -4.01 -11.46 -51.34
C VAL A 282 -2.75 -11.07 -52.11
N GLY A 283 -2.56 -9.76 -52.31
CA GLY A 283 -1.38 -9.26 -52.98
C GLY A 283 -0.10 -9.51 -52.22
N GLU A 284 -0.17 -9.41 -50.89
CA GLU A 284 1.02 -9.56 -50.05
C GLU A 284 1.50 -10.99 -50.00
N ILE A 285 0.55 -11.93 -49.94
CA ILE A 285 0.88 -13.34 -50.01
C ILE A 285 1.64 -13.66 -51.30
N ARG A 286 1.15 -13.12 -52.40
CA ARG A 286 1.80 -13.29 -53.71
C ARG A 286 3.22 -12.70 -53.69
N ARG A 287 3.33 -11.45 -53.23
CA ARG A 287 4.62 -10.77 -53.19
C ARG A 287 5.64 -11.49 -52.31
N THR A 288 5.18 -12.18 -51.28
CA THR A 288 6.10 -12.88 -50.39
C THR A 288 6.67 -14.13 -51.05
N ALA A 289 5.83 -14.81 -51.83
CA ALA A 289 6.31 -15.94 -52.64
C ALA A 289 7.30 -15.45 -53.71
N GLN A 290 6.97 -14.33 -54.35
CA GLN A 290 7.87 -13.73 -55.34
C GLN A 290 9.17 -13.26 -54.67
N ALA A 291 9.05 -12.66 -53.49
CA ALA A 291 10.23 -12.14 -52.78
C ALA A 291 11.17 -13.28 -52.42
N ALA A 292 10.62 -14.36 -51.87
CA ALA A 292 11.40 -15.56 -51.56
C ALA A 292 12.14 -16.07 -52.79
N ALA A 293 11.45 -16.17 -53.92
CA ALA A 293 12.10 -16.61 -55.15
C ALA A 293 13.19 -15.63 -55.55
N ALA A 294 12.88 -14.34 -55.48
CA ALA A 294 13.84 -13.30 -55.84
C ALA A 294 15.08 -13.38 -54.95
N LEU A 295 14.85 -13.69 -53.68
CA LEU A 295 15.94 -13.77 -52.71
C LEU A 295 16.88 -14.95 -52.98
N ARG A 296 16.30 -16.08 -53.38
CA ARG A 296 17.08 -17.29 -53.66
C ARG A 296 18.11 -17.06 -54.77
N ARG A 297 17.63 -16.54 -55.91
CA ARG A 297 18.50 -16.30 -57.07
C ARG A 297 19.26 -14.98 -56.94
N GLY A 298 19.32 -14.44 -55.73
CA GLY A 298 20.14 -13.27 -55.43
C GLY A 298 19.68 -11.97 -56.08
N ASP A 299 18.41 -11.91 -56.46
CA ASP A 299 17.88 -10.74 -57.15
C ASP A 299 17.39 -9.68 -56.16
N TYR A 300 18.34 -8.89 -55.66
CA TYR A 300 18.06 -7.91 -54.61
C TYR A 300 17.23 -6.71 -55.09
N ARG A 301 17.38 -6.35 -56.35
CA ARG A 301 16.65 -5.22 -56.90
C ARG A 301 15.16 -5.55 -56.97
N ALA A 302 14.84 -6.77 -57.40
CA ALA A 302 13.46 -7.20 -57.47
C ALA A 302 12.88 -7.33 -56.06
N PHE A 303 13.67 -7.89 -55.14
CA PHE A 303 13.24 -8.02 -53.75
C PHE A 303 12.88 -6.65 -53.17
N GLY A 304 13.74 -5.66 -53.45
CA GLY A 304 13.53 -4.31 -52.96
C GLY A 304 12.25 -3.70 -53.48
N ARG A 305 12.02 -3.85 -54.78
CA ARG A 305 10.82 -3.32 -55.42
C ARG A 305 9.57 -3.95 -54.81
N LEU A 306 9.64 -5.24 -54.54
CA LEU A 306 8.55 -5.96 -53.89
C LEU A 306 8.32 -5.45 -52.47
N MET A 307 9.38 -4.97 -51.81
CA MET A 307 9.24 -4.38 -50.49
C MET A 307 8.48 -3.06 -50.56
N VAL A 308 8.73 -2.30 -51.63
CA VAL A 308 8.10 -0.99 -51.82
C VAL A 308 6.61 -1.17 -52.12
N GLU A 309 6.27 -2.20 -52.88
CA GLU A 309 4.87 -2.51 -53.17
C GLU A 309 4.15 -2.94 -51.89
N SER A 310 4.85 -3.68 -51.04
CA SER A 310 4.31 -4.13 -49.76
C SER A 310 3.91 -2.92 -48.91
N HIS A 311 4.79 -1.92 -48.84
CA HIS A 311 4.52 -0.75 -48.03
C HIS A 311 3.36 0.08 -48.58
N ARG A 312 3.36 0.31 -49.88
CA ARG A 312 2.28 1.06 -50.53
C ARG A 312 0.94 0.38 -50.24
N SER A 313 0.91 -0.94 -50.38
CA SER A 313 -0.26 -1.74 -50.05
C SER A 313 -0.66 -1.57 -48.57
N LEU A 314 0.31 -1.67 -47.67
CA LEU A 314 0.06 -1.47 -46.23
C LEU A 314 -0.44 -0.07 -45.92
N ARG A 315 -0.06 0.89 -46.76
CA ARG A 315 -0.37 2.29 -46.51
C ARG A 315 -1.71 2.69 -47.09
N ASP A 316 -2.06 2.11 -48.22
CA ASP A 316 -3.25 2.55 -48.96
C ASP A 316 -4.45 1.61 -48.83
N ASP A 317 -4.19 0.31 -48.74
CA ASP A 317 -5.28 -0.68 -48.70
C ASP A 317 -5.56 -1.23 -47.29
N TYR A 318 -4.53 -1.58 -46.55
CA TYR A 318 -4.74 -2.10 -45.18
C TYR A 318 -4.72 -0.96 -44.17
N GLU A 319 -4.11 0.17 -44.57
CA GLU A 319 -4.09 1.39 -43.77
C GLU A 319 -3.57 1.19 -42.35
N VAL A 320 -2.37 0.64 -42.23
CA VAL A 320 -1.76 0.42 -40.92
C VAL A 320 -0.40 1.10 -40.85
N SER A 321 -0.20 2.09 -41.70
CA SER A 321 1.02 2.90 -41.62
C SER A 321 0.73 4.18 -40.85
N CYS A 322 1.66 5.11 -40.87
CA CYS A 322 1.47 6.41 -40.23
C CYS A 322 2.47 7.39 -40.84
N PRO A 323 2.20 8.70 -40.71
CA PRO A 323 3.08 9.72 -41.32
C PRO A 323 4.56 9.54 -40.94
N GLU A 324 4.82 9.00 -39.76
CA GLU A 324 6.20 8.76 -39.33
C GLU A 324 6.86 7.69 -40.21
N LEU A 325 6.23 6.52 -40.29
CA LEU A 325 6.76 5.42 -41.09
C LEU A 325 6.88 5.81 -42.55
N ASP A 326 5.85 6.47 -43.07
CA ASP A 326 5.85 6.90 -44.47
C ASP A 326 7.04 7.81 -44.78
N GLN A 327 7.30 8.75 -43.89
CA GLN A 327 8.38 9.71 -44.09
C GLN A 327 9.73 8.99 -44.00
N LEU A 328 9.82 8.01 -43.11
CA LEU A 328 11.02 7.18 -43.03
C LEU A 328 11.24 6.37 -44.30
N VAL A 329 10.15 5.86 -44.88
CA VAL A 329 10.26 5.08 -46.10
C VAL A 329 10.66 5.96 -47.29
N GLU A 330 10.01 7.10 -47.46
CA GLU A 330 10.32 8.00 -48.57
C GLU A 330 11.77 8.47 -48.54
N ALA A 331 12.26 8.80 -47.35
CA ALA A 331 13.64 9.22 -47.18
C ALA A 331 14.61 8.11 -47.56
N ALA A 332 14.27 6.89 -47.18
CA ALA A 332 15.11 5.72 -47.46
C ALA A 332 15.24 5.47 -48.97
N LEU A 333 14.14 5.61 -49.70
CA LEU A 333 14.12 5.33 -51.13
C LEU A 333 14.83 6.42 -51.93
N ALA A 334 15.24 7.49 -51.26
CA ALA A 334 15.92 8.59 -51.92
C ALA A 334 17.44 8.43 -51.83
N VAL A 335 17.88 7.39 -51.15
CA VAL A 335 19.31 7.19 -50.93
C VAL A 335 19.90 6.19 -51.90
N PRO A 336 20.96 6.60 -52.62
CA PRO A 336 21.65 5.71 -53.57
C PRO A 336 22.11 4.43 -52.90
N GLY A 337 21.90 3.29 -53.56
CA GLY A 337 22.30 2.02 -53.01
C GLY A 337 21.19 1.30 -52.24
N VAL A 338 20.07 1.99 -52.07
CA VAL A 338 18.94 1.39 -51.38
C VAL A 338 18.07 0.63 -52.37
N TYR A 339 17.86 -0.66 -52.11
CA TYR A 339 17.03 -1.50 -52.96
C TYR A 339 15.55 -1.32 -52.64
N GLY A 340 15.24 -1.24 -51.35
CA GLY A 340 13.85 -1.11 -50.94
C GLY A 340 13.66 -0.82 -49.46
N SER A 341 12.46 -0.36 -49.12
CA SER A 341 12.15 0.02 -47.76
C SER A 341 10.66 -0.13 -47.52
N ARG A 342 10.29 -0.50 -46.30
CA ARG A 342 8.91 -0.70 -45.94
C ARG A 342 8.74 -0.72 -44.42
N MET A 343 7.56 -0.36 -43.94
CA MET A 343 7.25 -0.55 -42.53
C MET A 343 7.30 -2.04 -42.24
N THR A 344 7.70 -2.40 -41.03
CA THR A 344 7.73 -3.81 -40.67
C THR A 344 6.96 -4.00 -39.37
N GLY A 345 6.45 -5.21 -39.16
CA GLY A 345 5.66 -5.48 -37.98
C GLY A 345 4.24 -4.98 -38.07
N GLY A 346 3.63 -4.76 -36.91
CA GLY A 346 2.20 -4.51 -36.81
C GLY A 346 1.72 -3.23 -37.46
N GLY A 347 2.51 -2.16 -37.38
CA GLY A 347 2.10 -0.88 -37.94
C GLY A 347 1.83 0.21 -36.91
N PHE A 348 1.45 1.39 -37.41
CA PHE A 348 1.11 2.56 -36.59
C PHE A 348 2.27 3.03 -35.72
N GLY A 349 3.46 2.99 -36.28
CA GLY A 349 4.69 3.28 -35.55
C GLY A 349 5.63 2.10 -35.68
N GLY A 350 6.58 1.99 -34.76
CA GLY A 350 7.53 0.89 -34.79
C GLY A 350 8.66 1.14 -35.77
N CYS A 351 9.18 0.06 -36.36
CA CYS A 351 10.34 0.15 -37.22
C CYS A 351 10.04 0.02 -38.72
N THR A 352 10.92 0.58 -39.55
CA THR A 352 10.97 0.22 -40.96
C THR A 352 12.16 -0.70 -41.20
N VAL A 353 12.07 -1.53 -42.25
CA VAL A 353 13.19 -2.36 -42.65
C VAL A 353 13.66 -1.92 -44.04
N THR A 354 14.97 -1.78 -44.20
CA THR A 354 15.52 -1.33 -45.47
C THR A 354 16.61 -2.28 -45.94
N LEU A 355 16.55 -2.65 -47.21
CA LEU A 355 17.53 -3.54 -47.78
C LEU A 355 18.42 -2.72 -48.70
N LEU A 356 19.73 -2.73 -48.42
CA LEU A 356 20.65 -1.83 -49.10
C LEU A 356 22.01 -2.45 -49.33
N GLU A 357 22.80 -1.84 -50.21
CA GLU A 357 24.20 -2.20 -50.32
C GLU A 357 24.92 -1.78 -49.04
N ALA A 358 25.77 -2.65 -48.52
CA ALA A 358 26.42 -2.40 -47.23
C ALA A 358 27.14 -1.06 -47.18
N SER A 359 27.68 -0.65 -48.32
CA SER A 359 28.46 0.59 -48.41
C SER A 359 27.58 1.83 -48.25
N ALA A 360 26.28 1.65 -48.40
CA ALA A 360 25.35 2.78 -48.43
C ALA A 360 24.72 3.05 -47.06
N ALA A 361 24.91 2.12 -46.13
CA ALA A 361 24.31 2.24 -44.81
C ALA A 361 24.71 3.54 -44.06
N PRO A 362 26.00 3.92 -44.07
CA PRO A 362 26.30 5.20 -43.43
C PRO A 362 25.58 6.40 -44.08
N HIS A 363 25.55 6.42 -45.41
CA HIS A 363 24.91 7.50 -46.14
C HIS A 363 23.39 7.49 -45.94
N ALA A 364 22.83 6.30 -45.77
CA ALA A 364 21.39 6.16 -45.60
C ALA A 364 20.96 6.60 -44.20
N MET A 365 21.81 6.35 -43.22
CA MET A 365 21.49 6.73 -41.85
C MET A 365 21.48 8.24 -41.67
N ARG A 366 22.46 8.92 -42.26
CA ARG A 366 22.53 10.38 -42.14
C ARG A 366 21.33 11.04 -42.82
N HIS A 367 20.98 10.57 -44.01
CA HIS A 367 19.91 11.18 -44.79
C HIS A 367 18.53 10.91 -44.20
N ILE A 368 18.29 9.67 -43.78
CA ILE A 368 17.03 9.30 -43.15
C ILE A 368 16.79 10.12 -41.88
N GLN A 369 17.83 10.25 -41.06
CA GLN A 369 17.74 11.00 -39.81
C GLN A 369 17.43 12.47 -40.06
N GLU A 370 18.12 13.07 -41.03
CA GLU A 370 17.92 14.47 -41.37
C GLU A 370 16.55 14.74 -41.98
N HIS A 371 16.03 13.75 -42.71
CA HIS A 371 14.73 13.88 -43.36
C HIS A 371 13.59 13.40 -42.45
N TYR A 372 13.93 13.06 -41.21
CA TYR A 372 12.93 12.58 -40.26
C TYR A 372 12.63 13.62 -39.18
N GLY A 373 11.34 13.89 -38.97
CA GLY A 373 10.91 14.91 -38.04
C GLY A 373 11.09 14.56 -36.58
N GLY A 374 11.12 13.26 -36.29
CA GLY A 374 11.35 12.80 -34.93
C GLY A 374 12.81 12.40 -34.73
N THR A 375 13.05 11.48 -33.81
CA THR A 375 14.41 10.99 -33.58
C THR A 375 14.52 9.50 -33.88
N ALA A 376 15.11 9.18 -35.02
CA ALA A 376 15.23 7.79 -35.45
C ALA A 376 16.38 7.09 -34.74
N THR A 377 16.19 5.79 -34.50
CA THR A 377 17.22 4.92 -33.97
C THR A 377 17.54 3.87 -35.02
N PHE A 378 18.81 3.49 -35.14
CA PHE A 378 19.24 2.62 -36.24
C PHE A 378 19.85 1.30 -35.80
N TYR A 379 19.43 0.21 -36.44
CA TYR A 379 20.05 -1.09 -36.23
C TYR A 379 20.54 -1.70 -37.55
N LEU A 380 21.83 -2.01 -37.63
CA LEU A 380 22.39 -2.74 -38.75
C LEU A 380 22.52 -4.21 -38.38
N SER A 381 21.57 -5.03 -38.82
CA SER A 381 21.50 -6.39 -38.32
C SER A 381 21.74 -7.47 -39.38
N GLN A 382 22.46 -8.51 -39.00
CA GLN A 382 22.58 -9.72 -39.80
C GLN A 382 21.58 -10.75 -39.31
N ALA A 383 21.32 -11.76 -40.13
CA ALA A 383 20.39 -12.83 -39.77
C ALA A 383 21.00 -13.66 -38.66
N ALA A 384 20.25 -13.84 -37.57
CA ALA A 384 20.78 -14.49 -36.38
C ALA A 384 20.08 -15.82 -36.05
N ASP A 385 20.64 -16.54 -35.09
CA ASP A 385 20.08 -17.82 -34.68
C ASP A 385 18.81 -17.64 -33.85
N GLY A 386 18.07 -18.73 -33.66
CA GLY A 386 16.88 -18.71 -32.84
C GLY A 386 17.24 -19.04 -31.41
N ALA A 387 16.26 -19.52 -30.66
CA ALA A 387 16.44 -19.78 -29.23
C ALA A 387 17.57 -20.77 -28.94
N LYS A 388 18.42 -20.43 -27.98
CA LYS A 388 19.52 -21.32 -27.60
C LYS A 388 19.61 -21.55 -26.10
N VAL A 389 20.31 -22.62 -25.71
CA VAL A 389 20.51 -22.95 -24.30
C VAL A 389 21.99 -23.13 -23.97
N LEU A 390 22.42 -22.60 -22.84
CA LEU A 390 23.77 -22.82 -22.34
C LEU A 390 23.74 -23.23 -20.88
N CYS A 391 24.40 -24.34 -20.57
CA CYS A 391 24.48 -24.80 -19.20
C CYS A 391 25.62 -24.08 -18.47
N LEU A 392 25.32 -23.57 -17.29
CA LEU A 392 26.32 -22.85 -16.50
C LEU A 392 26.82 -23.72 -15.36
N HIS B 1 31.48 13.35 20.83
CA HIS B 1 32.37 12.24 21.17
C HIS B 1 32.81 11.47 19.94
N ALA B 2 32.08 11.67 18.83
CA ALA B 2 32.37 11.05 17.53
C ALA B 2 32.25 9.52 17.53
N ALA B 3 32.41 8.90 18.69
CA ALA B 3 32.29 7.45 18.81
C ALA B 3 30.88 7.05 19.24
N LEU B 4 30.14 8.00 19.81
CA LEU B 4 28.79 7.72 20.28
C LEU B 4 27.77 7.78 19.15
N ARG B 5 27.11 6.66 18.90
CA ARG B 5 26.10 6.59 17.85
C ARG B 5 24.73 6.99 18.38
N GLN B 6 24.15 8.02 17.78
CA GLN B 6 22.83 8.48 18.16
C GLN B 6 21.76 7.53 17.63
N PRO B 7 20.73 7.25 18.45
CA PRO B 7 19.60 6.46 17.96
C PRO B 7 18.71 7.27 17.03
N GLN B 8 18.86 7.04 15.72
CA GLN B 8 18.08 7.79 14.74
C GLN B 8 16.79 7.03 14.42
N VAL B 9 15.81 7.15 15.32
CA VAL B 9 14.59 6.35 15.25
C VAL B 9 13.68 6.75 14.09
N ALA B 10 13.46 8.04 13.91
CA ALA B 10 12.58 8.51 12.85
C ALA B 10 13.14 8.20 11.47
N GLU B 11 14.46 8.25 11.35
CA GLU B 11 15.14 8.01 10.08
C GLU B 11 15.13 6.52 9.74
N LEU B 12 15.18 5.69 10.77
CA LEU B 12 15.13 4.24 10.58
C LEU B 12 13.80 3.87 9.93
N LEU B 13 12.71 4.39 10.47
CA LEU B 13 11.38 4.19 9.89
C LEU B 13 11.30 4.79 8.47
N ALA B 14 11.93 5.94 8.26
CA ALA B 14 11.86 6.62 6.98
C ALA B 14 12.58 5.81 5.90
N GLU B 15 13.73 5.27 6.24
CA GLU B 15 14.50 4.44 5.33
C GLU B 15 13.72 3.19 4.96
N ALA B 16 13.11 2.57 5.96
CA ALA B 16 12.37 1.33 5.78
C ALA B 16 11.21 1.49 4.81
N ARG B 17 10.42 2.54 4.98
CA ARG B 17 9.25 2.77 4.15
C ARG B 17 9.62 3.04 2.69
N ARG B 18 10.71 3.78 2.50
CA ARG B 18 11.11 4.16 1.15
C ARG B 18 11.71 2.98 0.42
N ALA B 19 12.50 2.18 1.13
CA ALA B 19 13.03 0.95 0.57
C ALA B 19 11.89 0.00 0.20
N PHE B 20 10.81 0.03 0.96
CA PHE B 20 9.67 -0.83 0.65
C PHE B 20 9.00 -0.40 -0.65
N ARG B 21 8.66 0.88 -0.74
CA ARG B 21 7.97 1.43 -1.90
C ARG B 21 8.73 1.16 -3.19
N GLU B 22 10.06 1.17 -3.09
CA GLU B 22 10.93 0.98 -4.23
C GLU B 22 11.06 -0.50 -4.60
N GLU B 23 10.97 -1.37 -3.60
CA GLU B 23 11.15 -2.81 -3.80
C GLU B 23 9.88 -3.49 -4.28
N PHE B 24 8.75 -3.13 -3.68
CA PHE B 24 7.49 -3.82 -3.97
C PHE B 24 6.52 -2.98 -4.81
N GLY B 25 6.85 -1.73 -5.04
CA GLY B 25 6.07 -0.88 -5.91
C GLY B 25 4.91 -0.14 -5.28
N ALA B 26 4.73 -0.26 -3.98
CA ALA B 26 3.63 0.39 -3.27
C ALA B 26 4.01 0.79 -1.85
N GLU B 27 3.22 1.67 -1.24
CA GLU B 27 3.42 2.06 0.14
C GLU B 27 3.04 0.93 1.10
N PRO B 28 3.88 0.70 2.12
CA PRO B 28 3.60 -0.31 3.14
C PRO B 28 2.35 0.05 3.93
N GLU B 29 1.65 -0.97 4.42
CA GLU B 29 0.36 -0.74 5.09
C GLU B 29 0.49 -0.63 6.60
N LEU B 30 1.62 -1.09 7.16
CA LEU B 30 1.83 -0.99 8.60
C LEU B 30 3.30 -1.09 9.01
N ALA B 31 3.61 -0.53 10.17
CA ALA B 31 4.96 -0.55 10.73
C ALA B 31 4.94 -1.09 12.15
N VAL B 32 5.95 -1.91 12.48
CA VAL B 32 6.18 -2.34 13.85
C VAL B 32 7.63 -2.14 14.25
N SER B 33 7.88 -2.10 15.55
CA SER B 33 9.25 -2.08 16.04
C SER B 33 9.40 -2.91 17.30
N ALA B 34 10.62 -3.34 17.57
CA ALA B 34 10.94 -4.03 18.81
C ALA B 34 12.38 -3.69 19.16
N PRO B 35 12.64 -3.37 20.43
CA PRO B 35 13.94 -2.88 20.88
C PRO B 35 15.00 -3.96 21.09
N GLY B 36 16.25 -3.55 21.04
CA GLY B 36 17.34 -4.33 21.62
C GLY B 36 17.32 -4.12 23.12
N ARG B 37 18.30 -4.67 23.83
CA ARG B 37 18.30 -4.65 25.29
C ARG B 37 19.70 -4.42 25.85
N VAL B 38 19.75 -3.82 27.04
CA VAL B 38 20.92 -3.94 27.89
C VAL B 38 20.46 -4.53 29.22
N ASN B 39 21.18 -5.51 29.73
CA ASN B 39 20.89 -6.03 31.06
C ASN B 39 21.69 -5.29 32.12
N LEU B 40 21.00 -4.52 32.97
CA LEU B 40 21.67 -3.80 34.05
C LEU B 40 22.38 -4.78 34.99
N ILE B 41 21.69 -5.84 35.37
CA ILE B 41 22.26 -6.88 36.22
C ILE B 41 21.38 -8.13 36.17
N GLY B 42 21.96 -9.28 36.53
CA GLY B 42 21.25 -10.53 36.49
C GLY B 42 21.68 -11.34 35.27
N GLU B 43 22.95 -11.73 35.26
CA GLU B 43 23.50 -12.41 34.09
C GLU B 43 23.59 -13.91 34.28
N HIS B 44 23.24 -14.63 33.22
CA HIS B 44 23.24 -16.09 33.19
C HIS B 44 22.43 -16.67 34.34
N THR B 45 21.27 -16.07 34.58
CA THR B 45 20.34 -16.53 35.61
C THR B 45 19.00 -16.93 35.04
N ASP B 46 18.66 -16.39 33.87
CA ASP B 46 17.30 -16.56 33.35
C ASP B 46 16.99 -18.02 33.04
N TYR B 47 17.98 -18.76 32.52
CA TYR B 47 17.76 -20.17 32.24
C TYR B 47 17.96 -21.02 33.49
N ASN B 48 18.32 -20.36 34.59
CA ASN B 48 18.35 -20.99 35.90
C ASN B 48 17.13 -20.59 36.72
N GLN B 49 16.09 -20.11 36.04
CA GLN B 49 14.87 -19.63 36.69
C GLN B 49 15.15 -18.56 37.74
N GLY B 50 16.00 -17.60 37.39
CA GLY B 50 16.41 -16.58 38.34
C GLY B 50 15.78 -15.23 38.10
N LEU B 51 16.50 -14.18 38.48
CA LEU B 51 16.03 -12.81 38.34
C LEU B 51 16.93 -12.02 37.40
N VAL B 52 16.33 -11.18 36.58
CA VAL B 52 17.11 -10.31 35.70
C VAL B 52 16.56 -8.90 35.76
N LEU B 53 17.38 -7.93 35.39
CA LEU B 53 16.95 -6.54 35.38
C LEU B 53 17.40 -5.81 34.11
N PRO B 54 16.78 -6.15 32.97
CA PRO B 54 17.08 -5.41 31.73
C PRO B 54 16.29 -4.13 31.60
N MET B 55 16.74 -3.25 30.72
CA MET B 55 15.85 -2.22 30.21
C MET B 55 15.92 -2.27 28.68
N ALA B 56 14.85 -1.84 28.03
CA ALA B 56 14.80 -1.82 26.57
C ALA B 56 15.53 -0.59 26.04
N LEU B 57 16.14 -0.73 24.86
CA LEU B 57 16.93 0.34 24.25
C LEU B 57 16.20 1.09 23.15
N GLU B 58 16.74 2.25 22.77
CA GLU B 58 16.21 3.00 21.63
C GLU B 58 16.74 2.42 20.32
N LEU B 59 17.79 1.60 20.43
CA LEU B 59 18.22 0.78 19.31
C LEU B 59 17.14 -0.27 19.09
N MET B 60 16.70 -0.42 17.84
CA MET B 60 15.54 -1.26 17.56
C MET B 60 15.56 -1.91 16.19
N THR B 61 14.64 -2.85 16.00
CA THR B 61 14.42 -3.46 14.71
C THR B 61 13.02 -3.08 14.23
N VAL B 62 12.94 -2.63 12.98
CA VAL B 62 11.66 -2.18 12.42
C VAL B 62 11.26 -3.03 11.21
N LEU B 63 9.98 -3.38 11.16
CA LEU B 63 9.40 -3.99 9.97
C LEU B 63 8.31 -3.09 9.44
N VAL B 64 8.37 -2.80 8.15
CA VAL B 64 7.25 -2.19 7.46
C VAL B 64 6.82 -3.16 6.36
N GLY B 65 5.51 -3.30 6.18
CA GLY B 65 5.01 -4.27 5.23
C GLY B 65 3.52 -4.31 5.00
N SER B 66 3.09 -5.30 4.24
CA SER B 66 1.70 -5.43 3.84
C SER B 66 1.36 -6.90 3.66
N PRO B 67 0.12 -7.28 3.96
CA PRO B 67 -0.31 -8.66 3.71
C PRO B 67 -0.33 -8.98 2.22
N ARG B 68 -0.05 -10.23 1.86
CA ARG B 68 -0.17 -10.70 0.49
C ARG B 68 -1.35 -11.64 0.38
N LYS B 69 -1.80 -11.91 -0.84
CA LYS B 69 -2.94 -12.79 -1.04
C LYS B 69 -2.50 -14.15 -1.59
N ASP B 70 -1.21 -14.29 -1.88
CA ASP B 70 -0.72 -15.44 -2.62
C ASP B 70 -0.02 -16.48 -1.73
N GLY B 71 -0.13 -16.30 -0.42
CA GLY B 71 0.44 -17.23 0.54
C GLY B 71 1.96 -17.23 0.61
N LEU B 72 2.58 -16.20 0.07
CA LEU B 72 4.04 -16.10 0.03
C LEU B 72 4.56 -15.06 0.98
N VAL B 73 5.77 -15.28 1.48
CA VAL B 73 6.45 -14.29 2.27
C VAL B 73 7.63 -13.77 1.46
N SER B 74 7.74 -12.45 1.34
CA SER B 74 8.79 -11.84 0.55
C SER B 74 9.53 -10.80 1.38
N LEU B 75 10.79 -11.08 1.68
CA LEU B 75 11.55 -10.27 2.62
C LEU B 75 12.70 -9.53 1.96
N LEU B 76 12.94 -8.31 2.45
CA LEU B 76 14.11 -7.53 2.10
C LEU B 76 14.70 -6.91 3.36
N THR B 77 16.00 -7.09 3.58
CA THR B 77 16.65 -6.41 4.69
C THR B 77 17.65 -5.39 4.18
N THR B 78 17.87 -4.34 4.97
CA THR B 78 18.81 -3.28 4.59
C THR B 78 19.93 -3.17 5.62
N SER B 79 19.91 -4.05 6.63
CA SER B 79 20.94 -4.05 7.66
C SER B 79 22.30 -4.40 7.05
N GLU B 80 23.28 -3.55 7.33
CA GLU B 80 24.61 -3.66 6.71
C GLU B 80 25.29 -5.00 7.01
N GLY B 81 25.15 -5.49 8.23
CA GLY B 81 25.85 -6.70 8.64
C GLY B 81 25.17 -7.99 8.23
N ALA B 82 23.97 -7.88 7.65
CA ALA B 82 23.22 -9.05 7.22
C ALA B 82 23.99 -9.87 6.19
N ASP B 83 23.92 -11.18 6.29
CA ASP B 83 24.62 -12.05 5.34
C ASP B 83 23.82 -12.22 4.05
N GLU B 84 24.53 -12.33 2.94
CA GLU B 84 23.92 -12.40 1.62
C GLU B 84 23.14 -13.68 1.39
N PRO B 85 22.02 -13.61 0.65
CA PRO B 85 21.49 -12.40 0.01
C PRO B 85 20.63 -11.59 0.97
N GLN B 86 20.35 -10.33 0.63
CA GLN B 86 19.55 -9.49 1.49
C GLN B 86 18.05 -9.69 1.25
N ARG B 87 17.73 -10.54 0.27
CA ARG B 87 16.35 -10.91 -0.03
C ARG B 87 16.11 -12.39 0.14
N LEU B 88 14.89 -12.74 0.53
CA LEU B 88 14.46 -14.13 0.57
C LEU B 88 12.95 -14.24 0.39
N GLN B 89 12.51 -15.21 -0.40
CA GLN B 89 11.09 -15.53 -0.49
C GLN B 89 10.86 -17.00 -0.15
N PHE B 90 9.69 -17.28 0.40
CA PHE B 90 9.31 -18.65 0.73
C PHE B 90 7.81 -18.69 0.93
N PRO B 91 7.21 -19.86 0.68
CA PRO B 91 5.78 -19.99 1.00
C PRO B 91 5.55 -20.21 2.50
N LEU B 92 4.37 -19.83 2.98
CA LEU B 92 3.96 -20.15 4.34
C LEU B 92 4.06 -21.65 4.58
N PRO B 93 4.49 -22.05 5.78
CA PRO B 93 4.50 -23.46 6.17
C PRO B 93 3.08 -24.04 6.17
N THR B 94 2.98 -25.36 6.02
CA THR B 94 1.69 -26.03 5.95
C THR B 94 1.73 -27.31 6.77
N ALA B 95 0.71 -28.13 6.62
CA ALA B 95 0.68 -29.44 7.26
C ALA B 95 1.85 -30.28 6.78
N GLN B 96 2.04 -30.32 5.46
CA GLN B 96 3.15 -31.05 4.87
C GLN B 96 4.45 -30.26 4.95
N ARG B 97 4.52 -29.17 4.18
CA ARG B 97 5.76 -28.40 4.08
C ARG B 97 5.94 -27.45 5.26
N SER B 98 7.02 -27.64 6.00
CA SER B 98 7.37 -26.73 7.09
C SER B 98 8.68 -26.04 6.79
N LEU B 99 8.81 -24.80 7.25
CA LEU B 99 10.04 -24.03 7.04
C LEU B 99 11.24 -24.67 7.70
N GLU B 100 12.41 -24.43 7.13
CA GLU B 100 13.67 -24.93 7.66
C GLU B 100 14.67 -23.79 7.77
N PRO B 101 15.55 -23.85 8.77
CA PRO B 101 16.64 -22.87 8.80
C PRO B 101 17.58 -23.11 7.63
N GLY B 102 18.28 -22.06 7.19
CA GLY B 102 19.19 -22.16 6.07
C GLY B 102 19.86 -20.84 5.77
N THR B 103 19.94 -20.51 4.48
CA THR B 103 20.63 -19.31 4.02
C THR B 103 19.64 -18.32 3.43
N PRO B 104 19.78 -17.03 3.73
CA PRO B 104 20.70 -16.41 4.70
C PRO B 104 20.25 -16.62 6.14
N ARG B 105 21.14 -16.38 7.10
CA ARG B 105 20.88 -16.67 8.50
C ARG B 105 19.93 -15.67 9.17
N TRP B 106 19.95 -14.41 8.72
CA TRP B 106 19.12 -13.39 9.34
C TRP B 106 17.64 -13.69 9.14
N ALA B 107 17.34 -14.44 8.07
CA ALA B 107 15.98 -14.78 7.71
C ALA B 107 15.46 -15.93 8.56
N ASN B 108 16.37 -16.69 9.16
CA ASN B 108 15.98 -17.81 10.02
C ASN B 108 15.16 -17.35 11.22
N TYR B 109 15.47 -16.16 11.70
CA TYR B 109 14.76 -15.58 12.84
C TYR B 109 13.30 -15.32 12.52
N VAL B 110 13.07 -14.77 11.33
CA VAL B 110 11.72 -14.50 10.85
C VAL B 110 10.97 -15.81 10.59
N LYS B 111 11.64 -16.74 9.91
CA LYS B 111 11.02 -18.03 9.57
C LYS B 111 10.63 -18.82 10.81
N GLY B 112 11.50 -18.82 11.80
CA GLY B 112 11.23 -19.51 13.05
C GLY B 112 9.98 -19.00 13.72
N VAL B 113 9.88 -17.69 13.86
CA VAL B 113 8.70 -17.08 14.46
C VAL B 113 7.45 -17.42 13.66
N ILE B 114 7.53 -17.33 12.34
CA ILE B 114 6.40 -17.72 11.47
C ILE B 114 6.00 -19.18 11.68
N GLN B 115 7.01 -20.06 11.73
CA GLN B 115 6.79 -21.49 11.93
C GLN B 115 6.10 -21.84 13.25
N TYR B 116 6.37 -21.06 14.30
CA TYR B 116 5.80 -21.39 15.60
C TYR B 116 4.69 -20.44 16.02
N TYR B 117 4.28 -19.55 15.11
CA TYR B 117 3.19 -18.63 15.41
C TYR B 117 1.90 -19.41 15.68
N PRO B 118 1.23 -19.11 16.81
CA PRO B 118 0.13 -19.95 17.30
C PRO B 118 -1.25 -19.71 16.69
N ALA B 119 -1.45 -18.57 16.03
CA ALA B 119 -2.78 -18.24 15.52
C ALA B 119 -2.93 -18.46 14.01
N ALA B 120 -4.17 -18.49 13.55
CA ALA B 120 -4.52 -18.82 12.18
C ALA B 120 -5.85 -18.16 11.82
N PRO B 121 -6.11 -17.93 10.51
CA PRO B 121 -5.21 -18.17 9.38
C PRO B 121 -4.16 -17.07 9.22
N LEU B 122 -2.92 -17.48 9.01
CA LEU B 122 -1.85 -16.53 8.76
C LEU B 122 -1.67 -16.33 7.25
N PRO B 123 -1.79 -15.08 6.78
CA PRO B 123 -1.59 -14.79 5.36
C PRO B 123 -0.13 -14.47 5.07
N GLY B 124 0.25 -14.51 3.79
CA GLY B 124 1.59 -14.12 3.40
C GLY B 124 1.74 -12.61 3.51
N PHE B 125 2.98 -12.13 3.35
CA PHE B 125 3.22 -10.70 3.45
C PHE B 125 4.53 -10.29 2.78
N SER B 126 4.62 -9.01 2.45
CA SER B 126 5.87 -8.42 1.96
C SER B 126 6.40 -7.48 3.03
N ALA B 127 7.70 -7.54 3.32
CA ALA B 127 8.24 -6.75 4.42
C ALA B 127 9.68 -6.32 4.19
N VAL B 128 10.00 -5.12 4.69
CA VAL B 128 11.37 -4.68 4.79
C VAL B 128 11.82 -4.72 6.25
N VAL B 129 13.01 -5.29 6.47
CA VAL B 129 13.59 -5.41 7.80
C VAL B 129 14.80 -4.49 7.96
N VAL B 130 14.72 -3.55 8.90
CA VAL B 130 15.85 -2.68 9.23
C VAL B 130 16.12 -2.71 10.74
N SER B 131 17.33 -2.33 11.14
CA SER B 131 17.69 -2.36 12.55
C SER B 131 18.85 -1.42 12.88
N SER B 132 18.82 -0.86 14.08
CA SER B 132 19.91 -0.01 14.58
C SER B 132 20.65 -0.73 15.72
N VAL B 133 20.12 -1.87 16.13
CA VAL B 133 20.81 -2.73 17.08
C VAL B 133 22.02 -3.36 16.39
N PRO B 134 23.23 -3.13 16.93
CA PRO B 134 24.44 -3.70 16.31
C PRO B 134 24.35 -5.22 16.23
N LEU B 135 24.42 -5.75 15.01
CA LEU B 135 24.17 -7.17 14.75
C LEU B 135 25.18 -8.07 15.44
N GLY B 136 24.66 -8.97 16.27
CA GLY B 136 25.49 -9.87 17.05
C GLY B 136 26.44 -9.15 17.98
N GLY B 137 26.05 -7.96 18.41
CA GLY B 137 26.90 -7.13 19.25
C GLY B 137 26.61 -7.14 20.74
N GLY B 138 25.72 -8.04 21.16
CA GLY B 138 25.47 -8.22 22.59
C GLY B 138 24.25 -7.50 23.15
N LEU B 139 23.49 -6.85 22.28
CA LEU B 139 22.33 -6.08 22.70
C LEU B 139 21.02 -6.67 22.18
N SER B 140 21.05 -7.97 21.88
CA SER B 140 19.87 -8.72 21.42
C SER B 140 19.25 -8.26 20.10
N SER B 141 20.05 -8.13 19.04
CA SER B 141 19.48 -7.82 17.73
C SER B 141 18.50 -8.92 17.31
N SER B 142 18.87 -10.17 17.58
CA SER B 142 18.04 -11.30 17.16
C SER B 142 16.70 -11.31 17.88
N ALA B 143 16.70 -10.97 19.17
CA ALA B 143 15.45 -10.90 19.93
C ALA B 143 14.55 -9.78 19.41
N SER B 144 15.14 -8.61 19.13
CA SER B 144 14.37 -7.52 18.53
C SER B 144 13.77 -7.94 17.17
N LEU B 145 14.54 -8.65 16.35
CA LEU B 145 14.01 -9.11 15.06
C LEU B 145 12.91 -10.15 15.25
N GLU B 146 13.11 -11.07 16.18
CA GLU B 146 12.11 -12.09 16.48
C GLU B 146 10.81 -11.45 16.99
N VAL B 147 10.93 -10.49 17.90
CA VAL B 147 9.76 -9.86 18.51
C VAL B 147 9.07 -8.90 17.53
N ALA B 148 9.86 -8.16 16.75
CA ALA B 148 9.31 -7.33 15.69
C ALA B 148 8.50 -8.17 14.68
N THR B 149 9.04 -9.33 14.30
CA THR B 149 8.32 -10.24 13.43
C THR B 149 7.01 -10.69 14.08
N TYR B 150 7.08 -11.07 15.36
CA TYR B 150 5.88 -11.53 16.07
C TYR B 150 4.82 -10.43 16.09
N THR B 151 5.25 -9.21 16.41
CA THR B 151 4.35 -8.07 16.44
C THR B 151 3.72 -7.85 15.05
N PHE B 152 4.52 -8.02 14.00
CA PHE B 152 3.98 -7.91 12.64
C PHE B 152 2.92 -8.98 12.40
N LEU B 153 3.20 -10.21 12.80
CA LEU B 153 2.25 -11.30 12.57
C LEU B 153 0.93 -11.08 13.31
N GLN B 154 1.00 -10.50 14.53
CA GLN B 154 -0.19 -10.17 15.31
C GLN B 154 -1.13 -9.23 14.55
N GLN B 155 -0.56 -8.34 13.75
CA GLN B 155 -1.36 -7.43 12.96
C GLN B 155 -2.03 -8.17 11.81
N LEU B 156 -1.35 -9.19 11.29
CA LEU B 156 -1.89 -9.97 10.19
C LEU B 156 -2.96 -10.93 10.69
N CYS B 157 -2.76 -11.42 11.91
CA CYS B 157 -3.63 -12.44 12.46
C CYS B 157 -3.53 -12.42 13.98
N PRO B 158 -4.32 -11.54 14.63
CA PRO B 158 -4.33 -11.36 16.07
C PRO B 158 -4.33 -12.67 16.83
N ASP B 159 -3.44 -12.84 17.78
CA ASP B 159 -3.45 -14.04 18.60
C ASP B 159 -4.29 -13.75 19.85
N SER B 160 -4.65 -14.79 20.58
CA SER B 160 -5.42 -14.59 21.80
C SER B 160 -4.61 -15.06 22.99
N GLY B 161 -3.31 -14.76 22.98
CA GLY B 161 -2.40 -15.30 23.95
C GLY B 161 -1.83 -14.32 24.96
N THR B 162 -0.86 -14.79 25.72
CA THR B 162 -0.21 -14.00 26.76
C THR B 162 1.19 -13.59 26.35
N ILE B 163 1.77 -12.65 27.10
CA ILE B 163 3.10 -12.13 26.81
C ILE B 163 4.18 -13.21 26.91
N ALA B 164 4.02 -14.10 27.87
CA ALA B 164 4.99 -15.17 28.08
C ALA B 164 4.95 -16.14 26.91
N ALA B 165 3.75 -16.47 26.45
CA ALA B 165 3.56 -17.34 25.30
C ALA B 165 4.26 -16.78 24.05
N ARG B 166 4.15 -15.48 23.83
CA ARG B 166 4.79 -14.84 22.68
C ARG B 166 6.30 -14.88 22.82
N ALA B 167 6.76 -14.74 24.07
CA ALA B 167 8.18 -14.80 24.38
C ALA B 167 8.73 -16.19 24.12
N GLN B 168 8.00 -17.20 24.56
CA GLN B 168 8.39 -18.58 24.31
C GLN B 168 8.45 -18.88 22.80
N VAL B 169 7.44 -18.39 22.07
CA VAL B 169 7.42 -18.57 20.62
C VAL B 169 8.69 -18.02 19.99
N CYS B 170 9.06 -16.81 20.40
CA CYS B 170 10.26 -16.19 19.85
C CYS B 170 11.49 -16.94 20.34
N GLN B 171 11.42 -17.43 21.56
CA GLN B 171 12.52 -18.19 22.17
C GLN B 171 12.76 -19.50 21.42
N GLN B 172 11.68 -20.18 21.06
CA GLN B 172 11.74 -21.39 20.23
C GLN B 172 12.45 -21.13 18.89
N ALA B 173 12.17 -19.98 18.28
CA ALA B 173 12.77 -19.65 16.99
C ALA B 173 14.27 -19.45 17.13
N GLU B 174 14.70 -18.99 18.31
CA GLU B 174 16.12 -18.84 18.61
C GLU B 174 16.77 -20.22 18.73
N HIS B 175 16.10 -21.13 19.43
CA HIS B 175 16.59 -22.49 19.61
C HIS B 175 16.61 -23.28 18.30
N SER B 176 15.46 -23.40 17.66
CA SER B 176 15.30 -24.31 16.53
C SER B 176 15.89 -23.79 15.23
N PHE B 177 15.74 -22.50 14.98
CA PHE B 177 16.13 -21.93 13.69
C PHE B 177 17.46 -21.17 13.73
N ALA B 178 17.93 -20.86 14.94
CA ALA B 178 19.22 -20.17 15.06
C ALA B 178 20.22 -20.99 15.86
N GLY B 179 19.76 -22.09 16.44
CA GLY B 179 20.62 -22.96 17.23
C GLY B 179 21.26 -22.26 18.41
N MET B 180 20.46 -21.45 19.11
CA MET B 180 20.93 -20.74 20.29
C MET B 180 19.96 -20.96 21.44
N PRO B 181 20.36 -21.79 22.41
CA PRO B 181 19.48 -22.19 23.52
C PRO B 181 19.36 -21.09 24.58
N CYS B 182 18.86 -19.94 24.17
CA CYS B 182 18.78 -18.77 25.04
C CYS B 182 17.71 -18.92 26.10
N GLY B 183 17.78 -18.06 27.11
CA GLY B 183 16.72 -17.97 28.11
C GLY B 183 15.59 -17.11 27.59
N ILE B 184 14.62 -16.84 28.44
CA ILE B 184 13.42 -16.09 28.07
C ILE B 184 13.65 -14.59 28.10
N MET B 185 14.81 -14.18 28.57
CA MET B 185 15.02 -12.80 28.97
C MET B 185 14.90 -11.75 27.86
N ASP B 186 15.68 -11.93 26.80
CA ASP B 186 15.81 -10.91 25.76
C ASP B 186 14.49 -10.69 25.03
N GLN B 187 13.78 -11.78 24.77
CA GLN B 187 12.47 -11.70 24.12
C GLN B 187 11.46 -10.98 25.01
N PHE B 188 11.55 -11.24 26.31
CA PHE B 188 10.58 -10.73 27.26
C PHE B 188 10.70 -9.21 27.39
N ILE B 189 11.94 -8.72 27.46
CA ILE B 189 12.16 -7.29 27.64
C ILE B 189 11.83 -6.54 26.35
N SER B 190 12.11 -7.16 25.21
CA SER B 190 11.77 -6.55 23.93
C SER B 190 10.26 -6.47 23.77
N LEU B 191 9.55 -7.40 24.39
CA LEU B 191 8.09 -7.37 24.39
C LEU B 191 7.54 -6.38 25.41
N MET B 192 8.11 -6.34 26.61
CA MET B 192 7.43 -5.71 27.74
C MET B 192 8.05 -4.42 28.29
N GLY B 193 9.16 -3.98 27.70
CA GLY B 193 9.81 -2.77 28.15
C GLY B 193 8.90 -1.55 28.08
N GLN B 194 9.13 -0.59 28.95
CA GLN B 194 8.37 0.66 28.90
C GLN B 194 9.34 1.81 29.10
N LYS B 195 9.13 2.91 28.38
CA LYS B 195 10.01 4.06 28.50
C LYS B 195 10.17 4.50 29.96
N GLY B 196 11.41 4.73 30.37
CA GLY B 196 11.68 5.23 31.71
C GLY B 196 11.64 4.15 32.78
N HIS B 197 11.61 2.89 32.37
CA HIS B 197 11.58 1.80 33.32
C HIS B 197 12.64 0.74 33.04
N ALA B 198 13.08 0.07 34.09
CA ALA B 198 13.80 -1.19 33.95
C ALA B 198 12.78 -2.28 34.22
N LEU B 199 13.09 -3.51 33.86
CA LEU B 199 12.13 -4.59 34.00
C LEU B 199 12.69 -5.71 34.85
N LEU B 200 12.21 -5.82 36.09
CA LEU B 200 12.58 -6.93 36.95
C LEU B 200 11.77 -8.16 36.54
N ILE B 201 12.46 -9.20 36.12
CA ILE B 201 11.78 -10.39 35.63
C ILE B 201 12.08 -11.58 36.53
N ASP B 202 11.03 -12.20 37.04
CA ASP B 202 11.18 -13.43 37.82
C ASP B 202 11.00 -14.58 36.84
N CYS B 203 12.10 -15.27 36.53
CA CYS B 203 12.07 -16.29 35.47
C CYS B 203 11.63 -17.66 35.99
N ARG B 204 11.11 -17.70 37.21
CA ARG B 204 10.49 -18.90 37.72
C ARG B 204 8.98 -18.82 37.59
N SER B 205 8.41 -17.71 38.06
CA SER B 205 6.96 -17.54 38.07
C SER B 205 6.48 -16.69 36.91
N LEU B 206 7.44 -16.01 36.26
CA LEU B 206 7.19 -15.14 35.11
C LEU B 206 6.42 -13.88 35.50
N GLU B 207 6.53 -13.52 36.78
CA GLU B 207 6.03 -12.23 37.24
C GLU B 207 7.02 -11.14 36.81
N THR B 208 6.51 -9.94 36.54
CA THR B 208 7.34 -8.83 36.09
C THR B 208 7.00 -7.53 36.81
N SER B 209 8.02 -6.80 37.22
CA SER B 209 7.82 -5.48 37.81
C SER B 209 8.46 -4.37 36.98
N LEU B 210 7.69 -3.29 36.77
CA LEU B 210 8.19 -2.13 36.06
C LEU B 210 8.82 -1.13 37.02
N VAL B 211 10.15 -1.16 37.12
CA VAL B 211 10.86 -0.34 38.10
C VAL B 211 11.28 0.99 37.50
N PRO B 212 10.70 2.10 37.98
CA PRO B 212 11.01 3.45 37.49
C PRO B 212 12.50 3.75 37.46
N LEU B 213 12.96 4.29 36.34
CA LEU B 213 14.38 4.49 36.09
C LEU B 213 14.55 5.80 35.32
N SER B 214 13.97 6.87 35.86
CA SER B 214 13.89 8.13 35.12
C SER B 214 14.59 9.28 35.83
N ASP B 215 15.66 8.99 36.57
CA ASP B 215 16.46 10.04 37.19
C ASP B 215 17.33 10.71 36.13
N PRO B 216 17.06 11.99 35.84
CA PRO B 216 17.76 12.73 34.78
C PRO B 216 19.26 12.80 35.01
N LYS B 217 19.67 12.74 36.28
CA LYS B 217 21.07 12.82 36.65
C LYS B 217 21.81 11.51 36.35
N LEU B 218 21.10 10.40 36.37
CA LEU B 218 21.71 9.09 36.14
C LEU B 218 21.74 8.76 34.65
N ALA B 219 22.87 8.26 34.19
CA ALA B 219 23.01 7.86 32.79
C ALA B 219 23.53 6.43 32.69
N VAL B 220 22.93 5.66 31.78
CA VAL B 220 23.38 4.30 31.50
C VAL B 220 24.24 4.28 30.24
N LEU B 221 25.56 4.23 30.44
CA LEU B 221 26.49 4.21 29.32
C LEU B 221 26.76 2.78 28.83
N ILE B 222 26.58 2.57 27.54
CA ILE B 222 26.82 1.27 26.92
C ILE B 222 27.95 1.36 25.92
N THR B 223 28.98 0.55 26.10
CA THR B 223 30.11 0.58 25.17
C THR B 223 30.34 -0.77 24.50
N ASN B 224 30.42 -0.73 23.18
CA ASN B 224 30.66 -1.91 22.36
C ASN B 224 32.15 -2.18 22.23
N SER B 225 32.57 -3.39 22.61
CA SER B 225 33.97 -3.79 22.50
C SER B 225 34.36 -4.05 21.05
N ASN B 226 33.34 -4.27 20.21
CA ASN B 226 33.52 -4.60 18.80
C ASN B 226 34.37 -5.84 18.59
N VAL B 227 34.23 -6.81 19.50
CA VAL B 227 34.80 -8.13 19.31
C VAL B 227 33.74 -9.19 19.63
N ARG B 228 33.96 -10.40 19.14
CA ARG B 228 33.12 -11.54 19.49
C ARG B 228 33.91 -12.82 19.29
N HIS B 229 34.48 -13.35 20.37
CA HIS B 229 35.26 -14.57 20.30
C HIS B 229 34.37 -15.75 19.92
N SER B 230 34.97 -16.74 19.26
CA SER B 230 34.23 -17.91 18.79
C SER B 230 33.70 -18.75 19.95
N LEU B 231 34.26 -18.54 21.14
CA LEU B 231 33.81 -19.25 22.32
C LEU B 231 32.42 -18.80 22.76
N ALA B 232 31.96 -17.67 22.20
CA ALA B 232 30.67 -17.10 22.57
C ALA B 232 29.52 -18.08 22.31
N SER B 233 29.39 -18.52 21.07
CA SER B 233 28.27 -19.38 20.69
C SER B 233 28.48 -20.82 21.14
N SER B 234 29.72 -21.16 21.48
CA SER B 234 30.06 -22.55 21.79
C SER B 234 30.05 -22.85 23.29
N GLU B 235 30.39 -21.86 24.11
CA GLU B 235 30.47 -22.09 25.55
C GLU B 235 29.14 -21.84 26.27
N TYR B 236 28.24 -21.10 25.61
CA TYR B 236 26.93 -20.82 26.21
C TYR B 236 26.13 -22.11 26.51
N PRO B 237 26.07 -23.06 25.57
CA PRO B 237 25.38 -24.30 25.97
C PRO B 237 26.13 -25.07 27.06
N VAL B 238 27.45 -24.95 27.10
CA VAL B 238 28.27 -25.67 28.06
C VAL B 238 27.96 -25.19 29.48
N ARG B 239 27.77 -23.89 29.63
CA ARG B 239 27.39 -23.32 30.92
C ARG B 239 26.02 -23.81 31.35
N ARG B 240 25.10 -23.94 30.39
CA ARG B 240 23.74 -24.38 30.69
C ARG B 240 23.72 -25.82 31.21
N ARG B 241 24.38 -26.72 30.49
CA ARG B 241 24.40 -28.12 30.89
C ARG B 241 25.09 -28.32 32.24
N GLN B 242 26.06 -27.47 32.53
CA GLN B 242 26.76 -27.55 33.81
C GLN B 242 25.84 -27.19 34.97
N CYS B 243 25.07 -26.11 34.79
CA CYS B 243 24.11 -25.68 35.79
C CYS B 243 23.05 -26.75 36.06
N GLU B 244 22.53 -27.34 34.99
CA GLU B 244 21.45 -28.30 35.09
C GLU B 244 21.91 -29.59 35.77
N GLU B 245 23.18 -29.92 35.62
CA GLU B 245 23.76 -31.12 36.23
C GLU B 245 23.89 -30.97 37.74
N VAL B 246 24.28 -29.78 38.18
CA VAL B 246 24.37 -29.47 39.60
C VAL B 246 22.99 -29.62 40.24
N ALA B 247 21.97 -29.10 39.57
CA ALA B 247 20.59 -29.21 40.02
C ALA B 247 20.11 -30.66 40.01
N ARG B 248 20.57 -31.41 39.01
CA ARG B 248 20.17 -32.81 38.86
C ARG B 248 20.75 -33.69 39.97
N ALA B 249 21.77 -33.19 40.65
CA ALA B 249 22.48 -33.98 41.65
C ALA B 249 22.48 -33.33 43.03
N LEU B 250 21.78 -32.20 43.17
CA LEU B 250 21.72 -31.51 44.45
C LEU B 250 20.32 -31.52 45.04
N GLY B 251 19.41 -32.25 44.40
CA GLY B 251 18.03 -32.28 44.83
C GLY B 251 17.38 -30.93 44.67
N ALA B 252 17.29 -30.48 43.42
CA ALA B 252 16.71 -29.18 43.10
C ALA B 252 16.30 -29.12 41.64
N ALA B 253 15.07 -28.71 41.37
CA ALA B 253 14.58 -28.60 40.02
C ALA B 253 15.23 -27.42 39.29
N SER B 254 15.90 -26.58 40.06
CA SER B 254 16.57 -25.40 39.52
C SER B 254 17.59 -24.86 40.51
N LEU B 255 18.50 -24.02 40.03
CA LEU B 255 19.47 -23.38 40.91
C LEU B 255 18.82 -22.25 41.71
N ARG B 256 17.69 -21.76 41.21
CA ARG B 256 16.87 -20.77 41.90
C ARG B 256 16.56 -21.20 43.34
N GLU B 257 16.09 -22.44 43.49
CA GLU B 257 15.72 -22.97 44.79
C GLU B 257 16.94 -23.14 45.69
N VAL B 258 18.09 -23.39 45.07
CA VAL B 258 19.34 -23.55 45.81
C VAL B 258 19.81 -22.22 46.38
N GLN B 259 20.00 -22.17 47.69
CA GLN B 259 20.57 -21.00 48.33
C GLN B 259 22.07 -21.20 48.50
N LEU B 260 22.78 -20.09 48.69
CA LEU B 260 24.22 -20.11 48.88
C LEU B 260 24.63 -21.09 49.98
N GLU B 261 23.93 -21.03 51.12
CA GLU B 261 24.21 -21.88 52.26
C GLU B 261 24.01 -23.35 51.93
N GLU B 262 22.92 -23.64 51.21
CA GLU B 262 22.59 -25.01 50.84
C GLU B 262 23.69 -25.65 50.00
N LEU B 263 24.24 -24.87 49.07
CA LEU B 263 25.29 -25.35 48.18
C LEU B 263 26.66 -25.31 48.85
N GLU B 264 26.73 -24.63 49.99
CA GLU B 264 27.96 -24.62 50.78
C GLU B 264 28.19 -26.00 51.40
N ALA B 265 27.19 -26.47 52.14
CA ALA B 265 27.23 -27.79 52.77
C ALA B 265 27.31 -28.88 51.71
N ALA B 266 26.24 -29.02 50.93
CA ALA B 266 26.19 -30.02 49.86
C ALA B 266 27.16 -29.69 48.74
N ARG B 267 28.13 -30.57 48.53
CA ARG B 267 29.06 -30.47 47.41
C ARG B 267 29.35 -31.86 46.86
N ASP B 268 28.29 -32.66 46.73
CA ASP B 268 28.38 -34.00 46.18
C ASP B 268 28.00 -34.01 44.70
N LEU B 269 28.72 -34.79 43.91
CA LEU B 269 28.50 -34.92 42.46
C LEU B 269 28.63 -33.59 41.72
N VAL B 270 29.04 -32.55 42.44
CA VAL B 270 29.30 -31.25 41.84
C VAL B 270 30.80 -31.04 41.72
N SER B 271 31.27 -30.83 40.50
CA SER B 271 32.70 -30.68 40.23
C SER B 271 33.27 -29.40 40.85
N LYS B 272 34.55 -29.16 40.60
CA LYS B 272 35.17 -27.91 41.00
C LYS B 272 34.67 -26.81 40.09
N GLU B 273 34.62 -27.13 38.80
CA GLU B 273 33.97 -26.28 37.83
C GLU B 273 32.51 -26.06 38.22
N GLY B 274 31.84 -27.16 38.55
CA GLY B 274 30.41 -27.15 38.83
C GLY B 274 29.97 -26.47 40.11
N PHE B 275 30.82 -26.51 41.14
CA PHE B 275 30.54 -25.79 42.37
C PHE B 275 30.65 -24.31 42.11
N ARG B 276 31.73 -23.93 41.41
CA ARG B 276 31.81 -22.60 40.84
C ARG B 276 30.72 -22.51 39.76
N ARG B 277 30.59 -21.34 39.14
CA ARG B 277 29.46 -21.06 38.24
C ARG B 277 28.13 -21.06 39.02
N ALA B 278 27.91 -22.11 39.81
CA ALA B 278 26.76 -22.16 40.71
C ALA B 278 26.86 -21.06 41.76
N ARG B 279 28.09 -20.78 42.20
CA ARG B 279 28.34 -19.72 43.17
C ARG B 279 28.02 -18.37 42.52
N HIS B 280 28.29 -18.27 41.23
CA HIS B 280 27.89 -17.08 40.48
C HIS B 280 26.38 -16.98 40.39
N VAL B 281 25.73 -18.07 39.96
CA VAL B 281 24.30 -18.05 39.69
C VAL B 281 23.50 -17.75 40.94
N VAL B 282 23.64 -18.60 41.94
CA VAL B 282 22.97 -18.44 43.21
C VAL B 282 23.27 -17.06 43.80
N GLY B 283 24.54 -16.65 43.70
CA GLY B 283 24.92 -15.31 44.11
C GLY B 283 24.25 -14.23 43.29
N GLU B 284 24.33 -14.35 41.96
CA GLU B 284 23.81 -13.35 41.03
C GLU B 284 22.34 -13.08 41.26
N ILE B 285 21.57 -14.15 41.46
CA ILE B 285 20.15 -14.04 41.77
C ILE B 285 19.91 -13.07 42.94
N ARG B 286 20.72 -13.22 43.99
CA ARG B 286 20.60 -12.37 45.18
C ARG B 286 21.02 -10.92 44.92
N ARG B 287 22.11 -10.74 44.20
CA ARG B 287 22.58 -9.40 43.87
C ARG B 287 21.57 -8.61 43.03
N THR B 288 20.79 -9.30 42.21
CA THR B 288 19.80 -8.63 41.37
C THR B 288 18.59 -8.21 42.19
N ALA B 289 18.12 -9.11 43.05
CA ALA B 289 17.06 -8.76 44.00
C ALA B 289 17.45 -7.55 44.82
N GLN B 290 18.73 -7.48 45.20
CA GLN B 290 19.26 -6.34 45.96
C GLN B 290 19.37 -5.10 45.08
N ALA B 291 19.87 -5.29 43.86
CA ALA B 291 19.99 -4.19 42.91
C ALA B 291 18.62 -3.56 42.66
N ALA B 292 17.60 -4.42 42.56
CA ALA B 292 16.24 -3.95 42.35
C ALA B 292 15.77 -3.17 43.57
N ALA B 293 15.96 -3.75 44.75
CA ALA B 293 15.60 -3.07 45.99
C ALA B 293 16.37 -1.76 46.11
N ALA B 294 17.64 -1.78 45.72
CA ALA B 294 18.48 -0.59 45.76
C ALA B 294 17.97 0.46 44.79
N LEU B 295 17.54 0.02 43.61
CA LEU B 295 16.98 0.92 42.61
C LEU B 295 15.73 1.62 43.12
N ARG B 296 14.85 0.86 43.78
CA ARG B 296 13.64 1.41 44.36
C ARG B 296 13.98 2.45 45.44
N ARG B 297 15.04 2.18 46.19
CA ARG B 297 15.48 3.09 47.25
C ARG B 297 16.36 4.21 46.69
N GLY B 298 16.73 4.10 45.42
CA GLY B 298 17.54 5.11 44.76
C GLY B 298 19.00 5.15 45.18
N ASP B 299 19.45 4.09 45.85
CA ASP B 299 20.86 4.01 46.25
C ASP B 299 21.69 3.41 45.12
N TYR B 300 22.14 4.28 44.22
CA TYR B 300 22.92 3.88 43.07
C TYR B 300 24.30 3.36 43.45
N ARG B 301 24.73 3.70 44.66
CA ARG B 301 26.00 3.24 45.20
C ARG B 301 25.96 1.74 45.47
N ALA B 302 24.89 1.26 46.08
CA ALA B 302 24.70 -0.17 46.27
C ALA B 302 24.61 -0.88 44.91
N PHE B 303 23.77 -0.34 44.02
CA PHE B 303 23.60 -0.90 42.69
C PHE B 303 24.91 -0.88 41.92
N GLY B 304 25.56 0.28 41.91
CA GLY B 304 26.82 0.44 41.21
C GLY B 304 27.88 -0.53 41.68
N ARG B 305 27.95 -0.75 42.99
CA ARG B 305 28.91 -1.68 43.56
C ARG B 305 28.47 -3.12 43.29
N LEU B 306 27.16 -3.33 43.25
CA LEU B 306 26.60 -4.65 42.99
C LEU B 306 26.88 -5.09 41.55
N MET B 307 26.96 -4.12 40.64
CA MET B 307 27.28 -4.41 39.23
C MET B 307 28.70 -4.91 39.09
N VAL B 308 29.60 -4.35 39.89
CA VAL B 308 31.00 -4.72 39.82
C VAL B 308 31.19 -6.13 40.33
N GLU B 309 30.51 -6.46 41.43
CA GLU B 309 30.54 -7.80 41.98
C GLU B 309 29.97 -8.79 40.97
N SER B 310 28.99 -8.33 40.19
CA SER B 310 28.42 -9.13 39.12
C SER B 310 29.49 -9.47 38.08
N HIS B 311 30.23 -8.46 37.64
CA HIS B 311 31.28 -8.65 36.63
C HIS B 311 32.37 -9.58 37.12
N ARG B 312 32.86 -9.33 38.34
CA ARG B 312 33.94 -10.13 38.92
C ARG B 312 33.54 -11.58 39.02
N SER B 313 32.29 -11.82 39.39
CA SER B 313 31.75 -13.16 39.45
C SER B 313 31.67 -13.77 38.04
N LEU B 314 31.27 -12.96 37.06
CA LEU B 314 31.20 -13.41 35.68
C LEU B 314 32.59 -13.71 35.13
N ARG B 315 33.58 -12.91 35.54
CA ARG B 315 34.94 -13.08 35.05
C ARG B 315 35.68 -14.22 35.75
N ASP B 316 35.55 -14.29 37.07
CA ASP B 316 36.33 -15.25 37.84
C ASP B 316 35.60 -16.56 38.12
N ASP B 317 34.28 -16.51 38.27
CA ASP B 317 33.54 -17.70 38.68
C ASP B 317 32.80 -18.39 37.54
N TYR B 318 32.15 -17.62 36.68
CA TYR B 318 31.40 -18.19 35.57
C TYR B 318 32.27 -18.29 34.32
N GLU B 319 33.36 -17.55 34.34
CA GLU B 319 34.34 -17.54 33.24
C GLU B 319 33.67 -17.32 31.89
N VAL B 320 33.03 -16.17 31.73
CA VAL B 320 32.35 -15.84 30.49
C VAL B 320 32.67 -14.41 30.07
N SER B 321 33.69 -13.84 30.69
CA SER B 321 34.19 -12.54 30.28
C SER B 321 35.29 -12.72 29.23
N CYS B 322 36.05 -11.65 29.00
CA CYS B 322 37.17 -11.68 28.07
C CYS B 322 38.01 -10.43 28.34
N PRO B 323 39.31 -10.47 28.02
CA PRO B 323 40.20 -9.34 28.35
C PRO B 323 39.69 -7.99 27.85
N GLU B 324 39.05 -7.98 26.68
CA GLU B 324 38.45 -6.76 26.16
C GLU B 324 37.40 -6.20 27.12
N LEU B 325 36.51 -7.06 27.61
CA LEU B 325 35.48 -6.64 28.55
C LEU B 325 36.11 -6.14 29.86
N ASP B 326 37.14 -6.83 30.32
CA ASP B 326 37.79 -6.45 31.57
C ASP B 326 38.55 -5.14 31.42
N GLN B 327 39.20 -4.97 30.28
CA GLN B 327 39.91 -3.73 29.98
C GLN B 327 38.92 -2.58 29.86
N LEU B 328 37.70 -2.88 29.45
CA LEU B 328 36.64 -1.87 29.37
C LEU B 328 36.06 -1.56 30.75
N VAL B 329 35.77 -2.60 31.53
CA VAL B 329 35.15 -2.42 32.83
C VAL B 329 36.05 -1.63 33.79
N GLU B 330 37.28 -2.10 33.99
CA GLU B 330 38.21 -1.48 34.92
C GLU B 330 38.60 -0.06 34.47
N ALA B 331 38.55 0.17 33.16
CA ALA B 331 38.86 1.49 32.61
C ALA B 331 37.83 2.50 33.07
N ALA B 332 36.56 2.13 32.94
CA ALA B 332 35.48 3.01 33.35
C ALA B 332 35.33 3.02 34.87
N LEU B 333 35.71 1.91 35.49
CA LEU B 333 35.50 1.71 36.93
C LEU B 333 36.40 2.63 37.77
N ALA B 334 37.35 3.28 37.13
CA ALA B 334 38.24 4.20 37.82
C ALA B 334 37.88 5.65 37.52
N VAL B 335 36.94 5.84 36.59
CA VAL B 335 36.51 7.18 36.20
C VAL B 335 35.59 7.81 37.23
N PRO B 336 35.92 9.03 37.69
CA PRO B 336 35.17 9.75 38.72
C PRO B 336 33.75 10.15 38.26
N GLY B 337 32.74 9.56 38.90
CA GLY B 337 31.37 9.79 38.51
C GLY B 337 30.68 8.50 38.11
N VAL B 338 31.45 7.41 38.13
CA VAL B 338 30.93 6.08 37.79
C VAL B 338 30.50 5.31 39.04
N TYR B 339 29.23 4.95 39.10
CA TYR B 339 28.73 4.13 40.20
C TYR B 339 29.20 2.69 40.05
N GLY B 340 29.14 2.18 38.82
CA GLY B 340 29.54 0.80 38.57
C GLY B 340 29.58 0.46 37.09
N SER B 341 30.22 -0.66 36.78
CA SER B 341 30.35 -1.11 35.40
C SER B 341 30.51 -2.62 35.36
N ARG B 342 30.04 -3.22 34.27
CA ARG B 342 30.05 -4.66 34.13
C ARG B 342 29.75 -5.06 32.70
N MET B 343 30.22 -6.25 32.32
CA MET B 343 29.82 -6.83 31.04
C MET B 343 28.31 -7.05 31.07
N THR B 344 27.70 -7.13 29.89
CA THR B 344 26.27 -7.46 29.82
C THR B 344 26.05 -8.41 28.68
N GLY B 345 24.98 -9.21 28.78
CA GLY B 345 24.69 -10.19 27.75
C GLY B 345 25.44 -11.48 28.00
N GLY B 346 25.61 -12.27 26.94
CA GLY B 346 26.19 -13.60 27.07
C GLY B 346 27.67 -13.55 27.40
N GLY B 347 28.34 -12.49 26.97
CA GLY B 347 29.76 -12.36 27.22
C GLY B 347 30.63 -12.82 26.08
N PHE B 348 31.90 -13.10 26.39
CA PHE B 348 32.93 -13.44 25.41
C PHE B 348 33.03 -12.38 24.32
N GLY B 349 32.73 -11.14 24.68
CA GLY B 349 32.67 -10.05 23.74
C GLY B 349 31.38 -9.29 23.95
N GLY B 350 31.04 -8.39 23.03
CA GLY B 350 29.84 -7.59 23.15
C GLY B 350 30.06 -6.30 23.91
N CYS B 351 29.06 -5.90 24.68
CA CYS B 351 29.09 -4.61 25.36
C CYS B 351 29.23 -4.73 26.86
N THR B 352 29.72 -3.67 27.49
CA THR B 352 29.60 -3.51 28.94
C THR B 352 28.51 -2.48 29.19
N VAL B 353 28.09 -2.37 30.45
CA VAL B 353 27.10 -1.36 30.82
C VAL B 353 27.60 -0.62 32.06
N THR B 354 27.53 0.72 32.01
CA THR B 354 28.06 1.55 33.09
C THR B 354 27.04 2.59 33.56
N LEU B 355 26.69 2.53 34.84
CA LEU B 355 25.80 3.53 35.43
C LEU B 355 26.62 4.71 35.96
N LEU B 356 26.81 5.72 35.11
CA LEU B 356 27.55 6.91 35.51
C LEU B 356 26.61 8.11 35.67
N GLU B 357 26.99 9.05 36.52
CA GLU B 357 26.26 10.31 36.63
C GLU B 357 26.34 11.01 35.26
N ALA B 358 25.20 11.52 34.81
CA ALA B 358 25.09 12.05 33.45
C ALA B 358 26.08 13.17 33.14
N SER B 359 26.51 13.88 34.19
CA SER B 359 27.49 14.95 34.03
C SER B 359 28.82 14.43 33.49
N ALA B 360 29.13 13.18 33.81
CA ALA B 360 30.33 12.53 33.28
C ALA B 360 30.00 11.66 32.08
N ALA B 361 30.13 12.22 30.88
CA ALA B 361 29.83 11.48 29.66
C ALA B 361 30.67 11.95 28.47
N PRO B 362 30.81 13.28 28.27
CA PRO B 362 31.72 13.69 27.19
C PRO B 362 33.17 13.29 27.44
N HIS B 363 33.59 13.29 28.70
CA HIS B 363 34.97 12.94 29.03
C HIS B 363 35.12 11.44 29.24
N ALA B 364 34.03 10.78 29.63
CA ALA B 364 33.99 9.32 29.71
C ALA B 364 34.25 8.72 28.33
N MET B 365 33.54 9.26 27.33
CA MET B 365 33.72 8.83 25.95
C MET B 365 35.09 9.24 25.44
N ARG B 366 35.64 10.31 25.99
CA ARG B 366 37.01 10.68 25.70
C ARG B 366 37.94 9.63 26.30
N HIS B 367 37.91 9.52 27.62
CA HIS B 367 38.82 8.65 28.37
C HIS B 367 38.77 7.20 27.93
N ILE B 368 37.56 6.64 27.82
CA ILE B 368 37.41 5.22 27.49
C ILE B 368 37.99 4.87 26.12
N GLN B 369 37.74 5.72 25.13
CA GLN B 369 38.26 5.51 23.77
C GLN B 369 39.77 5.46 23.74
N GLU B 370 40.42 6.40 24.42
CA GLU B 370 41.87 6.49 24.39
C GLU B 370 42.57 5.50 25.32
N HIS B 371 41.78 4.70 26.05
CA HIS B 371 42.36 3.73 26.98
C HIS B 371 41.84 2.31 26.78
N TYR B 372 41.17 2.08 25.64
CA TYR B 372 40.75 0.73 25.27
C TYR B 372 41.56 0.26 24.07
N GLY B 373 42.04 -0.97 24.14
CA GLY B 373 42.86 -1.53 23.08
C GLY B 373 42.21 -1.57 21.71
N GLY B 374 40.95 -1.97 21.66
CA GLY B 374 40.24 -2.08 20.41
C GLY B 374 39.45 -0.83 20.07
N THR B 375 38.43 -0.99 19.23
CA THR B 375 37.57 0.11 18.83
C THR B 375 36.32 0.21 19.72
N ALA B 376 36.12 1.38 20.32
CA ALA B 376 34.95 1.61 21.16
C ALA B 376 33.79 2.23 20.38
N THR B 377 32.57 1.86 20.77
CA THR B 377 31.37 2.49 20.24
C THR B 377 30.39 2.72 21.39
N PHE B 378 29.92 3.95 21.53
CA PHE B 378 29.10 4.30 22.68
C PHE B 378 27.63 4.52 22.35
N TYR B 379 26.79 4.17 23.32
CA TYR B 379 25.39 4.54 23.31
C TYR B 379 25.05 5.11 24.69
N LEU B 380 24.55 6.34 24.72
CA LEU B 380 24.00 6.91 25.95
C LEU B 380 22.51 6.62 25.95
N SER B 381 22.12 5.55 26.63
CA SER B 381 20.82 4.94 26.40
C SER B 381 19.72 5.34 27.38
N GLN B 382 18.57 5.68 26.82
CA GLN B 382 17.36 5.91 27.60
C GLN B 382 16.59 4.59 27.74
N ALA B 383 15.98 4.38 28.90
CA ALA B 383 15.07 3.27 29.08
C ALA B 383 13.88 3.47 28.14
N ALA B 384 13.62 2.48 27.30
CA ALA B 384 12.71 2.69 26.17
C ALA B 384 11.51 1.74 26.14
N ASP B 385 10.54 2.09 25.30
CA ASP B 385 9.34 1.28 25.09
C ASP B 385 9.64 -0.09 24.50
N GLY B 386 8.72 -1.02 24.68
CA GLY B 386 8.81 -2.33 24.08
C GLY B 386 8.21 -2.33 22.68
N ALA B 387 7.69 -3.47 22.26
CA ALA B 387 7.15 -3.65 20.91
C ALA B 387 6.03 -2.65 20.64
N LYS B 388 6.10 -1.99 19.48
CA LYS B 388 5.13 -0.96 19.15
C LYS B 388 4.59 -1.11 17.72
N VAL B 389 3.36 -0.67 17.53
CA VAL B 389 2.72 -0.67 16.23
C VAL B 389 2.42 0.75 15.80
N LEU B 390 2.59 1.03 14.51
CA LEU B 390 2.15 2.28 13.93
C LEU B 390 1.47 1.98 12.60
N CYS B 391 0.15 2.18 12.54
CA CYS B 391 -0.58 1.94 11.31
C CYS B 391 -0.19 3.01 10.28
N LEU B 392 0.07 2.57 9.05
CA LEU B 392 0.55 3.48 8.01
C LEU B 392 -0.54 3.77 6.98
N ALA C 3 -29.28 -13.53 32.31
CA ALA C 3 -28.62 -12.88 33.44
C ALA C 3 -27.15 -12.64 33.15
N LEU C 4 -26.49 -13.62 32.53
CA LEU C 4 -25.10 -13.48 32.13
C LEU C 4 -25.04 -12.70 30.82
N ARG C 5 -23.90 -12.06 30.53
CA ARG C 5 -23.83 -11.15 29.40
C ARG C 5 -23.10 -11.75 28.18
N GLN C 6 -21.91 -12.28 28.41
CA GLN C 6 -21.05 -12.82 27.34
C GLN C 6 -20.69 -11.74 26.32
N PRO C 7 -19.49 -11.15 26.48
CA PRO C 7 -19.02 -9.98 25.73
C PRO C 7 -18.90 -10.19 24.22
N GLN C 8 -18.05 -11.13 23.81
CA GLN C 8 -17.72 -11.36 22.40
C GLN C 8 -17.10 -10.11 21.77
N VAL C 9 -15.77 -10.08 21.72
CA VAL C 9 -15.05 -8.94 21.16
C VAL C 9 -15.27 -8.81 19.66
N ALA C 10 -15.35 -9.95 18.98
CA ALA C 10 -15.58 -9.98 17.53
C ALA C 10 -16.83 -9.21 17.15
N GLU C 11 -17.89 -9.39 17.94
CA GLU C 11 -19.15 -8.70 17.72
C GLU C 11 -18.99 -7.19 17.81
N LEU C 12 -18.23 -6.73 18.80
CA LEU C 12 -17.99 -5.30 19.01
C LEU C 12 -17.37 -4.63 17.79
N LEU C 13 -16.25 -5.18 17.33
CA LEU C 13 -15.51 -4.62 16.21
C LEU C 13 -16.33 -4.63 14.93
N ALA C 14 -17.02 -5.74 14.68
CA ALA C 14 -17.87 -5.86 13.51
C ALA C 14 -18.96 -4.79 13.52
N GLU C 15 -19.53 -4.53 14.68
CA GLU C 15 -20.56 -3.50 14.80
C GLU C 15 -19.97 -2.12 14.50
N ALA C 16 -18.86 -1.80 15.15
CA ALA C 16 -18.19 -0.53 14.95
C ALA C 16 -17.79 -0.33 13.49
N ARG C 17 -17.29 -1.40 12.87
CA ARG C 17 -16.88 -1.34 11.48
C ARG C 17 -18.08 -1.05 10.57
N ARG C 18 -19.20 -1.72 10.84
CA ARG C 18 -20.43 -1.51 10.08
C ARG C 18 -20.97 -0.10 10.23
N ALA C 19 -20.90 0.45 11.44
CA ALA C 19 -21.43 1.78 11.71
C ALA C 19 -20.58 2.88 11.06
N PHE C 20 -19.26 2.75 11.14
CA PHE C 20 -18.35 3.71 10.52
C PHE C 20 -18.57 3.75 9.01
N ARG C 21 -18.71 2.58 8.41
CA ARG C 21 -18.89 2.44 6.98
C ARG C 21 -20.15 3.15 6.51
N GLU C 22 -21.25 2.90 7.20
CA GLU C 22 -22.56 3.43 6.81
C GLU C 22 -22.61 4.96 6.84
N GLU C 23 -21.98 5.56 7.83
CA GLU C 23 -22.10 7.00 8.05
C GLU C 23 -21.05 7.82 7.30
N PHE C 24 -19.86 7.27 7.14
CA PHE C 24 -18.75 8.03 6.58
C PHE C 24 -18.39 7.61 5.16
N GLY C 25 -18.93 6.48 4.71
CA GLY C 25 -18.73 6.05 3.34
C GLY C 25 -17.72 4.93 3.18
N ALA C 26 -16.46 5.22 3.48
CA ALA C 26 -15.39 4.25 3.26
C ALA C 26 -15.10 3.41 4.50
N GLU C 27 -14.19 2.45 4.35
CA GLU C 27 -13.73 1.64 5.45
C GLU C 27 -12.87 2.47 6.39
N PRO C 28 -12.91 2.15 7.70
CA PRO C 28 -12.00 2.81 8.63
C PRO C 28 -10.59 2.27 8.45
N GLU C 29 -9.59 3.12 8.67
CA GLU C 29 -8.20 2.70 8.58
C GLU C 29 -7.73 1.96 9.82
N LEU C 30 -8.28 2.32 10.99
CA LEU C 30 -7.71 1.91 12.28
C LEU C 30 -8.69 1.33 13.29
N ALA C 31 -8.17 0.51 14.19
CA ALA C 31 -8.95 0.03 15.32
C ALA C 31 -8.13 0.03 16.61
N VAL C 32 -8.66 0.66 17.64
CA VAL C 32 -8.05 0.56 18.96
C VAL C 32 -9.09 0.15 20.00
N SER C 33 -8.63 -0.45 21.08
CA SER C 33 -9.53 -0.83 22.17
C SER C 33 -8.87 -0.60 23.53
N ALA C 34 -9.70 -0.40 24.54
CA ALA C 34 -9.24 -0.27 25.91
C ALA C 34 -10.30 -0.84 26.85
N PRO C 35 -9.89 -1.71 27.78
CA PRO C 35 -10.81 -2.47 28.64
C PRO C 35 -11.39 -1.70 29.82
N GLY C 36 -12.52 -2.22 30.32
CA GLY C 36 -13.02 -1.83 31.62
C GLY C 36 -12.17 -2.47 32.69
N ARG C 37 -12.51 -2.24 33.95
CA ARG C 37 -11.68 -2.67 35.07
C ARG C 37 -12.49 -3.26 36.23
N VAL C 38 -11.93 -4.23 36.94
CA VAL C 38 -12.45 -4.55 38.25
C VAL C 38 -11.29 -4.53 39.24
N ASN C 39 -11.53 -3.90 40.39
CA ASN C 39 -10.54 -3.85 41.46
C ASN C 39 -10.72 -5.05 42.37
N LEU C 40 -9.71 -5.92 42.43
CA LEU C 40 -9.83 -7.14 43.21
C LEU C 40 -9.80 -6.80 44.69
N ILE C 41 -8.97 -5.81 45.03
CA ILE C 41 -8.81 -5.34 46.40
C ILE C 41 -7.89 -4.14 46.39
N GLY C 42 -8.09 -3.23 47.34
CA GLY C 42 -7.32 -2.00 47.40
C GLY C 42 -8.20 -0.78 47.16
N GLU C 43 -9.38 -0.80 47.74
CA GLU C 43 -10.37 0.26 47.52
C GLU C 43 -10.07 1.51 48.33
N HIS C 44 -10.10 2.65 47.65
CA HIS C 44 -9.91 3.97 48.24
C HIS C 44 -8.55 4.12 48.90
N THR C 45 -7.53 3.58 48.22
CA THR C 45 -6.16 3.71 48.70
C THR C 45 -5.30 4.47 47.70
N ASP C 46 -5.76 4.55 46.45
CA ASP C 46 -4.91 5.07 45.38
C ASP C 46 -4.68 6.57 45.50
N TYR C 47 -5.64 7.31 46.05
CA TYR C 47 -5.39 8.72 46.31
C TYR C 47 -4.76 8.91 47.68
N ASN C 48 -4.50 7.80 48.37
CA ASN C 48 -3.77 7.81 49.63
C ASN C 48 -2.37 7.21 49.49
N GLN C 49 -1.89 7.16 48.25
CA GLN C 49 -0.57 6.61 47.92
C GLN C 49 -0.44 5.16 48.37
N GLY C 50 -1.51 4.39 48.21
CA GLY C 50 -1.51 3.02 48.69
C GLY C 50 -1.31 1.99 47.60
N LEU C 51 -1.76 0.77 47.88
CA LEU C 51 -1.67 -0.31 46.91
C LEU C 51 -3.05 -0.65 46.37
N VAL C 52 -3.17 -0.83 45.07
CA VAL C 52 -4.39 -1.34 44.48
C VAL C 52 -4.07 -2.61 43.70
N LEU C 53 -5.06 -3.49 43.54
CA LEU C 53 -4.84 -4.71 42.79
C LEU C 53 -5.95 -4.93 41.74
N PRO C 54 -6.02 -4.09 40.72
CA PRO C 54 -7.07 -4.28 39.70
C PRO C 54 -6.69 -5.27 38.61
N MET C 55 -7.69 -5.74 37.86
CA MET C 55 -7.41 -6.49 36.65
C MET C 55 -8.31 -5.97 35.53
N ALA C 56 -7.85 -6.06 34.29
CA ALA C 56 -8.66 -5.59 33.17
C ALA C 56 -9.74 -6.61 32.81
N LEU C 57 -10.93 -6.12 32.45
CA LEU C 57 -12.04 -6.99 32.11
C LEU C 57 -12.16 -7.22 30.60
N GLU C 58 -12.88 -8.26 30.22
CA GLU C 58 -13.10 -8.56 28.81
C GLU C 58 -14.11 -7.60 28.18
N LEU C 59 -14.76 -6.81 29.02
CA LEU C 59 -15.58 -5.69 28.56
C LEU C 59 -14.65 -4.58 28.10
N MET C 60 -14.99 -3.90 27.01
CA MET C 60 -14.09 -2.89 26.45
C MET C 60 -14.79 -1.82 25.61
N THR C 61 -14.11 -0.70 25.42
CA THR C 61 -14.54 0.32 24.46
C THR C 61 -13.67 0.22 23.22
N VAL C 62 -14.31 0.17 22.05
CA VAL C 62 -13.57 0.04 20.80
C VAL C 62 -13.73 1.31 19.97
N LEU C 63 -12.63 1.79 19.42
CA LEU C 63 -12.67 2.90 18.48
C LEU C 63 -12.17 2.47 17.10
N VAL C 64 -13.02 2.60 16.09
CA VAL C 64 -12.56 2.47 14.71
C VAL C 64 -12.58 3.84 14.06
N GLY C 65 -11.58 4.13 13.27
CA GLY C 65 -11.50 5.44 12.64
C GLY C 65 -10.42 5.65 11.62
N SER C 66 -10.25 6.91 11.23
CA SER C 66 -9.33 7.29 10.17
C SER C 66 -8.92 8.76 10.30
N PRO C 67 -7.67 9.08 9.90
CA PRO C 67 -7.20 10.47 9.92
C PRO C 67 -7.99 11.39 8.99
N ARG C 68 -7.85 12.69 9.21
CA ARG C 68 -8.55 13.68 8.39
C ARG C 68 -7.67 14.91 8.15
N LEU C 72 -13.20 18.34 10.88
CA LEU C 72 -12.04 18.04 11.70
C LEU C 72 -12.27 16.79 12.55
N VAL C 73 -13.00 16.93 13.65
CA VAL C 73 -13.28 15.80 14.53
C VAL C 73 -14.76 15.46 14.57
N SER C 74 -15.16 14.43 13.85
CA SER C 74 -16.55 13.98 13.85
C SER C 74 -16.68 12.61 14.51
N LEU C 75 -17.59 12.50 15.47
CA LEU C 75 -17.73 11.29 16.28
C LEU C 75 -19.14 10.69 16.22
N LEU C 76 -19.21 9.37 16.18
CA LEU C 76 -20.48 8.66 16.28
C LEU C 76 -20.37 7.56 17.33
N THR C 77 -21.41 7.41 18.14
CA THR C 77 -21.42 6.31 19.10
C THR C 77 -22.68 5.46 18.98
N THR C 78 -22.50 4.15 19.11
CA THR C 78 -23.58 3.18 19.02
C THR C 78 -24.06 2.79 20.41
N SER C 79 -23.16 2.97 21.38
CA SER C 79 -23.39 2.59 22.78
C SER C 79 -24.75 3.05 23.33
N GLU C 80 -25.59 2.08 23.70
CA GLU C 80 -26.85 2.38 24.35
C GLU C 80 -26.59 2.90 25.76
N GLY C 81 -27.31 3.95 26.14
CA GLY C 81 -27.06 4.60 27.42
C GLY C 81 -26.40 5.96 27.23
N ALA C 82 -25.65 6.09 26.14
CA ALA C 82 -25.04 7.36 25.80
C ALA C 82 -26.11 8.39 25.44
N ASP C 83 -25.98 9.59 25.99
CA ASP C 83 -26.98 10.64 25.78
C ASP C 83 -26.93 11.22 24.37
N GLU C 84 -27.93 12.02 24.04
CA GLU C 84 -28.09 12.56 22.69
C GLU C 84 -27.33 13.87 22.47
N PRO C 85 -26.85 14.09 21.24
CA PRO C 85 -26.93 13.14 20.12
C PRO C 85 -25.85 12.07 20.19
N GLN C 86 -26.05 10.98 19.47
CA GLN C 86 -25.04 9.92 19.37
C GLN C 86 -24.01 10.30 18.32
N ARG C 87 -24.05 11.55 17.89
CA ARG C 87 -23.37 12.03 16.70
C ARG C 87 -23.03 13.51 16.79
N LEU C 88 -21.74 13.85 16.70
CA LEU C 88 -21.34 15.24 16.80
C LEU C 88 -20.03 15.53 16.06
N GLN C 89 -19.81 16.82 15.76
CA GLN C 89 -18.64 17.26 15.02
C GLN C 89 -18.18 18.64 15.50
N PHE C 90 -16.91 18.73 15.90
CA PHE C 90 -16.37 19.99 16.41
C PHE C 90 -14.93 20.23 15.90
N PRO C 91 -14.49 21.50 15.86
CA PRO C 91 -13.14 21.81 15.37
C PRO C 91 -12.05 21.46 16.37
N LEU C 92 -10.85 21.20 15.85
CA LEU C 92 -9.70 20.88 16.70
C LEU C 92 -9.32 22.09 17.57
N PRO C 93 -8.89 21.82 18.81
CA PRO C 93 -8.51 22.87 19.78
C PRO C 93 -7.22 23.60 19.40
N THR C 94 -7.32 24.92 19.23
CA THR C 94 -6.15 25.73 18.91
C THR C 94 -5.53 26.30 20.19
N ALA C 95 -4.48 27.09 20.03
CA ALA C 95 -3.80 27.70 21.17
C ALA C 95 -4.56 28.93 21.68
N GLN C 96 -5.63 29.28 20.99
CA GLN C 96 -6.46 30.42 21.36
C GLN C 96 -7.76 29.96 22.01
N ARG C 97 -8.61 29.31 21.23
CA ARG C 97 -9.87 28.78 21.74
C ARG C 97 -9.72 27.33 22.18
N SER C 98 -9.56 27.13 23.48
CA SER C 98 -9.41 25.80 24.04
C SER C 98 -10.75 25.08 24.11
N LEU C 99 -10.73 23.79 24.43
CA LEU C 99 -11.95 23.00 24.53
C LEU C 99 -12.54 23.08 25.93
N GLU C 100 -13.86 23.03 26.02
CA GLU C 100 -14.56 23.11 27.30
C GLU C 100 -15.68 22.07 27.38
N PRO C 101 -15.94 21.54 28.58
CA PRO C 101 -16.99 20.54 28.80
C PRO C 101 -18.36 21.03 28.34
N GLY C 102 -19.16 20.13 27.76
CA GLY C 102 -20.45 20.52 27.22
C GLY C 102 -21.45 19.39 27.05
N THR C 103 -22.05 19.34 25.86
CA THR C 103 -23.12 18.39 25.55
C THR C 103 -22.93 17.81 24.15
N PRO C 104 -23.04 16.48 24.01
CA PRO C 104 -23.40 15.47 25.02
C PRO C 104 -22.29 15.19 26.03
N ARG C 105 -22.67 14.66 27.19
CA ARG C 105 -21.76 14.44 28.30
C ARG C 105 -20.67 13.43 27.97
N TRP C 106 -21.01 12.43 27.16
CA TRP C 106 -20.06 11.36 26.85
C TRP C 106 -18.90 11.86 26.01
N ALA C 107 -19.12 12.95 25.27
CA ALA C 107 -18.08 13.51 24.41
C ALA C 107 -17.01 14.25 25.21
N ASN C 108 -17.35 14.63 26.44
CA ASN C 108 -16.41 15.33 27.31
C ASN C 108 -15.17 14.50 27.62
N TYR C 109 -15.34 13.18 27.63
CA TYR C 109 -14.23 12.27 27.85
C TYR C 109 -13.27 12.29 26.69
N VAL C 110 -13.82 12.42 25.48
CA VAL C 110 -13.02 12.45 24.27
C VAL C 110 -12.39 13.83 24.08
N LYS C 111 -13.13 14.88 24.42
CA LYS C 111 -12.63 16.24 24.34
C LYS C 111 -11.52 16.49 25.36
N GLY C 112 -11.65 15.88 26.53
CA GLY C 112 -10.69 16.06 27.59
C GLY C 112 -9.32 15.51 27.23
N VAL C 113 -9.32 14.32 26.62
CA VAL C 113 -8.09 13.65 26.23
C VAL C 113 -7.35 14.41 25.14
N ILE C 114 -8.10 14.96 24.19
CA ILE C 114 -7.52 15.74 23.10
C ILE C 114 -6.82 17.00 23.60
N GLN C 115 -7.55 17.80 24.37
CA GLN C 115 -7.06 19.10 24.85
C GLN C 115 -5.76 18.99 25.66
N TYR C 116 -5.51 17.84 26.25
CA TYR C 116 -4.32 17.66 27.09
C TYR C 116 -3.30 16.72 26.46
N TYR C 117 -3.50 16.38 25.18
CA TYR C 117 -2.58 15.50 24.46
C TYR C 117 -1.27 16.21 24.18
N PRO C 118 -0.15 15.66 24.68
CA PRO C 118 1.16 16.33 24.68
C PRO C 118 2.04 16.01 23.47
N ALA C 119 1.47 16.04 22.27
CA ALA C 119 2.24 15.80 21.06
C ALA C 119 1.56 16.43 19.85
N ALA C 120 2.37 16.84 18.87
CA ALA C 120 1.87 17.59 17.73
C ALA C 120 2.67 17.23 16.47
N PRO C 121 2.08 17.46 15.27
CA PRO C 121 0.73 17.98 15.01
C PRO C 121 -0.36 16.93 15.15
N LEU C 122 -1.46 17.33 15.78
CA LEU C 122 -2.60 16.44 16.01
C LEU C 122 -3.70 16.73 15.00
N PRO C 123 -3.86 15.85 14.00
CA PRO C 123 -4.85 16.05 12.93
C PRO C 123 -6.27 15.81 13.41
N GLY C 124 -7.25 16.15 12.57
CA GLY C 124 -8.63 15.81 12.84
C GLY C 124 -8.83 14.35 12.49
N PHE C 125 -10.00 13.80 12.84
CA PHE C 125 -10.25 12.39 12.55
C PHE C 125 -11.73 12.02 12.56
N SER C 126 -12.05 10.95 11.85
CA SER C 126 -13.39 10.40 11.79
C SER C 126 -13.43 9.11 12.59
N ALA C 127 -14.39 8.96 13.51
CA ALA C 127 -14.37 7.82 14.42
C ALA C 127 -15.75 7.38 14.90
N VAL C 128 -15.91 6.07 15.08
CA VAL C 128 -17.10 5.51 15.72
C VAL C 128 -16.73 4.86 17.05
N VAL C 129 -17.44 5.22 18.10
CA VAL C 129 -17.19 4.70 19.43
C VAL C 129 -18.23 3.65 19.82
N VAL C 130 -17.77 2.45 20.13
CA VAL C 130 -18.65 1.39 20.61
C VAL C 130 -18.11 0.86 21.94
N SER C 131 -18.98 0.32 22.78
CA SER C 131 -18.55 -0.14 24.10
C SER C 131 -19.43 -1.25 24.68
N SER C 132 -18.80 -2.19 25.38
CA SER C 132 -19.52 -3.23 26.10
C SER C 132 -19.37 -3.04 27.62
N VAL C 133 -18.72 -1.94 28.01
CA VAL C 133 -18.63 -1.59 29.42
C VAL C 133 -19.91 -0.85 29.81
N PRO C 134 -20.62 -1.35 30.85
CA PRO C 134 -21.86 -0.68 31.26
C PRO C 134 -21.58 0.76 31.70
N LEU C 135 -22.23 1.71 31.05
CA LEU C 135 -21.98 3.12 31.32
C LEU C 135 -22.41 3.51 32.73
N GLY C 136 -21.43 3.84 33.58
CA GLY C 136 -21.70 4.25 34.95
C GLY C 136 -21.98 3.10 35.89
N GLY C 137 -21.57 1.89 35.51
CA GLY C 137 -21.85 0.71 36.30
C GLY C 137 -20.80 0.36 37.34
N GLY C 138 -19.74 1.16 37.42
CA GLY C 138 -18.68 0.92 38.38
C GLY C 138 -17.49 0.14 37.84
N LEU C 139 -17.45 -0.09 36.53
CA LEU C 139 -16.35 -0.87 35.94
C LEU C 139 -15.46 0.00 35.05
N SER C 140 -15.55 1.31 35.23
CA SER C 140 -14.67 2.29 34.59
C SER C 140 -14.89 2.39 33.08
N SER C 141 -16.09 2.79 32.68
CA SER C 141 -16.40 2.94 31.27
C SER C 141 -15.74 4.19 30.70
N SER C 142 -15.73 5.25 31.50
CA SER C 142 -15.15 6.52 31.08
C SER C 142 -13.65 6.41 30.89
N ALA C 143 -12.98 5.74 31.82
CA ALA C 143 -11.54 5.53 31.70
C ALA C 143 -11.21 4.71 30.46
N SER C 144 -12.01 3.70 30.17
CA SER C 144 -11.81 2.91 28.96
C SER C 144 -11.95 3.80 27.72
N LEU C 145 -12.96 4.67 27.73
CA LEU C 145 -13.18 5.58 26.62
C LEU C 145 -12.05 6.61 26.53
N GLU C 146 -11.60 7.10 27.68
CA GLU C 146 -10.46 8.03 27.72
C GLU C 146 -9.19 7.37 27.15
N VAL C 147 -8.88 6.18 27.63
CA VAL C 147 -7.67 5.49 27.22
C VAL C 147 -7.71 5.00 25.77
N ALA C 148 -8.88 4.55 25.32
CA ALA C 148 -9.06 4.18 23.92
C ALA C 148 -8.79 5.39 23.03
N THR C 149 -9.39 6.52 23.40
CA THR C 149 -9.22 7.76 22.66
C THR C 149 -7.74 8.15 22.60
N TYR C 150 -7.05 8.03 23.72
CA TYR C 150 -5.63 8.34 23.79
C TYR C 150 -4.83 7.44 22.84
N THR C 151 -5.12 6.14 22.90
CA THR C 151 -4.44 5.16 22.06
C THR C 151 -4.65 5.47 20.57
N PHE C 152 -5.85 5.93 20.23
CA PHE C 152 -6.17 6.28 18.85
C PHE C 152 -5.38 7.51 18.40
N LEU C 153 -5.31 8.51 19.28
CA LEU C 153 -4.54 9.72 18.98
C LEU C 153 -3.05 9.43 18.86
N GLN C 154 -2.60 8.36 19.51
CA GLN C 154 -1.21 7.93 19.42
C GLN C 154 -0.85 7.45 18.02
N GLN C 155 -1.86 6.99 17.29
CA GLN C 155 -1.64 6.47 15.95
C GLN C 155 -1.71 7.59 14.91
N LEU C 156 -2.44 8.64 15.23
CA LEU C 156 -2.52 9.81 14.35
C LEU C 156 -1.28 10.68 14.55
N CYS C 157 -0.82 10.73 15.80
CA CYS C 157 0.35 11.54 16.14
C CYS C 157 1.06 10.94 17.35
N PRO C 158 2.09 10.11 17.10
CA PRO C 158 2.84 9.43 18.15
C PRO C 158 3.38 10.38 19.22
N ASP C 159 3.20 10.01 20.48
CA ASP C 159 3.85 10.71 21.57
C ASP C 159 5.21 10.08 21.79
N SER C 160 5.86 10.44 22.89
CA SER C 160 7.11 9.79 23.27
C SER C 160 7.27 9.85 24.79
N GLY C 161 6.14 9.65 25.48
CA GLY C 161 6.12 9.74 26.92
C GLY C 161 5.98 8.39 27.60
N THR C 162 5.71 8.42 28.89
CA THR C 162 5.60 7.22 29.71
C THR C 162 4.14 6.83 29.96
N ILE C 163 3.94 5.62 30.46
CA ILE C 163 2.60 5.12 30.77
C ILE C 163 1.97 5.91 31.90
N ALA C 164 2.78 6.36 32.85
CA ALA C 164 2.29 7.18 33.95
C ALA C 164 1.79 8.52 33.42
N ALA C 165 2.56 9.10 32.49
CA ALA C 165 2.17 10.35 31.85
C ALA C 165 0.82 10.23 31.15
N ARG C 166 0.64 9.15 30.39
CA ARG C 166 -0.61 8.94 29.66
C ARG C 166 -1.81 8.77 30.59
N ALA C 167 -1.60 8.07 31.70
CA ALA C 167 -2.64 7.89 32.70
C ALA C 167 -3.05 9.22 33.32
N GLN C 168 -2.08 10.13 33.47
CA GLN C 168 -2.33 11.44 34.05
C GLN C 168 -3.15 12.34 33.11
N VAL C 169 -2.92 12.21 31.81
CA VAL C 169 -3.69 12.98 30.83
C VAL C 169 -5.16 12.55 30.87
N CYS C 170 -5.39 11.25 30.87
CA CYS C 170 -6.75 10.72 30.92
C CYS C 170 -7.40 11.06 32.27
N GLN C 171 -6.58 11.04 33.32
CA GLN C 171 -7.05 11.39 34.65
C GLN C 171 -7.43 12.87 34.73
N GLN C 172 -6.57 13.72 34.18
CA GLN C 172 -6.86 15.16 34.14
C GLN C 172 -8.14 15.43 33.37
N ALA C 173 -8.39 14.63 32.33
CA ALA C 173 -9.62 14.74 31.57
C ALA C 173 -10.83 14.39 32.44
N GLU C 174 -10.67 13.36 33.26
CA GLU C 174 -11.75 12.95 34.17
C GLU C 174 -12.03 14.04 35.21
N HIS C 175 -10.98 14.61 35.77
CA HIS C 175 -11.12 15.66 36.77
C HIS C 175 -11.68 16.96 36.18
N SER C 176 -11.21 17.33 34.99
CA SER C 176 -11.50 18.65 34.44
C SER C 176 -12.66 18.70 33.44
N PHE C 177 -13.04 17.55 32.89
CA PHE C 177 -14.11 17.51 31.89
C PHE C 177 -15.30 16.67 32.33
N ALA C 178 -15.15 15.95 33.44
CA ALA C 178 -16.23 15.11 33.95
C ALA C 178 -16.56 15.44 35.40
N GLY C 179 -15.67 16.18 36.05
CA GLY C 179 -15.89 16.64 37.40
C GLY C 179 -15.65 15.62 38.50
N MET C 180 -15.02 14.49 38.14
CA MET C 180 -14.79 13.43 39.11
C MET C 180 -13.31 13.28 39.47
N PRO C 181 -12.93 13.74 40.68
CA PRO C 181 -11.54 13.74 41.16
C PRO C 181 -11.03 12.34 41.52
N CYS C 182 -11.03 11.43 40.55
CA CYS C 182 -10.61 10.06 40.77
C CYS C 182 -9.12 9.91 41.05
N GLY C 183 -8.72 8.69 41.43
CA GLY C 183 -7.31 8.38 41.61
C GLY C 183 -6.67 8.01 40.29
N ILE C 184 -5.61 7.21 40.34
CA ILE C 184 -4.87 6.84 39.14
C ILE C 184 -5.09 5.40 38.70
N MET C 185 -5.86 4.64 39.48
CA MET C 185 -6.03 3.21 39.20
C MET C 185 -6.70 2.93 37.85
N ASP C 186 -7.92 3.45 37.68
CA ASP C 186 -8.75 3.14 36.52
C ASP C 186 -8.01 3.39 35.20
N GLN C 187 -7.22 4.46 35.14
CA GLN C 187 -6.48 4.77 33.92
C GLN C 187 -5.27 3.85 33.74
N PHE C 188 -4.54 3.61 34.83
CA PHE C 188 -3.40 2.69 34.81
C PHE C 188 -3.75 1.31 34.28
N ILE C 189 -4.75 0.68 34.89
CA ILE C 189 -5.14 -0.68 34.53
C ILE C 189 -5.65 -0.76 33.08
N SER C 190 -6.32 0.28 32.61
CA SER C 190 -6.86 0.29 31.27
C SER C 190 -5.71 0.32 30.25
N LEU C 191 -4.64 1.00 30.61
CA LEU C 191 -3.45 1.06 29.76
C LEU C 191 -2.59 -0.18 29.88
N MET C 192 -2.43 -0.68 31.11
CA MET C 192 -1.38 -1.65 31.42
C MET C 192 -1.85 -3.07 31.65
N GLY C 193 -3.15 -3.32 31.51
CA GLY C 193 -3.67 -4.67 31.69
C GLY C 193 -2.99 -5.68 30.78
N GLN C 194 -2.86 -6.90 31.28
CA GLN C 194 -2.29 -7.99 30.50
C GLN C 194 -3.12 -9.24 30.74
N LYS C 195 -3.43 -9.97 29.66
CA LYS C 195 -4.23 -11.19 29.79
C LYS C 195 -3.62 -12.17 30.78
N GLY C 196 -4.44 -12.70 31.67
CA GLY C 196 -3.96 -13.66 32.65
C GLY C 196 -3.08 -13.04 33.72
N HIS C 197 -3.19 -11.72 33.88
CA HIS C 197 -2.44 -11.02 34.91
C HIS C 197 -3.31 -10.00 35.63
N ALA C 198 -3.14 -9.92 36.94
CA ALA C 198 -3.67 -8.80 37.71
C ALA C 198 -2.56 -7.76 37.83
N LEU C 199 -2.92 -6.51 38.08
CA LEU C 199 -1.91 -5.46 38.21
C LEU C 199 -1.75 -4.98 39.65
N LEU C 200 -0.53 -5.03 40.17
CA LEU C 200 -0.24 -4.49 41.49
C LEU C 200 0.36 -3.09 41.37
N ILE C 201 -0.45 -2.07 41.62
CA ILE C 201 0.01 -0.70 41.44
C ILE C 201 0.36 -0.06 42.77
N ASP C 202 1.64 0.25 42.94
CA ASP C 202 2.09 1.03 44.07
C ASP C 202 1.88 2.50 43.70
N CYS C 203 0.88 3.13 44.29
CA CYS C 203 0.54 4.51 43.93
C CYS C 203 1.44 5.54 44.59
N ARG C 204 2.46 5.08 45.30
CA ARG C 204 3.48 5.98 45.82
C ARG C 204 4.67 6.02 44.86
N SER C 205 5.30 4.88 44.65
CA SER C 205 6.49 4.78 43.80
C SER C 205 6.12 4.73 42.32
N LEU C 206 4.82 4.54 42.04
CA LEU C 206 4.31 4.39 40.68
C LEU C 206 4.91 3.16 40.00
N GLU C 207 5.38 2.21 40.82
CA GLU C 207 5.83 0.93 40.33
C GLU C 207 4.63 0.02 40.10
N THR C 208 4.66 -0.75 39.03
CA THR C 208 3.59 -1.70 38.76
C THR C 208 4.15 -3.09 38.57
N SER C 209 3.42 -4.08 39.05
CA SER C 209 3.83 -5.47 38.88
C SER C 209 2.73 -6.27 38.20
N LEU C 210 3.12 -7.11 37.26
CA LEU C 210 2.16 -7.98 36.59
C LEU C 210 2.18 -9.34 37.25
N VAL C 211 1.14 -9.62 38.03
CA VAL C 211 1.07 -10.86 38.79
C VAL C 211 0.29 -11.91 38.03
N PRO C 212 0.93 -13.06 37.75
CA PRO C 212 0.25 -14.13 37.02
C PRO C 212 -0.98 -14.65 37.74
N LEU C 213 -2.15 -14.37 37.17
CA LEU C 213 -3.42 -14.91 37.63
C LEU C 213 -3.78 -16.07 36.72
N SER C 214 -3.01 -17.15 36.81
CA SER C 214 -3.13 -18.26 35.86
C SER C 214 -4.37 -19.12 36.11
N ASP C 215 -4.25 -20.05 37.07
CA ASP C 215 -5.22 -21.12 37.35
C ASP C 215 -6.59 -20.99 36.67
N PRO C 216 -6.80 -21.75 35.59
CA PRO C 216 -8.04 -21.73 34.79
C PRO C 216 -9.25 -22.26 35.57
N LYS C 217 -9.01 -22.97 36.66
CA LYS C 217 -10.10 -23.47 37.50
C LYS C 217 -10.67 -22.35 38.37
N LEU C 218 -10.26 -21.12 38.09
CA LEU C 218 -10.64 -19.97 38.88
C LEU C 218 -11.35 -18.92 38.04
N ALA C 219 -12.43 -18.37 38.57
CA ALA C 219 -13.17 -17.34 37.87
C ALA C 219 -13.38 -16.11 38.75
N VAL C 220 -13.60 -14.98 38.10
CA VAL C 220 -14.01 -13.76 38.77
C VAL C 220 -15.41 -13.38 38.29
N LEU C 221 -16.38 -13.40 39.20
CA LEU C 221 -17.75 -13.03 38.86
C LEU C 221 -18.02 -11.59 39.28
N ILE C 222 -18.49 -10.79 38.33
CA ILE C 222 -18.88 -9.42 38.61
C ILE C 222 -20.40 -9.35 38.66
N THR C 223 -20.93 -8.83 39.76
CA THR C 223 -22.37 -8.69 39.90
C THR C 223 -22.76 -7.23 39.99
N ASN C 224 -23.46 -6.74 38.98
CA ASN C 224 -23.98 -5.38 39.01
C ASN C 224 -25.28 -5.34 39.80
N SER C 225 -25.41 -4.35 40.66
CA SER C 225 -26.61 -4.21 41.47
C SER C 225 -27.65 -3.39 40.72
N ASN C 226 -27.23 -2.81 39.60
CA ASN C 226 -28.06 -1.93 38.80
C ASN C 226 -28.68 -0.83 39.64
N VAL C 227 -27.84 -0.24 40.49
CA VAL C 227 -28.24 0.81 41.41
C VAL C 227 -27.12 1.84 41.49
N ARG C 228 -27.49 3.12 41.55
CA ARG C 228 -26.53 4.20 41.80
C ARG C 228 -27.15 5.27 42.69
N HIS C 229 -26.46 5.61 43.77
CA HIS C 229 -26.98 6.59 44.73
C HIS C 229 -26.28 7.94 44.63
N SER C 230 -25.04 7.99 45.12
CA SER C 230 -24.27 9.23 45.16
C SER C 230 -23.24 9.29 44.03
N SER C 234 -22.35 13.52 46.25
CA SER C 234 -21.19 12.66 46.09
C SER C 234 -20.26 12.77 47.28
N GLU C 235 -20.11 11.67 48.02
CA GLU C 235 -19.33 11.67 49.25
C GLU C 235 -17.86 11.34 49.02
N TYR C 236 -17.46 11.26 47.75
CA TYR C 236 -16.07 10.97 47.41
C TYR C 236 -15.08 12.06 47.86
N PRO C 237 -15.38 13.36 47.59
CA PRO C 237 -14.43 14.37 48.05
C PRO C 237 -14.36 14.51 49.58
N VAL C 238 -15.45 14.21 50.27
CA VAL C 238 -15.49 14.30 51.72
C VAL C 238 -14.52 13.30 52.34
N ARG C 239 -14.53 12.08 51.81
CA ARG C 239 -13.61 11.03 52.23
C ARG C 239 -12.16 11.46 52.09
N ARG C 240 -11.82 12.03 50.94
CA ARG C 240 -10.47 12.47 50.64
C ARG C 240 -9.97 13.51 51.64
N ARG C 241 -10.78 14.53 51.87
CA ARG C 241 -10.45 15.57 52.85
C ARG C 241 -10.26 14.98 54.24
N GLN C 242 -11.09 13.99 54.58
CA GLN C 242 -10.97 13.31 55.86
C GLN C 242 -9.65 12.57 55.97
N CYS C 243 -9.32 11.79 54.94
CA CYS C 243 -8.07 11.04 54.92
C CYS C 243 -6.87 11.95 54.97
N GLU C 244 -6.95 13.06 54.24
CA GLU C 244 -5.87 14.05 54.24
C GLU C 244 -5.72 14.68 55.62
N GLU C 245 -6.84 14.95 56.28
CA GLU C 245 -6.85 15.61 57.60
C GLU C 245 -6.11 14.80 58.68
N VAL C 246 -6.45 13.51 58.79
CA VAL C 246 -5.79 12.64 59.76
C VAL C 246 -4.30 12.52 59.46
N ALA C 247 -3.98 12.43 58.18
CA ALA C 247 -2.59 12.33 57.73
C ALA C 247 -1.74 13.48 58.26
N ARG C 248 -2.33 14.67 58.31
CA ARG C 248 -1.65 15.84 58.85
C ARG C 248 -1.46 15.72 60.36
N ALA C 249 -2.53 15.37 61.06
CA ALA C 249 -2.52 15.27 62.52
C ALA C 249 -1.47 14.30 63.04
N LEU C 250 -1.27 13.20 62.32
CA LEU C 250 -0.26 12.22 62.69
C LEU C 250 1.11 12.59 62.10
N GLY C 251 1.14 13.71 61.38
CA GLY C 251 2.39 14.26 60.87
C GLY C 251 3.08 13.40 59.81
N ALA C 252 2.30 12.89 58.85
CA ALA C 252 2.85 12.08 57.78
C ALA C 252 2.36 12.55 56.42
N ALA C 253 3.18 12.34 55.40
CA ALA C 253 2.85 12.74 54.04
C ALA C 253 1.50 12.18 53.59
N SER C 254 1.30 10.89 53.83
CA SER C 254 0.03 10.25 53.53
C SER C 254 -0.21 9.06 54.45
N LEU C 255 -1.39 8.45 54.36
CA LEU C 255 -1.72 7.32 55.20
C LEU C 255 -0.87 6.09 54.86
N ARG C 256 -0.13 6.19 53.75
CA ARG C 256 0.85 5.18 53.38
C ARG C 256 2.04 5.20 54.35
N GLU C 257 2.27 6.37 54.96
CA GLU C 257 3.35 6.51 55.92
C GLU C 257 2.92 6.13 57.34
N VAL C 258 1.63 5.83 57.51
CA VAL C 258 1.06 5.56 58.83
C VAL C 258 0.86 4.08 59.13
N GLN C 259 1.49 3.59 60.19
CA GLN C 259 1.32 2.19 60.58
C GLN C 259 -0.01 2.00 61.33
N LEU C 260 -0.61 0.83 61.16
CA LEU C 260 -1.94 0.55 61.70
C LEU C 260 -1.95 0.54 63.22
N GLU C 261 -0.90 -0.02 63.81
CA GLU C 261 -0.82 -0.13 65.26
C GLU C 261 -0.64 1.25 65.89
N GLU C 262 0.22 2.07 65.30
CA GLU C 262 0.42 3.44 65.78
C GLU C 262 -0.86 4.26 65.69
N LEU C 263 -1.61 4.07 64.60
CA LEU C 263 -2.88 4.76 64.41
C LEU C 263 -3.88 4.49 65.53
N GLU C 264 -4.02 3.23 65.91
CA GLU C 264 -5.06 2.83 66.86
C GLU C 264 -4.78 3.35 68.28
N ALA C 265 -3.62 3.96 68.47
CA ALA C 265 -3.28 4.58 69.74
C ALA C 265 -3.32 6.11 69.65
N ALA C 266 -3.45 6.62 68.42
CA ALA C 266 -3.54 8.06 68.18
C ALA C 266 -4.99 8.51 68.16
N ARG C 267 -5.82 7.85 68.96
CA ARG C 267 -7.25 8.09 69.00
C ARG C 267 -7.66 9.45 69.58
N ASP C 268 -6.75 10.12 70.30
CA ASP C 268 -7.08 11.44 70.86
C ASP C 268 -6.55 12.59 69.99
N LEU C 269 -5.97 12.26 68.84
CA LEU C 269 -5.45 13.26 67.92
C LEU C 269 -6.42 13.60 66.80
N VAL C 270 -7.39 12.71 66.56
CA VAL C 270 -8.27 12.84 65.40
C VAL C 270 -9.74 12.61 65.76
N SER C 271 -10.62 13.10 64.90
CA SER C 271 -12.06 12.93 65.06
C SER C 271 -12.43 11.45 65.08
N LYS C 272 -13.61 11.14 65.61
CA LYS C 272 -14.06 9.74 65.63
C LYS C 272 -14.23 9.20 64.21
N GLU C 273 -14.68 10.06 63.30
CA GLU C 273 -14.96 9.66 61.92
C GLU C 273 -13.68 9.53 61.10
N GLY C 274 -12.80 10.52 61.19
CA GLY C 274 -11.53 10.49 60.50
C GLY C 274 -10.70 9.29 60.92
N PHE C 275 -10.81 8.92 62.19
CA PHE C 275 -10.11 7.74 62.70
C PHE C 275 -10.54 6.48 61.98
N ARG C 276 -11.84 6.30 61.81
CA ARG C 276 -12.38 5.13 61.15
C ARG C 276 -12.01 5.08 59.67
N ARG C 277 -12.05 6.24 59.00
CA ARG C 277 -11.68 6.32 57.59
C ARG C 277 -10.22 5.93 57.41
N ALA C 278 -9.38 6.41 58.32
CA ALA C 278 -7.95 6.14 58.26
C ALA C 278 -7.67 4.68 58.55
N ARG C 279 -8.46 4.08 59.43
CA ARG C 279 -8.28 2.67 59.76
C ARG C 279 -8.60 1.81 58.56
N HIS C 280 -9.69 2.14 57.87
CA HIS C 280 -9.98 1.43 56.63
C HIS C 280 -8.80 1.52 55.68
N VAL C 281 -8.36 2.75 55.41
CA VAL C 281 -7.29 3.01 54.45
C VAL C 281 -5.99 2.31 54.79
N VAL C 282 -5.51 2.50 56.02
CA VAL C 282 -4.24 1.90 56.47
C VAL C 282 -4.32 0.38 56.49
N GLY C 283 -5.44 -0.14 56.96
CA GLY C 283 -5.67 -1.58 56.95
C GLY C 283 -5.83 -2.12 55.54
N GLU C 284 -6.43 -1.32 54.67
CA GLU C 284 -6.63 -1.76 53.29
C GLU C 284 -5.30 -1.85 52.56
N ILE C 285 -4.41 -0.90 52.82
CA ILE C 285 -3.05 -0.95 52.27
C ILE C 285 -2.35 -2.24 52.69
N ARG C 286 -2.45 -2.57 53.98
CA ARG C 286 -1.87 -3.81 54.49
C ARG C 286 -2.49 -5.04 53.82
N ARG C 287 -3.83 -5.10 53.81
CA ARG C 287 -4.54 -6.23 53.21
C ARG C 287 -4.19 -6.43 51.72
N THR C 288 -3.95 -5.35 51.01
CA THR C 288 -3.65 -5.44 49.58
C THR C 288 -2.28 -6.08 49.35
N ALA C 289 -1.33 -5.76 50.22
CA ALA C 289 0.00 -6.37 50.13
C ALA C 289 -0.09 -7.86 50.45
N GLN C 290 -0.99 -8.21 51.35
CA GLN C 290 -1.16 -9.60 51.76
C GLN C 290 -1.94 -10.37 50.69
N ALA C 291 -2.80 -9.65 49.97
CA ALA C 291 -3.56 -10.24 48.87
C ALA C 291 -2.65 -10.64 47.71
N ALA C 292 -1.76 -9.73 47.33
CA ALA C 292 -0.78 -10.01 46.29
C ALA C 292 0.10 -11.18 46.69
N ALA C 293 0.46 -11.26 47.96
CA ALA C 293 1.27 -12.36 48.46
C ALA C 293 0.52 -13.69 48.31
N ALA C 294 -0.78 -13.64 48.55
CA ALA C 294 -1.62 -14.83 48.50
C ALA C 294 -1.80 -15.34 47.06
N LEU C 295 -1.81 -14.44 46.10
CA LEU C 295 -1.90 -14.86 44.70
C LEU C 295 -0.68 -15.68 44.31
N ARG C 296 0.50 -15.15 44.60
CA ARG C 296 1.77 -15.77 44.21
C ARG C 296 1.89 -17.23 44.63
N ARG C 297 1.35 -17.58 45.79
CA ARG C 297 1.40 -18.95 46.25
C ARG C 297 0.09 -19.70 46.00
N GLY C 298 -0.80 -19.07 45.25
CA GLY C 298 -2.07 -19.69 44.88
C GLY C 298 -3.01 -19.90 46.04
N ASP C 299 -2.87 -19.07 47.08
CA ASP C 299 -3.73 -19.19 48.26
C ASP C 299 -5.02 -18.40 48.04
N TYR C 300 -5.95 -18.99 47.31
CA TYR C 300 -7.17 -18.31 46.91
C TYR C 300 -8.16 -18.17 48.07
N ARG C 301 -8.16 -19.15 48.96
CA ARG C 301 -9.01 -19.09 50.14
C ARG C 301 -8.60 -17.92 51.03
N ALA C 302 -7.30 -17.67 51.11
CA ALA C 302 -6.80 -16.56 51.91
C ALA C 302 -7.04 -15.24 51.19
N PHE C 303 -6.94 -15.26 49.87
CA PHE C 303 -7.24 -14.08 49.07
C PHE C 303 -8.68 -13.67 49.28
N GLY C 304 -9.58 -14.64 49.20
CA GLY C 304 -11.00 -14.41 49.41
C GLY C 304 -11.34 -13.86 50.78
N ARG C 305 -10.64 -14.32 51.81
CA ARG C 305 -10.86 -13.84 53.16
C ARG C 305 -10.50 -12.36 53.26
N LEU C 306 -9.37 -11.99 52.66
CA LEU C 306 -8.94 -10.60 52.63
C LEU C 306 -9.94 -9.72 51.89
N MET C 307 -10.61 -10.29 50.87
CA MET C 307 -11.65 -9.59 50.13
C MET C 307 -12.83 -9.29 51.05
N VAL C 308 -13.27 -10.29 51.79
CA VAL C 308 -14.38 -10.12 52.72
C VAL C 308 -14.05 -9.07 53.79
N GLU C 309 -12.83 -9.13 54.32
CA GLU C 309 -12.39 -8.13 55.30
C GLU C 309 -12.40 -6.73 54.67
N SER C 310 -11.98 -6.67 53.41
CA SER C 310 -12.02 -5.43 52.65
C SER C 310 -13.43 -4.85 52.65
N HIS C 311 -14.42 -5.71 52.38
CA HIS C 311 -15.81 -5.27 52.32
C HIS C 311 -16.33 -4.80 53.68
N ARG C 312 -16.06 -5.57 54.73
CA ARG C 312 -16.54 -5.20 56.06
C ARG C 312 -15.97 -3.85 56.48
N SER C 313 -14.75 -3.57 56.03
CA SER C 313 -14.08 -2.32 56.35
C SER C 313 -14.64 -1.15 55.56
N LEU C 314 -15.00 -1.39 54.31
CA LEU C 314 -15.61 -0.36 53.48
C LEU C 314 -17.03 -0.07 53.94
N ARG C 315 -17.68 -1.09 54.48
CA ARG C 315 -19.05 -0.95 54.94
C ARG C 315 -19.11 -0.22 56.28
N ASP C 316 -18.33 -0.69 57.25
CA ASP C 316 -18.38 -0.15 58.60
C ASP C 316 -17.47 1.07 58.79
N ASP C 317 -16.19 0.93 58.48
CA ASP C 317 -15.22 2.03 58.70
C ASP C 317 -15.31 3.15 57.66
N TYR C 318 -15.23 2.81 56.37
CA TYR C 318 -15.23 3.86 55.35
C TYR C 318 -16.64 4.31 55.00
N GLU C 319 -17.62 3.42 55.21
CA GLU C 319 -19.03 3.72 54.96
C GLU C 319 -19.32 4.19 53.54
N VAL C 320 -18.90 3.39 52.56
CA VAL C 320 -19.19 3.72 51.16
C VAL C 320 -19.93 2.58 50.47
N SER C 321 -20.50 1.68 51.25
CA SER C 321 -21.30 0.60 50.69
C SER C 321 -22.78 1.00 50.71
N CYS C 322 -23.65 0.03 50.48
CA CYS C 322 -25.09 0.24 50.52
C CYS C 322 -25.77 -1.10 50.72
N PRO C 323 -27.03 -1.10 51.19
CA PRO C 323 -27.76 -2.35 51.45
C PRO C 323 -27.79 -3.30 50.26
N GLU C 324 -27.87 -2.77 49.04
CA GLU C 324 -27.83 -3.61 47.84
C GLU C 324 -26.52 -4.38 47.76
N LEU C 325 -25.41 -3.66 47.83
CA LEU C 325 -24.08 -4.28 47.77
C LEU C 325 -23.87 -5.32 48.86
N ASP C 326 -24.29 -4.99 50.09
CA ASP C 326 -24.11 -5.88 51.23
C ASP C 326 -24.90 -7.18 51.06
N GLN C 327 -26.14 -7.07 50.60
CA GLN C 327 -26.97 -8.24 50.33
C GLN C 327 -26.34 -9.12 49.26
N LEU C 328 -25.80 -8.49 48.21
CA LEU C 328 -25.14 -9.22 47.14
C LEU C 328 -23.93 -10.00 47.64
N VAL C 329 -23.11 -9.33 48.44
CA VAL C 329 -21.93 -9.93 49.04
C VAL C 329 -22.30 -11.12 49.93
N GLU C 330 -23.28 -10.91 50.81
CA GLU C 330 -23.74 -11.94 51.73
C GLU C 330 -24.29 -13.17 50.99
N ALA C 331 -25.05 -12.93 49.93
CA ALA C 331 -25.61 -14.00 49.14
C ALA C 331 -24.49 -14.85 48.53
N ALA C 332 -23.47 -14.17 48.01
CA ALA C 332 -22.37 -14.84 47.34
C ALA C 332 -21.56 -15.71 48.30
N LEU C 333 -21.32 -15.22 49.51
CA LEU C 333 -20.50 -15.96 50.47
C LEU C 333 -21.17 -17.26 50.90
N ALA C 334 -22.50 -17.27 50.91
CA ALA C 334 -23.28 -18.45 51.25
C ALA C 334 -23.14 -19.58 50.24
N VAL C 335 -22.65 -19.25 49.04
CA VAL C 335 -22.54 -20.24 47.97
C VAL C 335 -21.24 -21.04 48.03
N PRO C 336 -21.36 -22.38 48.03
CA PRO C 336 -20.19 -23.27 48.00
C PRO C 336 -19.36 -23.07 46.73
N GLY C 337 -18.04 -22.98 46.87
CA GLY C 337 -17.16 -22.73 45.73
C GLY C 337 -16.71 -21.28 45.69
N VAL C 338 -17.34 -20.44 46.51
CA VAL C 338 -16.98 -19.02 46.59
C VAL C 338 -15.91 -18.80 47.64
N TYR C 339 -14.85 -18.08 47.27
CA TYR C 339 -13.75 -17.83 48.18
C TYR C 339 -13.92 -16.52 48.95
N GLY C 340 -14.42 -15.51 48.26
CA GLY C 340 -14.62 -14.20 48.87
C GLY C 340 -15.42 -13.29 47.96
N SER C 341 -15.96 -12.23 48.53
CA SER C 341 -16.73 -11.28 47.73
C SER C 341 -16.77 -9.93 48.42
N ARG C 342 -16.79 -8.87 47.62
CA ARG C 342 -16.75 -7.51 48.14
C ARG C 342 -17.31 -6.54 47.11
N MET C 343 -17.71 -5.36 47.57
CA MET C 343 -18.01 -4.28 46.64
C MET C 343 -16.72 -3.89 45.94
N THR C 344 -16.84 -3.49 44.68
CA THR C 344 -15.69 -3.04 43.91
C THR C 344 -15.97 -1.61 43.49
N GLY C 345 -14.92 -0.86 43.17
CA GLY C 345 -15.09 0.52 42.74
C GLY C 345 -15.41 1.49 43.86
N GLY C 346 -15.89 2.67 43.50
CA GLY C 346 -16.12 3.76 44.45
C GLY C 346 -17.12 3.46 45.55
N GLY C 347 -18.21 2.80 45.20
CA GLY C 347 -19.23 2.45 46.17
C GLY C 347 -20.54 3.16 45.95
N PHE C 348 -21.44 3.08 46.93
CA PHE C 348 -22.77 3.65 46.86
C PHE C 348 -23.55 3.08 45.68
N GLY C 349 -23.29 1.81 45.38
CA GLY C 349 -23.89 1.15 44.24
C GLY C 349 -22.83 0.49 43.40
N GLY C 350 -23.13 0.29 42.12
CA GLY C 350 -22.18 -0.33 41.22
C GLY C 350 -22.13 -1.84 41.41
N CYS C 351 -20.91 -2.39 41.39
CA CYS C 351 -20.74 -3.83 41.32
C CYS C 351 -20.06 -4.46 42.52
N THR C 352 -20.18 -5.78 42.60
CA THR C 352 -19.39 -6.59 43.51
C THR C 352 -18.48 -7.51 42.70
N VAL C 353 -17.31 -7.80 43.24
CA VAL C 353 -16.41 -8.76 42.59
C VAL C 353 -16.32 -10.01 43.44
N THR C 354 -16.51 -11.17 42.81
CA THR C 354 -16.48 -12.43 43.55
C THR C 354 -15.43 -13.37 42.95
N LEU C 355 -14.59 -13.92 43.81
CA LEU C 355 -13.64 -14.94 43.41
C LEU C 355 -14.19 -16.32 43.77
N LEU C 356 -14.33 -17.19 42.76
CA LEU C 356 -14.93 -18.51 42.96
C LEU C 356 -14.35 -19.59 42.05
N GLU C 357 -14.75 -20.84 42.32
CA GLU C 357 -14.44 -21.94 41.43
C GLU C 357 -15.33 -21.86 40.20
N ALA C 358 -14.72 -21.79 39.02
CA ALA C 358 -15.43 -21.71 37.75
C ALA C 358 -16.68 -22.60 37.70
N SER C 359 -16.54 -23.83 38.15
CA SER C 359 -17.67 -24.78 38.12
C SER C 359 -18.81 -24.39 39.05
N ALA C 360 -18.55 -23.47 39.97
CA ALA C 360 -19.58 -23.04 40.92
C ALA C 360 -20.33 -21.82 40.43
N ALA C 361 -19.82 -21.20 39.36
CA ALA C 361 -20.38 -19.95 38.85
C ALA C 361 -21.89 -20.03 38.53
N PRO C 362 -22.34 -21.10 37.84
CA PRO C 362 -23.79 -21.15 37.58
C PRO C 362 -24.64 -21.24 38.85
N HIS C 363 -24.21 -22.06 39.82
CA HIS C 363 -24.92 -22.12 41.09
C HIS C 363 -24.91 -20.75 41.76
N ALA C 364 -23.75 -20.12 41.76
CA ALA C 364 -23.58 -18.80 42.37
C ALA C 364 -24.55 -17.78 41.77
N MET C 365 -24.55 -17.66 40.44
CA MET C 365 -25.45 -16.74 39.76
C MET C 365 -26.91 -16.99 40.11
N ARG C 366 -27.34 -18.25 40.05
CA ARG C 366 -28.72 -18.60 40.31
C ARG C 366 -29.11 -18.24 41.74
N HIS C 367 -28.17 -18.40 42.66
CA HIS C 367 -28.44 -18.12 44.07
C HIS C 367 -28.47 -16.63 44.38
N ILE C 368 -27.51 -15.90 43.83
CA ILE C 368 -27.38 -14.47 44.10
C ILE C 368 -28.62 -13.70 43.65
N GLN C 369 -29.15 -14.05 42.48
CA GLN C 369 -30.28 -13.32 41.92
C GLN C 369 -31.59 -13.62 42.65
N GLU C 370 -31.69 -14.82 43.21
CA GLU C 370 -32.89 -15.23 43.94
C GLU C 370 -32.92 -14.67 45.36
N HIS C 371 -31.75 -14.26 45.86
CA HIS C 371 -31.66 -13.68 47.19
C HIS C 371 -31.38 -12.18 47.13
N TYR C 372 -31.41 -11.63 45.92
CA TYR C 372 -31.27 -10.19 45.73
C TYR C 372 -32.63 -9.56 45.47
N GLY C 373 -32.96 -8.50 46.22
CA GLY C 373 -34.24 -7.85 46.08
C GLY C 373 -34.41 -7.18 44.74
N GLY C 374 -33.31 -6.73 44.16
CA GLY C 374 -33.36 -6.05 42.88
C GLY C 374 -33.06 -6.96 41.71
N THR C 375 -32.61 -6.36 40.61
CA THR C 375 -32.31 -7.11 39.39
C THR C 375 -30.80 -7.13 39.15
N ALA C 376 -30.18 -8.27 39.42
CA ALA C 376 -28.74 -8.41 39.25
C ALA C 376 -28.34 -8.72 37.82
N THR C 377 -27.19 -8.19 37.40
CA THR C 377 -26.57 -8.54 36.13
C THR C 377 -25.20 -9.17 36.41
N PHE C 378 -24.86 -10.21 35.67
CA PHE C 378 -23.60 -10.92 35.91
C PHE C 378 -22.61 -10.78 34.78
N TYR C 379 -21.33 -10.79 35.15
CA TYR C 379 -20.23 -10.88 34.18
C TYR C 379 -19.19 -11.88 34.66
N LEU C 380 -18.94 -12.91 33.88
CA LEU C 380 -17.77 -13.75 34.12
C LEU C 380 -16.61 -13.21 33.28
N SER C 381 -15.54 -12.80 33.92
CA SER C 381 -14.39 -12.33 33.16
C SER C 381 -13.09 -12.93 33.64
N GLN C 382 -12.15 -13.06 32.73
CA GLN C 382 -10.79 -13.40 33.08
C GLN C 382 -9.97 -12.13 32.95
N ALA C 383 -8.74 -12.19 33.43
CA ALA C 383 -7.82 -11.06 33.32
C ALA C 383 -7.57 -10.80 31.86
N ALA C 384 -7.90 -9.59 31.41
CA ALA C 384 -7.84 -9.25 30.00
C ALA C 384 -6.71 -8.28 29.69
N ASP C 385 -6.46 -8.09 28.39
CA ASP C 385 -5.46 -7.14 27.89
C ASP C 385 -5.82 -5.69 28.15
N GLY C 386 -4.80 -4.85 28.28
CA GLY C 386 -5.03 -3.41 28.27
C GLY C 386 -5.15 -2.88 26.85
N ALA C 387 -4.91 -1.59 26.69
CA ALA C 387 -5.05 -0.92 25.40
C ALA C 387 -4.27 -1.59 24.28
N LYS C 388 -4.92 -1.77 23.13
CA LYS C 388 -4.22 -2.32 21.98
C LYS C 388 -4.75 -1.81 20.66
N VAL C 389 -4.01 -2.10 19.59
CA VAL C 389 -4.24 -1.54 18.26
C VAL C 389 -4.30 -2.61 17.18
N LEU C 390 -5.28 -2.49 16.28
CA LEU C 390 -5.29 -3.31 15.06
C LEU C 390 -5.46 -2.43 13.83
N CYS C 391 -4.49 -2.49 12.93
CA CYS C 391 -4.55 -1.75 11.67
C CYS C 391 -5.52 -2.43 10.70
N LEU C 392 -6.45 -1.65 10.16
CA LEU C 392 -7.46 -2.21 9.26
C LEU C 392 -7.08 -1.98 7.79
N GLN D 6 -24.05 11.05 -15.96
CA GLN D 6 -23.50 12.39 -15.83
C GLN D 6 -23.91 13.03 -14.50
N PRO D 7 -22.93 13.30 -13.63
CA PRO D 7 -23.20 14.01 -12.37
C PRO D 7 -23.51 15.48 -12.61
N GLN D 8 -24.48 16.02 -11.88
CA GLN D 8 -24.83 17.43 -12.01
C GLN D 8 -23.67 18.32 -11.57
N VAL D 9 -23.78 19.61 -11.83
CA VAL D 9 -22.76 20.57 -11.42
C VAL D 9 -22.52 20.51 -9.92
N ALA D 10 -23.59 20.20 -9.18
CA ALA D 10 -23.53 20.11 -7.72
C ALA D 10 -22.53 19.05 -7.26
N GLU D 11 -22.62 17.86 -7.84
CA GLU D 11 -21.77 16.75 -7.44
C GLU D 11 -20.30 16.99 -7.77
N LEU D 12 -20.05 17.55 -8.95
CA LEU D 12 -18.68 17.79 -9.39
C LEU D 12 -18.01 18.88 -8.56
N LEU D 13 -18.76 19.92 -8.24
CA LEU D 13 -18.25 21.05 -7.48
C LEU D 13 -17.69 20.63 -6.13
N ALA D 14 -18.35 19.67 -5.49
CA ALA D 14 -17.93 19.17 -4.18
C ALA D 14 -16.50 18.66 -4.22
N GLU D 15 -16.19 17.83 -5.22
CA GLU D 15 -14.85 17.27 -5.37
C GLU D 15 -13.86 18.33 -5.83
N ALA D 19 -12.51 17.41 -1.31
CA ALA D 19 -11.39 16.77 -2.02
C ALA D 19 -10.22 17.72 -2.18
N PHE D 20 -10.49 19.01 -2.36
CA PHE D 20 -9.42 20.01 -2.44
C PHE D 20 -8.81 20.24 -1.07
N ARG D 21 -9.66 20.27 -0.05
CA ARG D 21 -9.22 20.61 1.31
C ARG D 21 -8.20 19.61 1.85
N GLU D 22 -8.10 18.45 1.21
CA GLU D 22 -7.22 17.39 1.67
C GLU D 22 -5.81 17.52 1.09
N GLU D 23 -5.73 17.94 -0.17
CA GLU D 23 -4.43 18.14 -0.81
C GLU D 23 -4.08 19.63 -0.83
N PHE D 24 -4.40 20.32 0.25
CA PHE D 24 -4.12 21.75 0.37
C PHE D 24 -4.18 22.22 1.82
N GLY D 25 -5.23 21.83 2.53
CA GLY D 25 -5.38 22.19 3.93
C GLY D 25 -6.82 22.49 4.31
N GLU D 27 -10.80 23.98 2.38
CA GLU D 27 -11.75 24.76 1.58
C GLU D 27 -11.02 25.73 0.65
N PRO D 28 -11.33 25.66 -0.65
CA PRO D 28 -10.79 26.51 -1.71
C PRO D 28 -11.47 27.88 -1.79
N GLU D 29 -10.83 28.82 -2.48
CA GLU D 29 -11.32 30.20 -2.54
C GLU D 29 -12.32 30.46 -3.66
N LEU D 30 -12.04 29.95 -4.86
CA LEU D 30 -12.92 30.23 -6.00
C LEU D 30 -13.02 29.05 -6.96
N ALA D 31 -14.19 28.91 -7.59
CA ALA D 31 -14.45 27.79 -8.49
C ALA D 31 -14.90 28.23 -9.87
N VAL D 32 -14.29 27.67 -10.91
CA VAL D 32 -14.69 27.98 -12.28
C VAL D 32 -15.09 26.71 -13.01
N SER D 33 -15.81 26.88 -14.11
CA SER D 33 -16.28 25.76 -14.90
C SER D 33 -16.32 26.08 -16.38
N ALA D 34 -16.10 25.06 -17.21
CA ALA D 34 -16.22 25.20 -18.65
C ALA D 34 -16.84 23.94 -19.23
N PRO D 35 -17.72 24.11 -20.23
CA PRO D 35 -18.49 22.98 -20.77
C PRO D 35 -17.80 22.25 -21.91
N GLY D 36 -18.18 20.99 -22.12
CA GLY D 36 -17.86 20.29 -23.34
C GLY D 36 -18.74 20.82 -24.46
N ARG D 37 -18.57 20.26 -25.66
CA ARG D 37 -19.25 20.78 -26.85
C ARG D 37 -19.72 19.65 -27.77
N VAL D 38 -20.84 19.87 -28.44
CA VAL D 38 -21.21 19.03 -29.57
C VAL D 38 -21.55 19.90 -30.77
N ASN D 39 -21.08 19.49 -31.95
CA ASN D 39 -21.49 20.14 -33.19
C ASN D 39 -22.76 19.51 -33.71
N LEU D 40 -23.80 20.32 -33.88
CA LEU D 40 -25.05 19.81 -34.42
C LEU D 40 -24.91 19.62 -35.92
N ILE D 41 -24.32 20.62 -36.58
CA ILE D 41 -24.12 20.55 -38.03
C ILE D 41 -23.09 21.58 -38.45
N GLY D 42 -22.32 21.26 -39.50
CA GLY D 42 -21.44 22.22 -40.13
C GLY D 42 -19.97 22.16 -39.74
N GLU D 43 -19.62 21.21 -38.88
CA GLU D 43 -18.33 21.23 -38.18
C GLU D 43 -17.11 21.18 -39.12
N HIS D 44 -17.26 20.54 -40.26
CA HIS D 44 -16.13 20.32 -41.17
C HIS D 44 -16.03 21.43 -42.21
N THR D 45 -16.67 22.57 -41.93
CA THR D 45 -16.71 23.67 -42.88
C THR D 45 -15.89 24.86 -42.41
N ASP D 46 -15.50 24.87 -41.13
CA ASP D 46 -14.55 25.86 -40.66
C ASP D 46 -13.22 25.55 -41.35
N TYR D 47 -12.38 26.56 -41.52
CA TYR D 47 -11.19 26.51 -42.38
C TYR D 47 -11.58 26.49 -43.87
N ASN D 48 -12.87 26.43 -44.15
CA ASN D 48 -13.38 26.67 -45.49
C ASN D 48 -14.28 27.90 -45.47
N GLN D 49 -14.12 28.71 -44.43
CA GLN D 49 -14.95 29.89 -44.20
C GLN D 49 -16.43 29.52 -44.13
N GLY D 50 -16.71 28.35 -43.56
CA GLY D 50 -18.06 27.83 -43.52
C GLY D 50 -18.88 28.32 -42.35
N LEU D 51 -19.93 27.57 -42.03
CA LEU D 51 -20.82 27.88 -40.93
C LEU D 51 -20.81 26.70 -39.95
N VAL D 52 -20.89 27.00 -38.66
CA VAL D 52 -20.89 25.95 -37.65
C VAL D 52 -22.02 26.19 -36.67
N LEU D 53 -22.66 25.11 -36.22
CA LEU D 53 -23.79 25.22 -35.30
C LEU D 53 -23.61 24.31 -34.08
N PRO D 54 -22.74 24.70 -33.14
CA PRO D 54 -22.54 23.92 -31.91
C PRO D 54 -23.38 24.40 -30.73
N MET D 55 -23.50 23.54 -29.71
CA MET D 55 -24.07 23.96 -28.44
C MET D 55 -23.26 23.34 -27.31
N ALA D 56 -23.14 24.05 -26.19
CA ALA D 56 -22.39 23.54 -25.05
C ALA D 56 -23.15 22.41 -24.38
N LEU D 57 -22.43 21.44 -23.84
CA LEU D 57 -23.04 20.27 -23.22
C LEU D 57 -23.16 20.41 -21.71
N GLU D 58 -24.01 19.57 -21.11
CA GLU D 58 -24.13 19.49 -19.66
C GLU D 58 -23.04 18.58 -19.09
N LEU D 59 -22.05 18.27 -19.92
CA LEU D 59 -20.81 17.68 -19.46
C LEU D 59 -19.83 18.82 -19.29
N MET D 60 -19.11 18.82 -18.18
CA MET D 60 -18.33 20.01 -17.81
C MET D 60 -17.00 19.68 -17.16
N THR D 61 -16.09 20.65 -17.22
CA THR D 61 -14.85 20.60 -16.45
C THR D 61 -14.88 21.67 -15.36
N VAL D 62 -14.80 21.25 -14.10
CA VAL D 62 -14.76 22.18 -12.99
C VAL D 62 -13.35 22.31 -12.40
N LEU D 63 -12.87 23.55 -12.32
CA LEU D 63 -11.60 23.81 -11.67
C LEU D 63 -11.87 24.50 -10.34
N VAL D 64 -11.12 24.11 -9.31
CA VAL D 64 -11.37 24.57 -7.96
C VAL D 64 -10.04 24.82 -7.26
N GLY D 65 -9.89 25.98 -6.63
CA GLY D 65 -8.65 26.29 -5.95
C GLY D 65 -8.44 27.70 -5.46
N SER D 66 -7.17 28.02 -5.15
CA SER D 66 -6.82 29.25 -4.46
C SER D 66 -5.41 29.71 -4.83
N PRO D 67 -5.14 31.02 -4.73
CA PRO D 67 -3.80 31.55 -5.00
C PRO D 67 -2.86 31.35 -3.80
N ASP D 70 3.50 30.05 -1.44
CA ASP D 70 4.55 29.52 -2.31
C ASP D 70 4.83 30.49 -3.47
N GLY D 71 5.06 29.92 -4.65
CA GLY D 71 5.33 30.70 -5.84
C GLY D 71 5.24 29.82 -7.07
N LEU D 72 4.62 28.65 -6.90
CA LEU D 72 4.49 27.68 -7.98
C LEU D 72 3.05 27.25 -8.18
N VAL D 73 2.80 26.58 -9.29
CA VAL D 73 1.50 25.99 -9.57
C VAL D 73 1.50 24.52 -9.21
N SER D 74 0.49 24.06 -8.49
CA SER D 74 0.37 22.65 -8.16
C SER D 74 -1.03 22.15 -8.44
N LEU D 75 -1.15 21.19 -9.35
CA LEU D 75 -2.44 20.63 -9.74
C LEU D 75 -2.60 19.21 -9.22
N LEU D 76 -3.79 18.89 -8.70
CA LEU D 76 -4.07 17.55 -8.21
C LEU D 76 -5.35 16.99 -8.83
N THR D 77 -5.27 16.62 -10.12
CA THR D 77 -6.42 16.09 -10.84
C THR D 77 -6.99 14.83 -10.18
N THR D 78 -8.30 14.66 -10.28
CA THR D 78 -8.96 13.49 -9.71
C THR D 78 -9.46 12.58 -10.83
N ARG D 87 -1.13 14.49 -9.65
CA ARG D 87 -0.43 15.54 -8.93
C ARG D 87 0.68 16.15 -9.77
N LEU D 88 1.10 17.36 -9.41
CA LEU D 88 2.16 18.06 -10.12
C LEU D 88 2.60 19.32 -9.37
N GLN D 89 3.70 19.92 -9.84
CA GLN D 89 4.22 21.17 -9.27
C GLN D 89 5.19 21.82 -10.25
N PHE D 90 5.09 23.13 -10.43
CA PHE D 90 5.92 23.84 -11.39
C PHE D 90 5.93 25.35 -11.17
N PRO D 91 7.09 25.99 -11.37
CA PRO D 91 7.24 27.44 -11.28
C PRO D 91 6.83 28.16 -12.57
N LEU D 92 6.77 29.49 -12.51
CA LEU D 92 6.40 30.30 -13.67
C LEU D 92 7.63 30.71 -14.48
N PRO D 93 7.44 31.01 -15.78
CA PRO D 93 8.56 31.47 -16.61
C PRO D 93 8.97 32.90 -16.30
N PRO D 101 7.31 26.45 -20.52
CA PRO D 101 8.17 25.28 -20.60
C PRO D 101 7.58 24.06 -19.88
N GLY D 102 7.20 23.04 -20.64
CA GLY D 102 6.61 21.84 -20.06
C GLY D 102 6.19 20.81 -21.09
N THR D 103 6.21 19.54 -20.68
CA THR D 103 5.81 18.42 -21.52
C THR D 103 5.61 17.09 -20.78
N PRO D 104 6.55 16.67 -19.93
CA PRO D 104 6.33 15.31 -19.40
C PRO D 104 5.26 15.22 -18.32
N ARG D 105 4.01 15.44 -18.70
CA ARG D 105 2.87 15.31 -17.79
C ARG D 105 1.58 15.22 -18.59
N TRP D 106 0.62 14.43 -18.10
CA TRP D 106 -0.64 14.23 -18.80
C TRP D 106 -1.41 15.53 -18.96
N ALA D 107 -1.79 16.13 -17.84
CA ALA D 107 -2.46 17.42 -17.84
C ALA D 107 -1.52 18.52 -18.32
N ASN D 108 -1.31 18.57 -19.63
CA ASN D 108 -0.32 19.49 -20.21
C ASN D 108 -0.96 20.65 -20.96
N TYR D 109 -2.24 20.91 -20.70
CA TYR D 109 -2.94 22.01 -21.35
C TYR D 109 -2.91 23.25 -20.46
N VAL D 110 -2.84 23.04 -19.15
CA VAL D 110 -2.84 24.12 -18.18
C VAL D 110 -1.61 25.01 -18.33
N LYS D 111 -0.45 24.41 -18.56
CA LYS D 111 0.81 25.13 -18.65
C LYS D 111 0.88 26.06 -19.86
N GLY D 112 0.35 25.60 -21.00
CA GLY D 112 0.35 26.39 -22.22
C GLY D 112 -0.49 27.65 -22.08
N VAL D 113 -1.62 27.53 -21.40
CA VAL D 113 -2.46 28.70 -21.13
C VAL D 113 -1.70 29.67 -20.22
N ILE D 114 -0.98 29.13 -19.24
CA ILE D 114 -0.13 29.95 -18.37
C ILE D 114 0.94 30.66 -19.20
N GLN D 115 1.57 29.91 -20.10
CA GLN D 115 2.70 30.41 -20.88
C GLN D 115 2.31 31.54 -21.81
N TYR D 116 1.09 31.47 -22.36
CA TYR D 116 0.65 32.46 -23.33
C TYR D 116 -0.35 33.45 -22.75
N TYR D 117 -0.57 33.37 -21.44
CA TYR D 117 -1.48 34.29 -20.76
C TYR D 117 -0.90 35.70 -20.78
N PRO D 118 -1.69 36.67 -21.26
CA PRO D 118 -1.23 38.03 -21.54
C PRO D 118 -1.28 39.02 -20.37
N ALA D 119 -1.36 38.55 -19.13
CA ALA D 119 -1.48 39.50 -18.01
C ALA D 119 -0.60 39.15 -16.81
N ALA D 120 -0.12 40.20 -16.15
CA ALA D 120 0.77 40.06 -15.00
C ALA D 120 0.37 41.05 -13.90
N PRO D 121 0.66 40.71 -12.63
CA PRO D 121 1.35 39.50 -12.17
C PRO D 121 0.41 38.31 -11.97
N LEU D 122 0.75 37.18 -12.60
CA LEU D 122 -0.01 35.95 -12.42
C LEU D 122 0.68 35.09 -11.36
N PRO D 123 0.10 35.04 -10.15
CA PRO D 123 0.71 34.30 -9.05
C PRO D 123 0.59 32.81 -9.22
N GLY D 124 1.20 32.04 -8.32
CA GLY D 124 1.02 30.61 -8.31
C GLY D 124 -0.35 30.29 -7.74
N PHE D 125 -0.75 29.03 -7.81
CA PHE D 125 -2.05 28.62 -7.29
C PHE D 125 -2.13 27.12 -7.02
N SER D 126 -3.01 26.74 -6.10
CA SER D 126 -3.32 25.34 -5.86
C SER D 126 -4.67 25.01 -6.50
N ALA D 127 -4.73 23.94 -7.28
CA ALA D 127 -5.94 23.64 -8.05
C ALA D 127 -6.27 22.15 -8.12
N VAL D 128 -7.57 21.85 -8.03
CA VAL D 128 -8.07 20.49 -8.21
C VAL D 128 -9.02 20.42 -9.40
N VAL D 129 -8.69 19.58 -10.38
CA VAL D 129 -9.46 19.51 -11.62
C VAL D 129 -10.36 18.27 -11.69
N VAL D 130 -11.65 18.51 -11.90
CA VAL D 130 -12.61 17.43 -12.11
C VAL D 130 -13.33 17.62 -13.45
N SER D 131 -13.89 16.54 -14.00
CA SER D 131 -14.53 16.62 -15.30
C SER D 131 -15.53 15.49 -15.56
N SER D 132 -16.62 15.84 -16.23
CA SER D 132 -17.61 14.86 -16.67
C SER D 132 -17.48 14.65 -18.17
N VAL D 133 -16.60 15.45 -18.78
CA VAL D 133 -16.36 15.35 -20.21
C VAL D 133 -15.42 14.20 -20.51
N PRO D 134 -15.91 13.18 -21.24
CA PRO D 134 -15.11 11.99 -21.57
C PRO D 134 -13.95 12.34 -22.50
N LEU D 135 -12.80 11.70 -22.28
CA LEU D 135 -11.64 11.93 -23.13
C LEU D 135 -11.71 11.10 -24.41
N GLY D 136 -11.32 11.70 -25.52
CA GLY D 136 -11.29 11.01 -26.79
C GLY D 136 -12.66 10.69 -27.38
N GLY D 137 -13.67 11.45 -26.96
CA GLY D 137 -15.01 11.23 -27.45
C GLY D 137 -15.42 12.30 -28.45
N GLY D 138 -14.49 13.20 -28.76
CA GLY D 138 -14.76 14.30 -29.67
C GLY D 138 -15.69 15.36 -29.08
N LEU D 139 -15.85 15.35 -27.77
CA LEU D 139 -16.75 16.29 -27.12
C LEU D 139 -16.00 17.53 -26.59
N SER D 140 -14.80 17.73 -27.10
CA SER D 140 -13.97 18.91 -26.83
C SER D 140 -13.46 18.93 -25.37
N SER D 141 -13.00 17.78 -24.90
CA SER D 141 -12.47 17.65 -23.54
C SER D 141 -11.28 18.59 -23.30
N SER D 142 -10.39 18.68 -24.27
CA SER D 142 -9.22 19.54 -24.17
C SER D 142 -9.62 21.00 -24.02
N ALA D 143 -10.51 21.46 -24.87
CA ALA D 143 -10.92 22.86 -24.88
C ALA D 143 -11.65 23.25 -23.61
N SER D 144 -12.39 22.32 -23.02
CA SER D 144 -13.17 22.59 -21.81
C SER D 144 -12.25 22.70 -20.61
N LEU D 145 -10.98 22.34 -20.81
CA LEU D 145 -9.97 22.46 -19.76
C LEU D 145 -9.15 23.73 -19.97
N GLU D 146 -8.78 23.99 -21.22
CA GLU D 146 -8.05 25.21 -21.58
C GLU D 146 -8.85 26.42 -21.16
N VAL D 147 -10.03 26.58 -21.75
CA VAL D 147 -11.07 27.40 -21.16
C VAL D 147 -11.43 26.68 -19.87
N ALA D 148 -11.64 27.44 -18.80
CA ALA D 148 -11.71 27.02 -17.38
C ALA D 148 -10.41 27.38 -16.70
N THR D 149 -9.31 26.81 -17.21
CA THR D 149 -7.97 27.18 -16.74
C THR D 149 -7.76 28.66 -17.01
N TYR D 150 -8.12 29.09 -18.21
CA TYR D 150 -8.01 30.49 -18.58
C TYR D 150 -8.95 31.34 -17.74
N THR D 151 -10.13 30.80 -17.43
CA THR D 151 -11.12 31.50 -16.64
C THR D 151 -10.66 31.62 -15.19
N PHE D 152 -10.03 30.56 -14.69
CA PHE D 152 -9.48 30.55 -13.34
C PHE D 152 -8.34 31.55 -13.22
N LEU D 153 -7.59 31.72 -14.31
CA LEU D 153 -6.48 32.66 -14.33
C LEU D 153 -6.99 34.11 -14.35
N GLN D 154 -8.10 34.34 -15.04
CA GLN D 154 -8.68 35.68 -15.11
C GLN D 154 -9.06 36.21 -13.73
N GLN D 155 -9.36 35.31 -12.81
CA GLN D 155 -9.70 35.68 -11.44
C GLN D 155 -8.45 36.07 -10.65
N LEU D 156 -7.40 35.27 -10.79
CA LEU D 156 -6.14 35.50 -10.09
C LEU D 156 -5.43 36.75 -10.62
N CYS D 157 -5.63 37.04 -11.90
CA CYS D 157 -5.05 38.22 -12.52
C CYS D 157 -5.86 38.63 -13.74
N PRO D 158 -6.66 39.70 -13.61
CA PRO D 158 -7.60 40.17 -14.66
C PRO D 158 -6.90 40.62 -15.94
N ASP D 159 -7.46 40.25 -17.07
CA ASP D 159 -6.94 40.66 -18.38
C ASP D 159 -7.95 41.56 -19.08
N SER D 160 -7.46 42.70 -19.59
CA SER D 160 -8.32 43.66 -20.25
C SER D 160 -8.59 43.28 -21.71
N GLN D 168 -14.45 37.76 -27.07
CA GLN D 168 -13.63 36.56 -26.98
C GLN D 168 -12.35 36.70 -27.81
N VAL D 169 -12.24 35.91 -28.87
CA VAL D 169 -11.08 35.91 -29.76
C VAL D 169 -9.77 35.74 -29.00
N CYS D 170 -9.47 34.50 -28.61
CA CYS D 170 -8.27 34.22 -27.82
C CYS D 170 -7.42 33.10 -28.41
N GLN D 171 -6.12 33.23 -28.26
CA GLN D 171 -5.19 32.24 -28.79
C GLN D 171 -4.99 31.08 -27.82
N GLN D 172 -5.55 29.92 -28.17
CA GLN D 172 -5.33 28.70 -27.41
C GLN D 172 -4.17 27.93 -28.04
N ALA D 173 -2.99 28.05 -27.44
CA ALA D 173 -1.79 27.42 -27.97
C ALA D 173 -1.71 25.95 -27.63
N GLU D 174 -2.72 25.18 -28.06
CA GLU D 174 -2.71 23.73 -27.94
C GLU D 174 -1.69 23.16 -28.93
N HIS D 175 -1.37 23.94 -29.95
CA HIS D 175 -0.33 23.63 -30.91
C HIS D 175 1.04 23.62 -30.26
N SER D 176 1.41 24.74 -29.65
CA SER D 176 2.72 24.90 -29.01
C SER D 176 3.02 23.78 -28.02
N PHE D 177 2.32 23.80 -26.89
CA PHE D 177 2.49 22.78 -25.85
C PHE D 177 1.70 21.51 -26.18
N MET D 185 -12.23 26.88 -33.06
CA MET D 185 -13.53 27.40 -32.64
C MET D 185 -14.04 26.71 -31.39
N ASP D 186 -13.33 25.67 -30.95
CA ASP D 186 -13.76 24.88 -29.80
C ASP D 186 -13.68 25.66 -28.48
N GLN D 187 -12.83 26.69 -28.44
CA GLN D 187 -12.70 27.50 -27.24
C GLN D 187 -13.76 28.60 -27.20
N PHE D 188 -14.15 29.09 -28.38
CA PHE D 188 -15.19 30.11 -28.48
C PHE D 188 -16.52 29.59 -27.96
N ILE D 189 -16.80 28.32 -28.24
CA ILE D 189 -18.02 27.67 -27.81
C ILE D 189 -18.08 27.52 -26.29
N SER D 190 -16.99 27.03 -25.70
CA SER D 190 -16.91 26.90 -24.24
C SER D 190 -16.96 28.27 -23.58
N LEU D 191 -16.54 29.31 -24.31
CA LEU D 191 -16.58 30.68 -23.81
C LEU D 191 -17.96 31.30 -23.92
N MET D 192 -18.66 31.03 -25.03
CA MET D 192 -19.85 31.80 -25.36
C MET D 192 -21.16 31.02 -25.35
N GLY D 193 -21.12 29.75 -24.97
CA GLY D 193 -22.34 28.98 -24.84
C GLY D 193 -23.29 29.58 -23.81
N GLN D 194 -24.58 29.54 -24.10
CA GLN D 194 -25.59 29.98 -23.15
C GLN D 194 -26.70 28.94 -23.06
N LYS D 195 -27.18 28.69 -21.84
CA LYS D 195 -28.26 27.73 -21.61
C LYS D 195 -29.47 28.01 -22.51
N GLY D 196 -30.03 26.95 -23.07
CA GLY D 196 -31.19 27.06 -23.95
C GLY D 196 -30.90 27.75 -25.28
N HIS D 197 -29.64 27.75 -25.69
CA HIS D 197 -29.24 28.42 -26.93
C HIS D 197 -28.23 27.62 -27.72
N ALA D 198 -28.33 27.70 -29.05
CA ALA D 198 -27.29 27.17 -29.91
C ALA D 198 -26.45 28.33 -30.42
N LEU D 199 -25.21 28.04 -30.79
CA LEU D 199 -24.31 29.07 -31.30
C LEU D 199 -24.18 28.93 -32.82
N LEU D 200 -24.57 29.97 -33.57
CA LEU D 200 -24.28 30.00 -35.00
C LEU D 200 -23.01 30.81 -35.23
N ILE D 201 -21.99 30.17 -35.79
CA ILE D 201 -20.73 30.86 -36.06
C ILE D 201 -20.43 30.93 -37.56
N ASP D 202 -20.43 32.14 -38.09
CA ASP D 202 -20.02 32.39 -39.46
C ASP D 202 -18.51 32.51 -39.52
N CYS D 203 -17.82 31.49 -40.02
CA CYS D 203 -16.36 31.50 -40.04
C CYS D 203 -15.77 32.43 -41.11
N ARG D 204 -16.64 33.17 -41.81
CA ARG D 204 -16.16 34.20 -42.74
C ARG D 204 -16.18 35.57 -42.08
N SER D 205 -17.37 36.08 -41.79
CA SER D 205 -17.54 37.38 -41.17
C SER D 205 -17.19 37.36 -39.68
N LEU D 206 -17.09 36.16 -39.12
CA LEU D 206 -16.81 35.94 -37.70
C LEU D 206 -17.94 36.47 -36.82
N GLU D 207 -19.13 36.66 -37.41
CA GLU D 207 -20.30 37.01 -36.62
C GLU D 207 -20.82 35.79 -35.87
N THR D 208 -21.35 36.03 -34.69
CA THR D 208 -21.92 34.96 -33.88
C THR D 208 -23.37 35.31 -33.55
N SER D 209 -24.23 34.31 -33.54
CA SER D 209 -25.60 34.51 -33.10
C SER D 209 -25.93 33.54 -32.00
N LEU D 210 -26.68 34.01 -31.01
CA LEU D 210 -27.21 33.14 -29.98
C LEU D 210 -28.64 32.79 -30.34
N VAL D 211 -28.84 31.60 -30.87
CA VAL D 211 -30.15 31.18 -31.35
C VAL D 211 -30.92 30.49 -30.23
N PRO D 212 -32.06 31.09 -29.83
CA PRO D 212 -32.87 30.49 -28.76
C PRO D 212 -33.43 29.14 -29.18
N LEU D 213 -33.29 28.16 -28.29
CA LEU D 213 -33.92 26.86 -28.49
C LEU D 213 -35.21 26.85 -27.68
N SER D 214 -36.34 26.79 -28.36
CA SER D 214 -37.61 27.13 -27.75
C SER D 214 -38.61 25.98 -27.59
N ASP D 215 -38.12 24.79 -27.27
CA ASP D 215 -38.99 23.64 -27.04
C ASP D 215 -38.41 22.74 -25.97
N PRO D 216 -38.95 22.84 -24.74
CA PRO D 216 -38.49 22.09 -23.56
C PRO D 216 -38.57 20.57 -23.72
N LYS D 217 -39.49 20.09 -24.54
CA LYS D 217 -39.71 18.66 -24.70
C LYS D 217 -38.55 17.96 -25.43
N LEU D 218 -37.75 18.74 -26.15
CA LEU D 218 -36.67 18.16 -26.93
C LEU D 218 -35.36 18.10 -26.16
N ALA D 219 -34.47 17.21 -26.60
CA ALA D 219 -33.14 17.10 -26.03
C ALA D 219 -32.17 16.52 -27.07
N VAL D 220 -30.91 16.42 -26.67
CA VAL D 220 -29.89 15.86 -27.55
C VAL D 220 -29.27 14.61 -26.92
N LEU D 221 -29.43 13.49 -27.61
CA LEU D 221 -28.81 12.23 -27.20
C LEU D 221 -27.44 12.08 -27.82
N ILE D 222 -26.43 11.88 -26.99
CA ILE D 222 -25.08 11.69 -27.50
C ILE D 222 -24.63 10.26 -27.29
N THR D 223 -24.35 9.57 -28.38
CA THR D 223 -24.01 8.16 -28.32
C THR D 223 -22.57 7.93 -28.75
N ASN D 224 -21.77 7.41 -27.82
CA ASN D 224 -20.38 7.10 -28.09
C ASN D 224 -20.22 5.66 -28.60
N SER D 225 -19.65 5.52 -29.79
CA SER D 225 -19.40 4.20 -30.37
C SER D 225 -18.27 3.51 -29.62
N ASN D 226 -17.46 4.31 -28.93
CA ASN D 226 -16.31 3.84 -28.17
C ASN D 226 -15.28 3.10 -29.03
N VAL D 227 -15.19 3.48 -30.30
CA VAL D 227 -14.10 3.03 -31.15
C VAL D 227 -13.47 4.23 -31.85
N ARG D 228 -12.22 4.07 -32.24
CA ARG D 228 -11.52 5.10 -33.00
C ARG D 228 -10.54 4.41 -33.95
N HIS D 229 -10.83 4.46 -35.25
CA HIS D 229 -10.13 3.61 -36.20
C HIS D 229 -8.95 4.25 -36.91
N SER D 230 -8.92 5.57 -37.00
CA SER D 230 -7.84 6.25 -37.70
C SER D 230 -7.53 7.60 -37.06
N LEU D 231 -6.26 7.85 -36.80
CA LEU D 231 -5.84 9.13 -36.24
C LEU D 231 -6.09 10.25 -37.26
N ALA D 232 -6.42 11.43 -36.76
CA ALA D 232 -6.82 12.56 -37.61
C ALA D 232 -5.71 13.04 -38.53
N SER D 233 -4.47 12.74 -38.19
CA SER D 233 -3.31 13.13 -39.01
C SER D 233 -3.33 12.42 -40.35
N SER D 234 -4.00 11.28 -40.42
CA SER D 234 -4.03 10.47 -41.64
C SER D 234 -5.24 10.78 -42.52
N GLU D 235 -6.08 11.71 -42.10
CA GLU D 235 -7.37 11.88 -42.76
C GLU D 235 -7.70 13.31 -43.22
N TYR D 236 -7.44 14.29 -42.37
CA TYR D 236 -7.91 15.64 -42.63
C TYR D 236 -6.95 16.61 -43.36
N PRO D 237 -5.63 16.46 -43.20
CA PRO D 237 -4.79 17.30 -44.06
C PRO D 237 -4.95 16.99 -45.55
N VAL D 238 -5.10 15.72 -45.90
CA VAL D 238 -5.28 15.34 -47.30
C VAL D 238 -6.63 15.84 -47.81
N ARG D 239 -7.60 15.96 -46.91
CA ARG D 239 -8.92 16.48 -47.28
C ARG D 239 -8.92 18.01 -47.36
N ARG D 240 -8.18 18.65 -46.48
CA ARG D 240 -8.05 20.10 -46.52
C ARG D 240 -7.47 20.53 -47.85
N ARG D 241 -6.42 19.83 -48.29
CA ARG D 241 -5.74 20.16 -49.53
C ARG D 241 -6.64 19.96 -50.74
N GLN D 242 -7.31 18.82 -50.79
CA GLN D 242 -8.22 18.52 -51.89
C GLN D 242 -9.27 19.63 -52.08
N CYS D 243 -9.65 20.26 -50.97
CA CYS D 243 -10.68 21.31 -51.00
C CYS D 243 -10.13 22.62 -51.57
N GLU D 244 -9.02 23.10 -51.03
CA GLU D 244 -8.42 24.34 -51.51
C GLU D 244 -8.05 24.20 -52.99
N GLU D 245 -7.73 22.97 -53.39
CA GLU D 245 -7.39 22.67 -54.76
C GLU D 245 -8.61 22.69 -55.66
N VAL D 246 -9.78 22.36 -55.11
CA VAL D 246 -11.00 22.45 -55.89
C VAL D 246 -11.41 23.91 -56.03
N ALA D 247 -11.32 24.65 -54.93
CA ALA D 247 -11.58 26.09 -54.95
C ALA D 247 -10.76 26.79 -56.04
N ARG D 248 -9.48 26.45 -56.11
CA ARG D 248 -8.56 27.05 -57.07
C ARG D 248 -9.00 26.82 -58.51
N ALA D 249 -9.47 25.61 -58.78
CA ALA D 249 -9.94 25.23 -60.11
C ALA D 249 -11.19 26.00 -60.52
N LEU D 250 -11.90 26.55 -59.53
CA LEU D 250 -13.13 27.28 -59.81
C LEU D 250 -12.93 28.78 -59.62
N GLY D 251 -11.68 29.21 -59.54
CA GLY D 251 -11.34 30.61 -59.38
C GLY D 251 -11.86 31.22 -58.09
N ALA D 252 -12.06 30.37 -57.09
CA ALA D 252 -12.61 30.85 -55.82
C ALA D 252 -11.56 30.91 -54.72
N ALA D 253 -11.76 31.81 -53.77
CA ALA D 253 -10.91 31.90 -52.60
C ALA D 253 -11.08 30.66 -51.74
N SER D 254 -12.19 30.59 -51.01
CA SER D 254 -12.53 29.40 -50.24
C SER D 254 -13.81 28.76 -50.79
N LEU D 255 -14.15 27.58 -50.28
CA LEU D 255 -15.34 26.88 -50.72
C LEU D 255 -16.62 27.57 -50.25
N ARG D 256 -16.47 28.59 -49.42
CA ARG D 256 -17.60 29.42 -49.05
C ARG D 256 -18.05 30.25 -50.26
N GLU D 257 -17.12 30.48 -51.19
CA GLU D 257 -17.41 31.32 -52.36
C GLU D 257 -17.85 30.50 -53.57
N VAL D 258 -18.16 29.23 -53.34
CA VAL D 258 -18.61 28.33 -54.41
C VAL D 258 -20.06 27.90 -54.20
N GLN D 259 -20.90 28.11 -55.21
CA GLN D 259 -22.28 27.63 -55.12
C GLN D 259 -22.32 26.15 -55.50
N LEU D 260 -23.33 25.43 -55.00
CA LEU D 260 -23.42 23.99 -55.19
C LEU D 260 -23.62 23.58 -56.63
N GLU D 261 -24.51 24.28 -57.34
CA GLU D 261 -24.91 23.89 -58.68
C GLU D 261 -23.77 23.99 -59.67
N GLU D 262 -22.93 25.01 -59.52
CA GLU D 262 -21.78 25.18 -60.41
C GLU D 262 -20.69 24.17 -60.07
N LEU D 263 -20.68 23.69 -58.83
CA LEU D 263 -19.77 22.63 -58.45
C LEU D 263 -20.17 21.34 -59.18
N GLU D 264 -21.46 21.07 -59.22
CA GLU D 264 -21.96 19.88 -59.91
C GLU D 264 -21.71 19.95 -61.43
N ALA D 265 -21.51 21.16 -61.95
CA ALA D 265 -21.34 21.35 -63.39
C ALA D 265 -19.88 21.50 -63.79
N ALA D 266 -18.97 21.32 -62.83
CA ALA D 266 -17.54 21.49 -63.08
C ALA D 266 -16.75 20.26 -62.69
N ARG D 267 -17.35 19.07 -62.90
CA ARG D 267 -16.71 17.81 -62.55
C ARG D 267 -15.41 17.57 -63.33
N ASP D 268 -15.42 17.85 -64.63
CA ASP D 268 -14.25 17.61 -65.47
C ASP D 268 -13.07 18.51 -65.11
N LEU D 269 -13.31 19.43 -64.17
CA LEU D 269 -12.35 20.45 -63.80
C LEU D 269 -11.49 20.05 -62.59
N VAL D 270 -11.97 19.07 -61.83
CA VAL D 270 -11.28 18.63 -60.62
C VAL D 270 -11.22 17.11 -60.52
N SER D 271 -10.34 16.61 -59.65
CA SER D 271 -10.28 15.20 -59.31
C SER D 271 -11.63 14.64 -58.87
N LYS D 272 -11.83 13.34 -59.08
CA LYS D 272 -13.08 12.68 -58.74
C LYS D 272 -13.34 12.69 -57.24
N GLU D 273 -12.32 12.31 -56.48
CA GLU D 273 -12.43 12.24 -55.02
C GLU D 273 -12.44 13.64 -54.41
N GLY D 274 -11.65 14.53 -54.98
CA GLY D 274 -11.61 15.92 -54.52
C GLY D 274 -12.95 16.58 -54.74
N PHE D 275 -13.64 16.16 -55.80
CA PHE D 275 -14.98 16.64 -56.10
C PHE D 275 -15.96 16.26 -55.01
N ARG D 276 -15.95 14.98 -54.64
CA ARG D 276 -16.85 14.49 -53.62
C ARG D 276 -16.50 15.17 -52.30
N ARG D 277 -15.21 15.45 -52.10
CA ARG D 277 -14.82 16.23 -50.93
C ARG D 277 -15.55 17.59 -51.01
N ALA D 278 -15.14 18.45 -51.93
CA ALA D 278 -15.75 19.78 -52.07
C ALA D 278 -17.27 19.81 -51.98
N ARG D 279 -17.91 18.73 -52.39
CA ARG D 279 -19.37 18.68 -52.41
C ARG D 279 -19.92 18.57 -51.00
N HIS D 280 -19.24 17.86 -50.10
CA HIS D 280 -19.74 17.84 -48.72
C HIS D 280 -19.65 19.23 -48.11
N VAL D 281 -18.50 19.87 -48.21
CA VAL D 281 -18.30 21.18 -47.61
C VAL D 281 -19.28 22.22 -48.15
N VAL D 282 -19.41 22.27 -49.47
CA VAL D 282 -20.30 23.25 -50.08
C VAL D 282 -21.74 22.94 -49.73
N GLY D 283 -22.12 21.66 -49.76
CA GLY D 283 -23.46 21.25 -49.37
C GLY D 283 -23.73 21.43 -47.88
N GLU D 284 -22.70 21.23 -47.06
CA GLU D 284 -22.84 21.39 -45.61
C GLU D 284 -23.08 22.85 -45.24
N ILE D 285 -22.31 23.75 -45.85
CA ILE D 285 -22.48 25.17 -45.65
C ILE D 285 -23.93 25.59 -45.92
N ARG D 286 -24.48 25.14 -47.05
CA ARG D 286 -25.87 25.42 -47.36
C ARG D 286 -26.81 24.81 -46.31
N ARG D 287 -26.60 23.54 -45.99
CA ARG D 287 -27.41 22.85 -44.99
C ARG D 287 -27.40 23.56 -43.62
N THR D 288 -26.24 24.06 -43.23
CA THR D 288 -26.10 24.70 -41.92
C THR D 288 -26.91 26.00 -41.85
N ALA D 289 -26.91 26.76 -42.94
CA ALA D 289 -27.73 27.97 -43.03
C ALA D 289 -29.21 27.62 -42.98
N GLN D 290 -29.58 26.54 -43.65
CA GLN D 290 -30.97 26.11 -43.67
C GLN D 290 -31.39 25.56 -42.30
N ALA D 291 -30.44 24.96 -41.59
CA ALA D 291 -30.70 24.45 -40.24
C ALA D 291 -30.96 25.60 -39.27
N ALA D 292 -30.17 26.66 -39.39
CA ALA D 292 -30.32 27.84 -38.55
C ALA D 292 -31.68 28.47 -38.79
N ALA D 293 -32.07 28.56 -40.05
CA ALA D 293 -33.38 29.09 -40.42
C ALA D 293 -34.49 28.23 -39.82
N ALA D 294 -34.27 26.92 -39.79
CA ALA D 294 -35.26 26.01 -39.21
C ALA D 294 -35.38 26.19 -37.69
N LEU D 295 -34.28 26.56 -37.03
CA LEU D 295 -34.33 26.86 -35.60
C LEU D 295 -35.18 28.09 -35.35
N ARG D 296 -34.92 29.16 -36.09
CA ARG D 296 -35.61 30.44 -35.92
C ARG D 296 -37.13 30.34 -36.06
N ARG D 297 -37.61 29.36 -36.82
CA ARG D 297 -39.05 29.23 -37.00
C ARG D 297 -39.61 28.03 -36.23
N GLY D 298 -38.76 27.42 -35.41
CA GLY D 298 -39.17 26.35 -34.52
C GLY D 298 -39.48 25.05 -35.23
N ASP D 299 -38.97 24.91 -36.45
CA ASP D 299 -39.17 23.69 -37.23
C ASP D 299 -38.06 22.69 -36.93
N TYR D 300 -38.18 21.98 -35.81
CA TYR D 300 -37.12 21.10 -35.33
C TYR D 300 -37.09 19.77 -36.08
N ARG D 301 -38.20 19.43 -36.73
CA ARG D 301 -38.22 18.23 -37.55
C ARG D 301 -37.42 18.44 -38.84
N ALA D 302 -37.52 19.64 -39.40
CA ALA D 302 -36.71 19.99 -40.57
C ALA D 302 -35.23 20.01 -40.19
N PHE D 303 -34.95 20.48 -38.98
CA PHE D 303 -33.59 20.49 -38.44
C PHE D 303 -33.04 19.07 -38.43
N GLY D 304 -33.87 18.15 -37.94
CA GLY D 304 -33.48 16.75 -37.83
C GLY D 304 -33.22 16.10 -39.17
N ARG D 305 -33.96 16.49 -40.19
CA ARG D 305 -33.75 15.95 -41.53
C ARG D 305 -32.42 16.45 -42.09
N LEU D 306 -32.12 17.71 -41.85
CA LEU D 306 -30.86 18.30 -42.28
C LEU D 306 -29.68 17.61 -41.59
N MET D 307 -29.93 17.10 -40.39
CA MET D 307 -28.92 16.35 -39.67
C MET D 307 -28.63 15.05 -40.40
N VAL D 308 -29.69 14.39 -40.86
CA VAL D 308 -29.55 13.13 -41.59
C VAL D 308 -28.88 13.37 -42.95
N GLU D 309 -29.27 14.44 -43.64
CA GLU D 309 -28.63 14.81 -44.91
C GLU D 309 -27.14 15.00 -44.71
N SER D 310 -26.79 15.68 -43.62
CA SER D 310 -25.39 15.94 -43.28
C SER D 310 -24.62 14.65 -43.07
N HIS D 311 -25.20 13.71 -42.33
CA HIS D 311 -24.56 12.42 -42.12
C HIS D 311 -24.31 11.66 -43.42
N ARG D 312 -25.33 11.60 -44.28
CA ARG D 312 -25.19 10.89 -45.55
C ARG D 312 -24.06 11.51 -46.36
N SER D 313 -23.98 12.83 -46.29
CA SER D 313 -22.92 13.59 -46.96
C SER D 313 -21.55 13.26 -46.38
N LEU D 314 -21.46 13.16 -45.06
CA LEU D 314 -20.21 12.81 -44.40
C LEU D 314 -19.83 11.36 -44.68
N ARG D 315 -20.84 10.51 -44.85
CA ARG D 315 -20.60 9.10 -45.11
C ARG D 315 -20.13 8.84 -46.54
N ASP D 316 -20.77 9.48 -47.51
CA ASP D 316 -20.50 9.16 -48.92
C ASP D 316 -19.57 10.17 -49.61
N ASP D 317 -19.68 11.45 -49.29
CA ASP D 317 -18.83 12.46 -49.93
C ASP D 317 -17.49 12.73 -49.21
N TYR D 318 -17.49 13.18 -47.95
CA TYR D 318 -16.21 13.33 -47.25
C TYR D 318 -15.64 12.00 -46.78
N GLU D 319 -16.51 11.01 -46.73
CA GLU D 319 -16.13 9.66 -46.34
C GLU D 319 -15.35 9.66 -45.04
N VAL D 320 -15.93 10.19 -43.97
CA VAL D 320 -15.24 10.17 -42.68
C VAL D 320 -16.04 9.42 -41.63
N SER D 321 -17.06 8.68 -42.06
CA SER D 321 -17.84 7.87 -41.14
C SER D 321 -17.20 6.49 -41.03
N CYS D 322 -17.92 5.56 -40.44
CA CYS D 322 -17.46 4.18 -40.34
C CYS D 322 -18.70 3.32 -40.03
N PRO D 323 -18.60 1.99 -40.20
CA PRO D 323 -19.76 1.12 -39.99
C PRO D 323 -20.50 1.33 -38.68
N GLU D 324 -19.78 1.36 -37.55
CA GLU D 324 -20.43 1.51 -36.26
C GLU D 324 -21.17 2.84 -36.14
N LEU D 325 -20.61 3.92 -36.68
CA LEU D 325 -21.31 5.20 -36.67
C LEU D 325 -22.60 5.11 -37.48
N ASP D 326 -22.52 4.48 -38.64
CA ASP D 326 -23.68 4.35 -39.52
C ASP D 326 -24.73 3.44 -38.94
N GLN D 327 -24.30 2.43 -38.18
CA GLN D 327 -25.23 1.56 -37.47
C GLN D 327 -25.98 2.35 -36.40
N LEU D 328 -25.24 3.20 -35.67
CA LEU D 328 -25.81 4.01 -34.61
C LEU D 328 -26.82 5.02 -35.14
N VAL D 329 -26.51 5.61 -36.29
CA VAL D 329 -27.45 6.55 -36.91
C VAL D 329 -28.69 5.81 -37.37
N GLU D 330 -28.50 4.69 -38.04
CA GLU D 330 -29.60 3.88 -38.55
C GLU D 330 -30.54 3.39 -37.44
N ALA D 331 -29.96 2.90 -36.35
CA ALA D 331 -30.75 2.44 -35.22
C ALA D 331 -31.53 3.60 -34.61
N ALA D 332 -30.87 4.74 -34.42
CA ALA D 332 -31.50 5.90 -33.80
C ALA D 332 -32.71 6.41 -34.61
N LEU D 333 -32.58 6.37 -35.93
CA LEU D 333 -33.65 6.88 -36.80
C LEU D 333 -34.86 5.94 -36.84
N ALA D 334 -34.71 4.75 -36.27
CA ALA D 334 -35.78 3.78 -36.23
C ALA D 334 -36.74 4.02 -35.06
N VAL D 335 -36.30 4.82 -34.10
CA VAL D 335 -37.10 5.09 -32.91
C VAL D 335 -38.04 6.28 -33.09
N PRO D 336 -39.35 6.06 -32.86
CA PRO D 336 -40.34 7.14 -32.90
C PRO D 336 -40.02 8.25 -31.90
N GLY D 337 -40.07 9.50 -32.36
CA GLY D 337 -39.74 10.63 -31.51
C GLY D 337 -38.36 11.19 -31.80
N VAL D 338 -37.60 10.47 -32.62
CA VAL D 338 -36.29 10.94 -33.05
C VAL D 338 -36.44 11.78 -34.32
N TYR D 339 -35.90 12.99 -34.31
CA TYR D 339 -36.07 13.91 -35.42
C TYR D 339 -34.93 13.77 -36.44
N GLY D 340 -33.74 13.41 -35.96
CA GLY D 340 -32.60 13.23 -36.83
C GLY D 340 -31.38 12.75 -36.06
N SER D 341 -30.35 12.33 -36.79
CA SER D 341 -29.13 11.82 -36.17
C SER D 341 -27.97 11.85 -37.15
N ARG D 342 -26.78 12.08 -36.64
CA ARG D 342 -25.58 12.13 -37.47
C ARG D 342 -24.34 11.94 -36.62
N MET D 343 -23.25 11.51 -37.26
CA MET D 343 -21.95 11.51 -36.59
C MET D 343 -21.56 12.96 -36.30
N THR D 344 -20.66 13.14 -35.35
CA THR D 344 -20.21 14.48 -35.01
C THR D 344 -18.74 14.41 -34.62
N GLY D 345 -17.99 15.47 -34.91
CA GLY D 345 -16.56 15.45 -34.69
C GLY D 345 -15.81 14.89 -35.89
N GLY D 346 -14.68 14.23 -35.61
CA GLY D 346 -13.74 13.83 -36.64
C GLY D 346 -14.06 12.57 -37.41
N GLY D 347 -14.95 11.75 -36.87
CA GLY D 347 -15.37 10.54 -37.57
C GLY D 347 -14.42 9.38 -37.35
N PHE D 348 -14.61 8.31 -38.11
CA PHE D 348 -13.84 7.08 -37.95
C PHE D 348 -14.01 6.52 -36.54
N GLY D 349 -15.17 6.81 -35.95
CA GLY D 349 -15.45 6.45 -34.57
C GLY D 349 -16.02 7.65 -33.86
N GLY D 350 -15.81 7.73 -32.55
CA GLY D 350 -16.34 8.84 -31.77
C GLY D 350 -17.83 8.71 -31.58
N CYS D 351 -18.52 9.84 -31.57
CA CYS D 351 -19.92 9.87 -31.16
C CYS D 351 -20.90 10.23 -32.28
N THR D 352 -22.17 9.97 -32.03
CA THR D 352 -23.26 10.47 -32.86
C THR D 352 -24.09 11.42 -32.03
N VAL D 353 -24.71 12.40 -32.69
CA VAL D 353 -25.60 13.32 -32.00
C VAL D 353 -27.02 13.11 -32.54
N THR D 354 -27.97 12.99 -31.62
CA THR D 354 -29.35 12.69 -32.00
C THR D 354 -30.31 13.72 -31.40
N LEU D 355 -31.12 14.33 -32.27
CA LEU D 355 -32.16 15.24 -31.80
C LEU D 355 -33.44 14.44 -31.58
N LEU D 356 -33.95 14.46 -30.35
CA LEU D 356 -35.11 13.66 -29.99
C LEU D 356 -36.03 14.30 -28.94
N GLU D 357 -37.22 13.73 -28.82
CA GLU D 357 -38.12 14.07 -27.72
C GLU D 357 -37.63 13.34 -26.49
N ALA D 358 -37.37 14.10 -25.42
CA ALA D 358 -36.79 13.56 -24.17
C ALA D 358 -37.49 12.31 -23.65
N SER D 359 -38.78 12.18 -23.96
CA SER D 359 -39.56 11.03 -23.52
C SER D 359 -39.26 9.77 -24.34
N ALA D 360 -38.74 9.97 -25.55
CA ALA D 360 -38.42 8.85 -26.42
C ALA D 360 -37.00 8.33 -26.15
N ALA D 361 -36.26 9.07 -25.33
CA ALA D 361 -34.87 8.74 -25.03
C ALA D 361 -34.63 7.34 -24.43
N PRO D 362 -35.49 6.89 -23.48
CA PRO D 362 -35.22 5.55 -22.95
C PRO D 362 -35.41 4.45 -24.00
N HIS D 363 -36.43 4.59 -24.84
CA HIS D 363 -36.61 3.68 -25.96
C HIS D 363 -35.45 3.83 -26.94
N ALA D 364 -35.01 5.08 -27.15
CA ALA D 364 -33.90 5.36 -28.05
C ALA D 364 -32.63 4.66 -27.60
N MET D 365 -32.26 4.87 -26.34
CA MET D 365 -31.05 4.26 -25.79
C MET D 365 -31.09 2.74 -25.86
N ARG D 366 -32.25 2.16 -25.59
CA ARG D 366 -32.37 0.70 -25.55
C ARG D 366 -32.30 0.10 -26.95
N HIS D 367 -33.02 0.70 -27.89
CA HIS D 367 -33.05 0.18 -29.26
C HIS D 367 -31.71 0.36 -29.96
N ILE D 368 -31.05 1.48 -29.68
CA ILE D 368 -29.72 1.73 -30.22
C ILE D 368 -28.73 0.71 -29.65
N GLN D 369 -28.73 0.57 -28.33
CA GLN D 369 -27.81 -0.33 -27.64
C GLN D 369 -27.97 -1.79 -28.05
N GLU D 370 -29.21 -2.18 -28.35
CA GLU D 370 -29.51 -3.58 -28.65
C GLU D 370 -29.31 -3.91 -30.13
N HIS D 371 -29.11 -2.87 -30.95
CA HIS D 371 -28.80 -3.07 -32.36
C HIS D 371 -27.38 -2.63 -32.69
N TYR D 372 -26.54 -2.52 -31.67
CA TYR D 372 -25.16 -2.11 -31.85
C TYR D 372 -24.20 -3.20 -31.38
N GLY D 373 -23.16 -3.45 -32.17
CA GLY D 373 -22.24 -4.55 -31.92
C GLY D 373 -21.35 -4.41 -30.71
N GLY D 374 -21.18 -3.17 -30.24
CA GLY D 374 -20.34 -2.92 -29.10
C GLY D 374 -21.12 -2.32 -27.95
N THR D 375 -20.40 -1.92 -26.89
CA THR D 375 -21.04 -1.23 -25.78
C THR D 375 -21.12 0.25 -26.08
N ALA D 376 -22.29 0.72 -26.48
CA ALA D 376 -22.51 2.14 -26.66
C ALA D 376 -22.55 2.83 -25.31
N THR D 377 -22.22 4.12 -25.30
CA THR D 377 -22.30 4.92 -24.10
C THR D 377 -23.23 6.10 -24.38
N PHE D 378 -24.05 6.47 -23.40
CA PHE D 378 -25.05 7.50 -23.63
C PHE D 378 -24.90 8.69 -22.70
N TYR D 379 -25.04 9.88 -23.26
CA TYR D 379 -25.15 11.10 -22.49
C TYR D 379 -26.36 11.86 -22.99
N LEU D 380 -27.29 12.18 -22.09
CA LEU D 380 -28.44 12.98 -22.47
C LEU D 380 -28.20 14.40 -21.99
N SER D 381 -28.38 15.37 -22.89
CA SER D 381 -28.12 16.75 -22.54
C SER D 381 -29.00 17.72 -23.29
N GLN D 382 -29.08 18.93 -22.76
CA GLN D 382 -29.67 20.05 -23.45
C GLN D 382 -28.60 21.11 -23.55
N ALA D 383 -28.89 22.24 -24.17
CA ALA D 383 -27.90 23.29 -24.33
C ALA D 383 -27.51 23.89 -22.98
N ALA D 384 -26.20 23.96 -22.73
CA ALA D 384 -25.69 24.45 -21.46
C ALA D 384 -24.93 25.78 -21.60
N ASP D 385 -24.57 26.36 -20.46
CA ASP D 385 -23.85 27.63 -20.42
C ASP D 385 -22.38 27.48 -20.79
N GLY D 386 -21.75 28.61 -21.10
CA GLY D 386 -20.32 28.65 -21.32
C GLY D 386 -19.58 28.74 -20.00
N ALA D 387 -18.39 29.36 -20.04
CA ALA D 387 -17.53 29.47 -18.88
C ALA D 387 -18.22 30.19 -17.71
N LYS D 388 -18.10 29.62 -16.51
CA LYS D 388 -18.73 30.16 -15.33
C LYS D 388 -17.76 30.37 -14.17
N VAL D 389 -18.07 31.34 -13.33
CA VAL D 389 -17.28 31.60 -12.13
C VAL D 389 -18.18 31.62 -10.90
N LEU D 390 -17.79 30.87 -9.87
CA LEU D 390 -18.46 30.92 -8.57
C LEU D 390 -17.44 31.11 -7.44
N CYS D 391 -17.61 32.17 -6.67
CA CYS D 391 -16.71 32.47 -5.57
C CYS D 391 -17.09 31.66 -4.31
N LEU D 392 -16.08 31.06 -3.68
CA LEU D 392 -16.32 30.20 -2.53
C LEU D 392 -15.86 30.87 -1.23
C1 GAL E . 2.91 -8.23 -35.49
C2 GAL E . 2.25 -9.48 -34.92
C3 GAL E . 2.48 -10.65 -35.89
C4 GAL E . 2.00 -10.28 -37.33
C5 GAL E . 2.51 -8.88 -37.71
C6 GAL E . 1.86 -8.31 -38.95
O1 GAL E . 2.80 -7.14 -34.65
O2 GAL E . 2.79 -9.85 -33.69
O3 GAL E . 1.80 -11.84 -35.47
O4 GAL E . 0.60 -10.29 -37.41
O5 GAL E . 2.27 -7.90 -36.68
O6 GAL E . 2.59 -8.69 -40.07
C10 HFK F . 6.89 -1.84 -22.00
C13 HFK F . 5.25 -4.04 -21.52
C15 HFK F . 6.73 -5.82 -24.22
C20 HFK F . 10.72 -7.81 -22.82
C21 HFK F . 10.11 -7.09 -21.76
C24 HFK F . 11.94 -7.76 -20.26
C26 HFK F . 11.93 -8.52 -22.63
C02 HFK F . 3.86 -2.58 -24.13
C03 HFK F . 2.72 -2.73 -25.17
C04 HFK F . 3.25 -2.99 -26.55
C05 HFK F . 4.28 -4.20 -26.58
C06 HFK F . 5.33 -4.17 -25.46
C07 HFK F . 4.75 -3.88 -24.07
C08 HFK F . 5.78 -3.94 -22.93
C09 HFK F . 6.49 -2.59 -23.25
C11 HFK F . 7.35 -2.74 -20.88
C12 HFK F . 6.22 -3.70 -20.42
C18 HFK F . 8.87 -6.89 -23.60
C23 HFK F . 10.76 -7.08 -20.45
C25 HFK F . 12.55 -8.50 -21.36
N14 HFK F . 7.03 -4.63 -23.37
N16 HFK F . 6.10 -5.41 -25.54
N17 HFK F . 7.81 -6.51 -24.54
N19 HFK F . 9.88 -7.65 -23.94
O01 HFK F . 3.29 -2.29 -22.95
O22 HFK F . 8.98 -6.53 -22.26
N1 J4Q G . -0.18 -4.45 -19.35
N3 J4Q G . -4.49 -8.33 -20.96
C4 J4Q G . -2.09 -5.34 -18.74
C5 J4Q G . -2.25 -7.15 -20.39
C6 J4Q G . -3.63 -6.90 -20.51
C7 J4Q G . -3.87 -6.00 -21.49
C8 J4Q G . -5.64 -7.90 -21.48
C1 J4Q G . 1.92 -4.85 -21.68
S1 J4Q G . 0.61 -6.04 -21.48
O1 J4Q G . 1.20 -7.39 -21.14
O2 J4Q G . -0.18 -6.11 -22.77
C2 J4Q G . -0.45 -5.48 -20.13
C3 J4Q G . -1.16 -4.32 -18.45
N2 J4Q G . -1.61 -6.04 -19.78
S2 J4Q G . -5.32 -6.41 -22.09
C1 GAL H . 22.12 -13.75 26.46
C2 GAL H . 20.94 -14.73 26.32
C3 GAL H . 19.97 -14.51 27.49
C4 GAL H . 20.69 -14.72 28.80
C5 GAL H . 21.96 -13.87 28.84
C6 GAL H . 22.87 -14.17 30.01
O1 GAL H . 23.02 -13.88 25.41
O2 GAL H . 20.24 -14.52 25.12
O3 GAL H . 18.87 -15.43 27.46
O4 GAL H . 21.04 -16.09 28.95
O5 GAL H . 22.78 -14.05 27.67
O6 GAL H . 22.64 -13.26 31.05
C10 HFK I . 24.56 -11.08 11.40
C13 HFK I . 22.83 -13.54 11.78
C15 HFK I . 21.64 -11.76 14.56
C20 HFK I . 18.83 -8.45 12.92
C21 HFK I . 19.50 -9.16 11.88
C24 HFK I . 18.33 -7.83 10.18
C26 HFK I . 17.91 -7.41 12.60
C02 HFK I . 25.25 -14.10 13.97
C03 HFK I . 25.67 -14.96 15.18
C04 HFK I . 25.67 -14.16 16.46
C05 HFK I . 24.27 -13.45 16.69
C06 HFK I . 23.80 -12.66 15.47
C07 HFK I . 23.83 -13.46 14.18
C08 HFK I . 23.26 -12.70 12.96
C09 HFK I . 24.51 -11.81 12.72
C11 HFK I . 23.57 -11.56 10.37
C12 HFK I . 23.36 -13.09 10.44
C18 HFK I . 20.16 -9.94 13.87
C23 HFK I . 19.21 -8.82 10.49
C25 HFK I . 17.65 -7.09 11.25
N14 HFK I . 22.53 -11.47 13.40
N16 HFK I . 22.48 -12.10 15.80
N17 HFK I . 20.86 -10.74 14.89
N19 HFK I . 19.30 -8.99 14.14
O01 HFK I . 25.26 -14.92 12.89
O22 HFK I . 20.30 -10.08 12.50
N1 J4Q J . 24.39 -19.66 12.98
N3 J4Q J . 21.56 -22.53 12.98
C4 J4Q J . 24.12 -21.35 11.64
C5 J4Q J . 21.85 -20.98 10.84
C6 J4Q J . 21.10 -22.07 11.37
C7 J4Q J . 21.30 -23.18 10.63
C8 J4Q J . 20.99 -23.73 13.15
C1 J4Q J . 20.45 -18.26 12.19
S1 J4Q J . 22.08 -18.22 12.94
O1 J4Q J . 21.92 -18.24 14.44
O2 J4Q J . 22.73 -16.92 12.55
C2 J4Q J . 23.17 -19.59 12.47
C3 J4Q J . 25.02 -20.73 12.50
N2 J4Q J . 22.98 -20.63 11.64
S2 J4Q J . 20.98 -24.41 11.65
C1 GAL K . -13.14 4.85 41.61
C2 GAL K . -11.96 5.77 41.25
C3 GAL K . -10.65 5.04 41.50
C4 GAL K . -10.57 4.62 42.98
C5 GAL K . -11.83 3.80 43.33
C6 GAL K . -11.95 3.45 44.80
O1 GAL K . -14.38 5.48 41.40
O2 GAL K . -11.99 6.18 39.90
O3 GAL K . -9.52 5.86 41.21
O4 GAL K . -10.48 5.75 43.83
O5 GAL K . -13.04 4.49 42.97
O6 GAL K . -10.99 2.49 45.17
C10 HFK L . -23.71 7.87 30.41
C13 HFK L . -21.74 10.15 30.70
C15 HFK L . -19.61 7.57 31.51
C20 HFK L . -19.50 6.26 27.38
C21 HFK L . -18.38 5.41 27.56
C24 HFK L . -18.31 4.92 25.17
C26 HFK L . -20.03 6.46 26.08
C02 HFK L . -22.64 9.64 33.88
C03 HFK L . -22.32 9.86 35.38
C04 HFK L . -21.73 8.62 36.02
C05 HFK L . -20.46 8.13 35.22
C06 HFK L . -20.72 7.94 33.72
C07 HFK L . -21.39 9.14 33.06
C08 HFK L . -21.65 8.91 31.57
C09 HFK L . -22.99 8.12 31.70
C11 HFK L . -23.37 8.82 29.30
C12 HFK L . -22.98 10.21 29.85
C18 HFK L . -19.01 6.26 29.56
C23 HFK L . -17.79 4.72 26.42
C25 HFK L . -19.46 5.81 24.98
N14 HFK L . -21.04 7.63 31.12
N16 HFK L . -19.48 7.54 33.05
N17 HFK L . -19.01 6.51 31.00
N19 HFK L . -19.84 6.77 28.67
O01 HFK L . -23.10 10.81 33.38
O22 HFK L . -18.11 5.43 28.91
S SO4 M . -9.00 -4.58 18.72
O1 SO4 M . -10.32 -4.15 18.29
O2 SO4 M . -8.58 -5.75 17.96
O3 SO4 M . -8.05 -3.49 18.53
O4 SO4 M . -9.04 -4.94 20.13
N1 J4Q N . -33.06 24.30 -22.31
N3 J4Q N . -31.53 21.12 -26.44
C4 J4Q N . -31.48 23.57 -23.64
C5 J4Q N . -32.75 23.30 -25.72
C6 J4Q N . -32.99 21.91 -25.91
C7 J4Q N . -33.91 21.76 -26.89
C8 J4Q N . -31.84 20.34 -27.47
C1 J4Q N . -36.21 24.66 -22.47
S1 J4Q N . -35.26 24.39 -23.97
O1 J4Q N . -35.36 25.63 -24.82
O2 J4Q N . -35.79 23.19 -24.73
C2 J4Q N . -33.56 24.10 -23.52
C3 J4Q N . -31.76 23.99 -22.33
N2 J4Q N . -32.61 23.64 -24.34
S2 J4Q N . -33.19 21.01 -28.13
#